data_1OOI
# 
_entry.id   1OOI 
# 
_audit_conform.dict_name       mmcif_pdbx.dic 
_audit_conform.dict_version    5.397 
_audit_conform.dict_location   http://mmcif.pdb.org/dictionaries/ascii/mmcif_pdbx.dic 
# 
loop_
_database_2.database_id 
_database_2.database_code 
_database_2.pdbx_database_accession 
_database_2.pdbx_DOI 
PDB   1OOI         pdb_00001ooi 10.2210/pdb1ooi/pdb 
RCSB  RCSB018505   ?            ?                   
WWPDB D_1000018505 ?            ?                   
# 
loop_
_pdbx_audit_revision_history.ordinal 
_pdbx_audit_revision_history.data_content_type 
_pdbx_audit_revision_history.major_revision 
_pdbx_audit_revision_history.minor_revision 
_pdbx_audit_revision_history.revision_date 
1 'Structure model' 1 0 2003-09-02 
2 'Structure model' 1 1 2008-04-29 
3 'Structure model' 1 2 2011-07-13 
4 'Structure model' 1 3 2023-08-16 
5 'Structure model' 1 4 2024-10-09 
# 
_pdbx_audit_revision_details.ordinal             1 
_pdbx_audit_revision_details.revision_ordinal    1 
_pdbx_audit_revision_details.data_content_type   'Structure model' 
_pdbx_audit_revision_details.provider            repository 
_pdbx_audit_revision_details.type                'Initial release' 
_pdbx_audit_revision_details.description         ? 
_pdbx_audit_revision_details.details             ? 
# 
loop_
_pdbx_audit_revision_group.ordinal 
_pdbx_audit_revision_group.revision_ordinal 
_pdbx_audit_revision_group.data_content_type 
_pdbx_audit_revision_group.group 
1 2 'Structure model' 'Version format compliance' 
2 3 'Structure model' 'Version format compliance' 
3 4 'Structure model' 'Data collection'           
4 4 'Structure model' 'Database references'       
5 4 'Structure model' 'Refinement description'    
6 5 'Structure model' 'Structure summary'         
# 
loop_
_pdbx_audit_revision_category.ordinal 
_pdbx_audit_revision_category.revision_ordinal 
_pdbx_audit_revision_category.data_content_type 
_pdbx_audit_revision_category.category 
1 4 'Structure model' chem_comp_atom                
2 4 'Structure model' chem_comp_bond                
3 4 'Structure model' database_2                    
4 4 'Structure model' pdbx_initial_refinement_model 
5 5 'Structure model' pdbx_entry_details            
6 5 'Structure model' pdbx_modification_feature     
# 
loop_
_pdbx_audit_revision_item.ordinal 
_pdbx_audit_revision_item.revision_ordinal 
_pdbx_audit_revision_item.data_content_type 
_pdbx_audit_revision_item.item 
1 4 'Structure model' '_database_2.pdbx_DOI'                
2 4 'Structure model' '_database_2.pdbx_database_accession' 
# 
_pdbx_database_status.status_code                     REL 
_pdbx_database_status.entry_id                        1OOI 
_pdbx_database_status.recvd_initial_deposition_date   2003-03-03 
_pdbx_database_status.deposit_site                    RCSB 
_pdbx_database_status.process_site                    RCSB 
_pdbx_database_status.SG_entry                        . 
_pdbx_database_status.pdb_format_compatible           Y 
_pdbx_database_status.status_code_mr                  ? 
_pdbx_database_status.status_code_sf                  ? 
_pdbx_database_status.status_code_cs                  ? 
_pdbx_database_status.status_code_nmr_data            ? 
_pdbx_database_status.methods_development_category    ? 
# 
loop_
_pdbx_database_related.db_name 
_pdbx_database_related.db_id 
_pdbx_database_related.details 
_pdbx_database_related.content_type 
PDB 1OOF 'Complex of Drosophila odorant binding protein LUSH with ethanol'  unspecified 
PDB 1OOG 'Complex of Drosophila odorant binding protein LUSH with propanol' unspecified 
PDB 1OOH 'Complex of Drosophila odorant binding protein LUSH with butanol'  unspecified 
# 
loop_
_audit_author.name 
_audit_author.pdbx_ordinal 
'Kruse, S.W.'   1 
'Zhao, R.'      2 
'Smith, D.P.'   3 
'Jones, D.N.M.' 4 
# 
_citation.id                        primary 
_citation.title                     
'Structure of a specific alcohol-binding site defined by the odorant binding protein LUSH from Drosophila melanogaster' 
_citation.journal_abbrev            Nat.Struct.Biol. 
_citation.journal_volume            10 
_citation.page_first                694 
_citation.page_last                 700 
_citation.year                      2003 
_citation.journal_id_ASTM           NSBIEW 
_citation.country                   US 
_citation.journal_id_ISSN           1072-8368 
_citation.journal_id_CSD            2024 
_citation.book_publisher            ? 
_citation.pdbx_database_id_PubMed   12881720 
_citation.pdbx_database_id_DOI      10.1038/nsb960 
# 
loop_
_citation_author.citation_id 
_citation_author.name 
_citation_author.ordinal 
_citation_author.identifier_ORCID 
primary 'Kruse, S.W.'   1 ? 
primary 'Zhao, R.'      2 ? 
primary 'Smith, D.P.'   3 ? 
primary 'Jones, D.N.M.' 4 ? 
# 
loop_
_entity.id 
_entity.type 
_entity.src_method 
_entity.pdbx_description 
_entity.formula_weight 
_entity.pdbx_number_of_molecules 
_entity.pdbx_ec 
_entity.pdbx_mutation 
_entity.pdbx_fragment 
_entity.details 
1 polymer man 'odorant binding protein LUSH' 14215.508 1  ? ? ? ? 
2 water   nat water                          18.015    90 ? ? ? ? 
# 
_entity_poly.entity_id                      1 
_entity_poly.type                           'polypeptide(L)' 
_entity_poly.nstd_linkage                   no 
_entity_poly.nstd_monomer                   no 
_entity_poly.pdbx_seq_one_letter_code       
;MTMEQFLTSLDMIRSGCAPKFKLKTEDLDRLRVGDFNFPPSQDLMCYTKCVSLMAGTVNKKGEFNAPKALAQLPHLVPPE
MMEMSRKSVEACRDTHKQFKESCERVYQTAKCFSENADGQFMWP
;
_entity_poly.pdbx_seq_one_letter_code_can   
;MTMEQFLTSLDMIRSGCAPKFKLKTEDLDRLRVGDFNFPPSQDLMCYTKCVSLMAGTVNKKGEFNAPKALAQLPHLVPPE
MMEMSRKSVEACRDTHKQFKESCERVYQTAKCFSENADGQFMWP
;
_entity_poly.pdbx_strand_id                 X 
_entity_poly.pdbx_target_identifier         ? 
# 
_pdbx_entity_nonpoly.entity_id   2 
_pdbx_entity_nonpoly.name        water 
_pdbx_entity_nonpoly.comp_id     HOH 
# 
loop_
_entity_poly_seq.entity_id 
_entity_poly_seq.num 
_entity_poly_seq.mon_id 
_entity_poly_seq.hetero 
1 1   MET n 
1 2   THR n 
1 3   MET n 
1 4   GLU n 
1 5   GLN n 
1 6   PHE n 
1 7   LEU n 
1 8   THR n 
1 9   SER n 
1 10  LEU n 
1 11  ASP n 
1 12  MET n 
1 13  ILE n 
1 14  ARG n 
1 15  SER n 
1 16  GLY n 
1 17  CYS n 
1 18  ALA n 
1 19  PRO n 
1 20  LYS n 
1 21  PHE n 
1 22  LYS n 
1 23  LEU n 
1 24  LYS n 
1 25  THR n 
1 26  GLU n 
1 27  ASP n 
1 28  LEU n 
1 29  ASP n 
1 30  ARG n 
1 31  LEU n 
1 32  ARG n 
1 33  VAL n 
1 34  GLY n 
1 35  ASP n 
1 36  PHE n 
1 37  ASN n 
1 38  PHE n 
1 39  PRO n 
1 40  PRO n 
1 41  SER n 
1 42  GLN n 
1 43  ASP n 
1 44  LEU n 
1 45  MET n 
1 46  CYS n 
1 47  TYR n 
1 48  THR n 
1 49  LYS n 
1 50  CYS n 
1 51  VAL n 
1 52  SER n 
1 53  LEU n 
1 54  MET n 
1 55  ALA n 
1 56  GLY n 
1 57  THR n 
1 58  VAL n 
1 59  ASN n 
1 60  LYS n 
1 61  LYS n 
1 62  GLY n 
1 63  GLU n 
1 64  PHE n 
1 65  ASN n 
1 66  ALA n 
1 67  PRO n 
1 68  LYS n 
1 69  ALA n 
1 70  LEU n 
1 71  ALA n 
1 72  GLN n 
1 73  LEU n 
1 74  PRO n 
1 75  HIS n 
1 76  LEU n 
1 77  VAL n 
1 78  PRO n 
1 79  PRO n 
1 80  GLU n 
1 81  MET n 
1 82  MET n 
1 83  GLU n 
1 84  MET n 
1 85  SER n 
1 86  ARG n 
1 87  LYS n 
1 88  SER n 
1 89  VAL n 
1 90  GLU n 
1 91  ALA n 
1 92  CYS n 
1 93  ARG n 
1 94  ASP n 
1 95  THR n 
1 96  HIS n 
1 97  LYS n 
1 98  GLN n 
1 99  PHE n 
1 100 LYS n 
1 101 GLU n 
1 102 SER n 
1 103 CYS n 
1 104 GLU n 
1 105 ARG n 
1 106 VAL n 
1 107 TYR n 
1 108 GLN n 
1 109 THR n 
1 110 ALA n 
1 111 LYS n 
1 112 CYS n 
1 113 PHE n 
1 114 SER n 
1 115 GLU n 
1 116 ASN n 
1 117 ALA n 
1 118 ASP n 
1 119 GLY n 
1 120 GLN n 
1 121 PHE n 
1 122 MET n 
1 123 TRP n 
1 124 PRO n 
# 
_entity_src_gen.entity_id                          1 
_entity_src_gen.pdbx_src_id                        1 
_entity_src_gen.pdbx_alt_source_flag               sample 
_entity_src_gen.pdbx_seq_type                      ? 
_entity_src_gen.pdbx_beg_seq_num                   ? 
_entity_src_gen.pdbx_end_seq_num                   ? 
_entity_src_gen.gene_src_common_name               'fruit fly' 
_entity_src_gen.gene_src_genus                     Drosophila 
_entity_src_gen.pdbx_gene_src_gene                 lush 
_entity_src_gen.gene_src_species                   ? 
_entity_src_gen.gene_src_strain                    'Oregon R' 
_entity_src_gen.gene_src_tissue                    'subset of trichoid olfactory sensilla' 
_entity_src_gen.gene_src_tissue_fraction           ? 
_entity_src_gen.gene_src_details                   ? 
_entity_src_gen.pdbx_gene_src_fragment             ? 
_entity_src_gen.pdbx_gene_src_scientific_name      'Drosophila melanogaster' 
_entity_src_gen.pdbx_gene_src_ncbi_taxonomy_id     7227 
_entity_src_gen.pdbx_gene_src_variant              ? 
_entity_src_gen.pdbx_gene_src_cell_line            ? 
_entity_src_gen.pdbx_gene_src_atcc                 ? 
_entity_src_gen.pdbx_gene_src_organ                ? 
_entity_src_gen.pdbx_gene_src_organelle            ? 
_entity_src_gen.pdbx_gene_src_cell                 ? 
_entity_src_gen.pdbx_gene_src_cellular_location    ? 
_entity_src_gen.host_org_common_name               ? 
_entity_src_gen.pdbx_host_org_scientific_name      'Escherichia coli BL21(DE3)' 
_entity_src_gen.pdbx_host_org_ncbi_taxonomy_id     469008 
_entity_src_gen.host_org_genus                     Escherichia 
_entity_src_gen.pdbx_host_org_gene                 ? 
_entity_src_gen.pdbx_host_org_organ                ? 
_entity_src_gen.host_org_species                   'Escherichia coli' 
_entity_src_gen.pdbx_host_org_tissue               ? 
_entity_src_gen.pdbx_host_org_tissue_fraction      ? 
_entity_src_gen.pdbx_host_org_strain               'BL21 (DE3)' 
_entity_src_gen.pdbx_host_org_variant              ? 
_entity_src_gen.pdbx_host_org_cell_line            ? 
_entity_src_gen.pdbx_host_org_atcc                 ? 
_entity_src_gen.pdbx_host_org_culture_collection   ? 
_entity_src_gen.pdbx_host_org_cell                 ? 
_entity_src_gen.pdbx_host_org_organelle            ? 
_entity_src_gen.pdbx_host_org_cellular_location    ? 
_entity_src_gen.pdbx_host_org_vector_type          Plasmid 
_entity_src_gen.pdbx_host_org_vector               ? 
_entity_src_gen.host_org_details                   ? 
_entity_src_gen.expression_system_id               ? 
_entity_src_gen.plasmid_name                       pET28a 
_entity_src_gen.plasmid_details                    ? 
_entity_src_gen.pdbx_description                   ? 
# 
loop_
_chem_comp.id 
_chem_comp.type 
_chem_comp.mon_nstd_flag 
_chem_comp.name 
_chem_comp.pdbx_synonyms 
_chem_comp.formula 
_chem_comp.formula_weight 
ALA 'L-peptide linking' y ALANINE         ? 'C3 H7 N O2'     89.093  
ARG 'L-peptide linking' y ARGININE        ? 'C6 H15 N4 O2 1' 175.209 
ASN 'L-peptide linking' y ASPARAGINE      ? 'C4 H8 N2 O3'    132.118 
ASP 'L-peptide linking' y 'ASPARTIC ACID' ? 'C4 H7 N O4'     133.103 
CYS 'L-peptide linking' y CYSTEINE        ? 'C3 H7 N O2 S'   121.158 
GLN 'L-peptide linking' y GLUTAMINE       ? 'C5 H10 N2 O3'   146.144 
GLU 'L-peptide linking' y 'GLUTAMIC ACID' ? 'C5 H9 N O4'     147.129 
GLY 'peptide linking'   y GLYCINE         ? 'C2 H5 N O2'     75.067  
HIS 'L-peptide linking' y HISTIDINE       ? 'C6 H10 N3 O2 1' 156.162 
HOH non-polymer         . WATER           ? 'H2 O'           18.015  
ILE 'L-peptide linking' y ISOLEUCINE      ? 'C6 H13 N O2'    131.173 
LEU 'L-peptide linking' y LEUCINE         ? 'C6 H13 N O2'    131.173 
LYS 'L-peptide linking' y LYSINE          ? 'C6 H15 N2 O2 1' 147.195 
MET 'L-peptide linking' y METHIONINE      ? 'C5 H11 N O2 S'  149.211 
PHE 'L-peptide linking' y PHENYLALANINE   ? 'C9 H11 N O2'    165.189 
PRO 'L-peptide linking' y PROLINE         ? 'C5 H9 N O2'     115.130 
SER 'L-peptide linking' y SERINE          ? 'C3 H7 N O3'     105.093 
THR 'L-peptide linking' y THREONINE       ? 'C4 H9 N O3'     119.119 
TRP 'L-peptide linking' y TRYPTOPHAN      ? 'C11 H12 N2 O2'  204.225 
TYR 'L-peptide linking' y TYROSINE        ? 'C9 H11 N O3'    181.189 
VAL 'L-peptide linking' y VALINE          ? 'C5 H11 N O2'    117.146 
# 
loop_
_pdbx_poly_seq_scheme.asym_id 
_pdbx_poly_seq_scheme.entity_id 
_pdbx_poly_seq_scheme.seq_id 
_pdbx_poly_seq_scheme.mon_id 
_pdbx_poly_seq_scheme.ndb_seq_num 
_pdbx_poly_seq_scheme.pdb_seq_num 
_pdbx_poly_seq_scheme.auth_seq_num 
_pdbx_poly_seq_scheme.pdb_mon_id 
_pdbx_poly_seq_scheme.auth_mon_id 
_pdbx_poly_seq_scheme.pdb_strand_id 
_pdbx_poly_seq_scheme.pdb_ins_code 
_pdbx_poly_seq_scheme.hetero 
A 1 1   MET 1   1   1   MET MET X . n 
A 1 2   THR 2   2   2   THR THR X . n 
A 1 3   MET 3   3   3   MET MET X . n 
A 1 4   GLU 4   4   4   GLU GLU X . n 
A 1 5   GLN 5   5   5   GLN GLN X . n 
A 1 6   PHE 6   6   6   PHE PHE X . n 
A 1 7   LEU 7   7   7   LEU LEU X . n 
A 1 8   THR 8   8   8   THR THR X . n 
A 1 9   SER 9   9   9   SER SER X . n 
A 1 10  LEU 10  10  10  LEU LEU X . n 
A 1 11  ASP 11  11  11  ASP ASP X . n 
A 1 12  MET 12  12  12  MET MET X . n 
A 1 13  ILE 13  13  13  ILE ILE X . n 
A 1 14  ARG 14  14  14  ARG ARG X . n 
A 1 15  SER 15  15  15  SER SER X . n 
A 1 16  GLY 16  16  16  GLY GLY X . n 
A 1 17  CYS 17  17  17  CYS CYS X . n 
A 1 18  ALA 18  18  18  ALA ALA X . n 
A 1 19  PRO 19  19  19  PRO PRO X . n 
A 1 20  LYS 20  20  20  LYS LYS X . n 
A 1 21  PHE 21  21  21  PHE PHE X . n 
A 1 22  LYS 22  22  22  LYS LYS X . n 
A 1 23  LEU 23  23  23  LEU LEU X . n 
A 1 24  LYS 24  24  24  LYS LYS X . n 
A 1 25  THR 25  25  25  THR THR X . n 
A 1 26  GLU 26  26  26  GLU GLU X . n 
A 1 27  ASP 27  27  27  ASP ASP X . n 
A 1 28  LEU 28  28  28  LEU LEU X . n 
A 1 29  ASP 29  29  29  ASP ASP X . n 
A 1 30  ARG 30  30  30  ARG ARG X . n 
A 1 31  LEU 31  31  31  LEU LEU X . n 
A 1 32  ARG 32  32  32  ARG ARG X . n 
A 1 33  VAL 33  33  33  VAL VAL X . n 
A 1 34  GLY 34  34  34  GLY GLY X . n 
A 1 35  ASP 35  35  35  ASP ASP X . n 
A 1 36  PHE 36  36  36  PHE PHE X . n 
A 1 37  ASN 37  37  37  ASN ASN X . n 
A 1 38  PHE 38  38  38  PHE PHE X . n 
A 1 39  PRO 39  39  39  PRO PRO X . n 
A 1 40  PRO 40  40  40  PRO PRO X . n 
A 1 41  SER 41  41  41  SER SER X . n 
A 1 42  GLN 42  42  42  GLN GLN X . n 
A 1 43  ASP 43  43  43  ASP ASP X . n 
A 1 44  LEU 44  44  44  LEU LEU X . n 
A 1 45  MET 45  45  45  MET MET X . n 
A 1 46  CYS 46  46  46  CYS CYS X . n 
A 1 47  TYR 47  47  47  TYR TYR X . n 
A 1 48  THR 48  48  48  THR THR X . n 
A 1 49  LYS 49  49  49  LYS LYS X . n 
A 1 50  CYS 50  50  50  CYS CYS X . n 
A 1 51  VAL 51  51  51  VAL VAL X . n 
A 1 52  SER 52  52  52  SER SER X . n 
A 1 53  LEU 53  53  53  LEU LEU X . n 
A 1 54  MET 54  54  54  MET MET X . n 
A 1 55  ALA 55  55  55  ALA ALA X . n 
A 1 56  GLY 56  56  56  GLY GLY X . n 
A 1 57  THR 57  57  57  THR THR X . n 
A 1 58  VAL 58  58  58  VAL VAL X . n 
A 1 59  ASN 59  59  59  ASN ASN X . n 
A 1 60  LYS 60  60  60  LYS LYS X . n 
A 1 61  LYS 61  61  61  LYS LYS X . n 
A 1 62  GLY 62  62  62  GLY GLY X . n 
A 1 63  GLU 63  63  63  GLU GLU X . n 
A 1 64  PHE 64  64  64  PHE PHE X . n 
A 1 65  ASN 65  65  65  ASN ASN X . n 
A 1 66  ALA 66  66  66  ALA ALA X . n 
A 1 67  PRO 67  67  67  PRO PRO X . n 
A 1 68  LYS 68  68  68  LYS LYS X . n 
A 1 69  ALA 69  69  69  ALA ALA X . n 
A 1 70  LEU 70  70  70  LEU LEU X . n 
A 1 71  ALA 71  71  71  ALA ALA X . n 
A 1 72  GLN 72  72  72  GLN GLN X . n 
A 1 73  LEU 73  73  73  LEU LEU X . n 
A 1 74  PRO 74  74  74  PRO PRO X . n 
A 1 75  HIS 75  75  75  HIS HIS X . n 
A 1 76  LEU 76  76  76  LEU LEU X . n 
A 1 77  VAL 77  77  77  VAL VAL X . n 
A 1 78  PRO 78  78  78  PRO PRO X . n 
A 1 79  PRO 79  79  79  PRO PRO X . n 
A 1 80  GLU 80  80  80  GLU GLU X . n 
A 1 81  MET 81  81  81  MET MET X . n 
A 1 82  MET 82  82  82  MET MET X . n 
A 1 83  GLU 83  83  83  GLU GLU X . n 
A 1 84  MET 84  84  84  MET MET X . n 
A 1 85  SER 85  85  85  SER SER X . n 
A 1 86  ARG 86  86  86  ARG ARG X . n 
A 1 87  LYS 87  87  87  LYS LYS X . n 
A 1 88  SER 88  88  88  SER SER X . n 
A 1 89  VAL 89  89  89  VAL VAL X . n 
A 1 90  GLU 90  90  90  GLU GLU X . n 
A 1 91  ALA 91  91  91  ALA ALA X . n 
A 1 92  CYS 92  92  92  CYS CYS X . n 
A 1 93  ARG 93  93  93  ARG ARG X . n 
A 1 94  ASP 94  94  94  ASP ASP X . n 
A 1 95  THR 95  95  95  THR THR X . n 
A 1 96  HIS 96  96  96  HIS HIS X . n 
A 1 97  LYS 97  97  97  LYS LYS X . n 
A 1 98  GLN 98  98  98  GLN GLN X . n 
A 1 99  PHE 99  99  99  PHE PHE X . n 
A 1 100 LYS 100 100 100 LYS LYS X . n 
A 1 101 GLU 101 101 101 GLU GLU X . n 
A 1 102 SER 102 102 102 SER SER X . n 
A 1 103 CYS 103 103 103 CYS CYS X . n 
A 1 104 GLU 104 104 104 GLU GLU X . n 
A 1 105 ARG 105 105 105 ARG ARG X . n 
A 1 106 VAL 106 106 106 VAL VAL X . n 
A 1 107 TYR 107 107 107 TYR TYR X . n 
A 1 108 GLN 108 108 108 GLN GLN X . n 
A 1 109 THR 109 109 109 THR THR X . n 
A 1 110 ALA 110 110 110 ALA ALA X . n 
A 1 111 LYS 111 111 111 LYS LYS X . n 
A 1 112 CYS 112 112 112 CYS CYS X . n 
A 1 113 PHE 113 113 113 PHE PHE X . n 
A 1 114 SER 114 114 114 SER SER X . n 
A 1 115 GLU 115 115 115 GLU GLU X . n 
A 1 116 ASN 116 116 116 ASN ASN X . n 
A 1 117 ALA 117 117 117 ALA ALA X . n 
A 1 118 ASP 118 118 118 ASP ASP X . n 
A 1 119 GLY 119 119 119 GLY GLY X . n 
A 1 120 GLN 120 120 120 GLN GLN X . n 
A 1 121 PHE 121 121 121 PHE PHE X . n 
A 1 122 MET 122 122 122 MET MET X . n 
A 1 123 TRP 123 123 123 TRP TRP X . n 
A 1 124 PRO 124 124 124 PRO PRO X . n 
# 
loop_
_pdbx_nonpoly_scheme.asym_id 
_pdbx_nonpoly_scheme.entity_id 
_pdbx_nonpoly_scheme.mon_id 
_pdbx_nonpoly_scheme.ndb_seq_num 
_pdbx_nonpoly_scheme.pdb_seq_num 
_pdbx_nonpoly_scheme.auth_seq_num 
_pdbx_nonpoly_scheme.pdb_mon_id 
_pdbx_nonpoly_scheme.auth_mon_id 
_pdbx_nonpoly_scheme.pdb_strand_id 
_pdbx_nonpoly_scheme.pdb_ins_code 
B 2 HOH 1  125 1  HOH HOH X . 
B 2 HOH 2  126 2  HOH HOH X . 
B 2 HOH 3  127 3  HOH HOH X . 
B 2 HOH 4  128 4  HOH HOH X . 
B 2 HOH 5  129 5  HOH HOH X . 
B 2 HOH 6  130 6  HOH HOH X . 
B 2 HOH 7  131 7  HOH HOH X . 
B 2 HOH 8  132 8  HOH HOH X . 
B 2 HOH 9  133 9  HOH HOH X . 
B 2 HOH 10 134 10 HOH HOH X . 
B 2 HOH 11 135 11 HOH HOH X . 
B 2 HOH 12 136 12 HOH HOH X . 
B 2 HOH 13 137 13 HOH HOH X . 
B 2 HOH 14 138 14 HOH HOH X . 
B 2 HOH 15 139 15 HOH HOH X . 
B 2 HOH 16 140 16 HOH HOH X . 
B 2 HOH 17 141 17 HOH HOH X . 
B 2 HOH 18 142 18 HOH HOH X . 
B 2 HOH 19 143 19 HOH HOH X . 
B 2 HOH 20 144 20 HOH HOH X . 
B 2 HOH 21 145 21 HOH HOH X . 
B 2 HOH 22 146 22 HOH HOH X . 
B 2 HOH 23 147 23 HOH HOH X . 
B 2 HOH 24 148 24 HOH HOH X . 
B 2 HOH 25 149 25 HOH HOH X . 
B 2 HOH 26 150 26 HOH HOH X . 
B 2 HOH 27 151 27 HOH HOH X . 
B 2 HOH 28 152 28 HOH HOH X . 
B 2 HOH 29 153 29 HOH HOH X . 
B 2 HOH 30 154 30 HOH HOH X . 
B 2 HOH 31 155 31 HOH HOH X . 
B 2 HOH 32 156 32 HOH HOH X . 
B 2 HOH 33 157 33 HOH HOH X . 
B 2 HOH 34 158 34 HOH HOH X . 
B 2 HOH 35 159 35 HOH HOH X . 
B 2 HOH 36 160 36 HOH HOH X . 
B 2 HOH 37 161 37 HOH HOH X . 
B 2 HOH 38 162 38 HOH HOH X . 
B 2 HOH 39 163 39 HOH HOH X . 
B 2 HOH 40 164 40 HOH HOH X . 
B 2 HOH 41 165 41 HOH HOH X . 
B 2 HOH 42 166 42 HOH HOH X . 
B 2 HOH 43 167 43 HOH HOH X . 
B 2 HOH 44 168 44 HOH HOH X . 
B 2 HOH 45 169 45 HOH HOH X . 
B 2 HOH 46 170 46 HOH HOH X . 
B 2 HOH 47 171 47 HOH HOH X . 
B 2 HOH 48 172 48 HOH HOH X . 
B 2 HOH 49 173 49 HOH HOH X . 
B 2 HOH 50 174 50 HOH HOH X . 
B 2 HOH 51 175 51 HOH HOH X . 
B 2 HOH 52 176 52 HOH HOH X . 
B 2 HOH 53 177 53 HOH HOH X . 
B 2 HOH 54 178 54 HOH HOH X . 
B 2 HOH 55 179 55 HOH HOH X . 
B 2 HOH 56 180 56 HOH HOH X . 
B 2 HOH 57 181 57 HOH HOH X . 
B 2 HOH 58 182 58 HOH HOH X . 
B 2 HOH 59 183 59 HOH HOH X . 
B 2 HOH 60 184 60 HOH HOH X . 
B 2 HOH 61 185 61 HOH HOH X . 
B 2 HOH 62 186 62 HOH HOH X . 
B 2 HOH 63 187 63 HOH HOH X . 
B 2 HOH 64 188 64 HOH HOH X . 
B 2 HOH 65 189 65 HOH HOH X . 
B 2 HOH 66 190 66 HOH HOH X . 
B 2 HOH 67 191 67 HOH HOH X . 
B 2 HOH 68 192 68 HOH HOH X . 
B 2 HOH 69 193 69 HOH HOH X . 
B 2 HOH 70 194 70 HOH HOH X . 
B 2 HOH 71 195 71 HOH HOH X . 
B 2 HOH 72 196 72 HOH HOH X . 
B 2 HOH 73 197 73 HOH HOH X . 
B 2 HOH 74 198 74 HOH HOH X . 
B 2 HOH 75 199 75 HOH HOH X . 
B 2 HOH 76 200 76 HOH HOH X . 
B 2 HOH 77 201 77 HOH HOH X . 
B 2 HOH 78 202 78 HOH HOH X . 
B 2 HOH 79 203 79 HOH HOH X . 
B 2 HOH 80 204 80 HOH HOH X . 
B 2 HOH 81 205 81 HOH HOH X . 
B 2 HOH 82 206 82 HOH HOH X . 
B 2 HOH 83 207 83 HOH HOH X . 
B 2 HOH 84 208 84 HOH HOH X . 
B 2 HOH 85 209 85 HOH HOH X . 
B 2 HOH 86 210 86 HOH HOH X . 
B 2 HOH 87 211 87 HOH HOH X . 
B 2 HOH 88 212 88 HOH HOH X . 
B 2 HOH 89 213 89 HOH HOH X . 
B 2 HOH 90 214 90 HOH HOH X . 
# 
loop_
_software.name 
_software.classification 
_software.version 
_software.citation_id 
_software.pdbx_ordinal 
REFMAC    refinement       5.0 ? 1 
DENZO     'data reduction' .   ? 2 
SCALEPACK 'data scaling'   .   ? 3 
CNS       phasing          .   ? 4 
# 
_cell.entry_id           1OOI 
_cell.length_a           55.370 
_cell.length_b           55.370 
_cell.length_c           66.946 
_cell.angle_alpha        90.00 
_cell.angle_beta         90.00 
_cell.angle_gamma        120.00 
_cell.Z_PDB              6 
_cell.pdbx_unique_axis   ? 
# 
_symmetry.entry_id                         1OOI 
_symmetry.space_group_name_H-M             'P 61' 
_symmetry.pdbx_full_space_group_name_H-M   ? 
_symmetry.cell_setting                     ? 
_symmetry.Int_Tables_number                169 
# 
_exptl.entry_id          1OOI 
_exptl.method            'X-RAY DIFFRACTION' 
_exptl.crystals_number   1 
# 
_exptl_crystal.id                    1 
_exptl_crystal.density_meas          ? 
_exptl_crystal.density_Matthews      2.08 
_exptl_crystal.density_percent_sol   40.94 
_exptl_crystal.description           ? 
# 
_exptl_crystal_grow.crystal_id      1 
_exptl_crystal_grow.method          'VAPOR DIFFUSION, HANGING DROP' 
_exptl_crystal_grow.temp            291 
_exptl_crystal_grow.temp_details    ? 
_exptl_crystal_grow.pH              6.5 
_exptl_crystal_grow.pdbx_details    'PEG 4000, MOPS, n-butanol, pH 6.5, VAPOR DIFFUSION, HANGING DROP, temperature 291K' 
_exptl_crystal_grow.pdbx_pH_range   ? 
# 
_diffrn.id                     1 
_diffrn.ambient_temp           93 
_diffrn.ambient_temp_details   ? 
_diffrn.crystal_id             1 
# 
_diffrn_detector.diffrn_id              1 
_diffrn_detector.detector               'IMAGE PLATE' 
_diffrn_detector.type                   'RIGAKU RAXIS IV' 
_diffrn_detector.pdbx_collection_date   2002-05-23 
_diffrn_detector.details                'osmic blue optics' 
# 
_diffrn_radiation.diffrn_id                        1 
_diffrn_radiation.wavelength_id                    1 
_diffrn_radiation.pdbx_monochromatic_or_laue_m_l   M 
_diffrn_radiation.monochromator                    NONE 
_diffrn_radiation.pdbx_diffrn_protocol             'SINGLE WAVELENGTH' 
_diffrn_radiation.pdbx_scattering_type             x-ray 
# 
_diffrn_radiation_wavelength.id           1 
_diffrn_radiation_wavelength.wavelength   1.5418 
_diffrn_radiation_wavelength.wt           1.0 
# 
_diffrn_source.diffrn_id                   1 
_diffrn_source.source                      'ROTATING ANODE' 
_diffrn_source.type                        'RIGAKU RUH3R' 
_diffrn_source.pdbx_synchrotron_site       ? 
_diffrn_source.pdbx_synchrotron_beamline   ? 
_diffrn_source.pdbx_wavelength             ? 
_diffrn_source.pdbx_wavelength_list        1.5418 
# 
_reflns.entry_id                     1OOI 
_reflns.observed_criterion_sigma_F   ? 
_reflns.observed_criterion_sigma_I   -3 
_reflns.d_resolution_high            2.04 
_reflns.d_resolution_low             40 
_reflns.number_all                   7504 
_reflns.number_obs                   7504 
_reflns.percent_possible_obs         100 
_reflns.pdbx_Rmerge_I_obs            0.054 
_reflns.pdbx_Rsym_value              ? 
_reflns.pdbx_netI_over_sigmaI        57.9 
_reflns.B_iso_Wilson_estimate        ? 
_reflns.pdbx_redundancy              14.9 
_reflns.R_free_details               ? 
_reflns.limit_h_max                  ? 
_reflns.limit_h_min                  ? 
_reflns.limit_k_max                  ? 
_reflns.limit_k_min                  ? 
_reflns.limit_l_max                  ? 
_reflns.limit_l_min                  ? 
_reflns.observed_criterion_F_max     ? 
_reflns.observed_criterion_F_min     ? 
_reflns.pdbx_diffrn_id               1 
_reflns.pdbx_ordinal                 1 
# 
_reflns_shell.d_res_high             2.04 
_reflns_shell.d_res_low              2.11 
_reflns_shell.percent_possible_all   100 
_reflns_shell.Rmerge_I_obs           0.247 
_reflns_shell.pdbx_Rsym_value        ? 
_reflns_shell.meanI_over_sigI_obs    10.7 
_reflns_shell.pdbx_redundancy        14.6 
_reflns_shell.percent_possible_obs   ? 
_reflns_shell.number_unique_all      728 
_reflns_shell.pdbx_diffrn_id         ? 
_reflns_shell.pdbx_ordinal           1 
# 
_refine.entry_id                                 1OOI 
_refine.ls_number_reflns_obs                     6634 
_refine.ls_number_reflns_all                     6675 
_refine.pdbx_ls_sigma_I                          ? 
_refine.pdbx_ls_sigma_F                          0 
_refine.pdbx_data_cutoff_high_absF               ? 
_refine.pdbx_data_cutoff_low_absF                ? 
_refine.pdbx_data_cutoff_high_rms_absF           ? 
_refine.ls_d_res_low                             40 
_refine.ls_d_res_high                            2.04 
_refine.ls_percent_reflns_obs                    99.38 
_refine.ls_R_factor_obs                          0.20083 
_refine.ls_R_factor_all                          0.20083 
_refine.ls_R_factor_R_work                       0.19537 
_refine.ls_R_factor_R_free                       0.24663 
_refine.ls_R_factor_R_free_error                 ? 
_refine.ls_R_factor_R_free_error_details         ? 
_refine.ls_percent_reflns_R_free                 10.6 
_refine.ls_number_reflns_R_free                  787 
_refine.ls_number_parameters                     ? 
_refine.ls_number_restraints                     ? 
_refine.occupancy_min                            ? 
_refine.occupancy_max                            ? 
_refine.correlation_coeff_Fo_to_Fc               0.941 
_refine.correlation_coeff_Fo_to_Fc_free          0.909 
_refine.B_iso_mean                               27.792 
_refine.aniso_B[1][1]                            -0.38 
_refine.aniso_B[2][2]                            -0.38 
_refine.aniso_B[3][3]                            0.57 
_refine.aniso_B[1][2]                            -0.19 
_refine.aniso_B[1][3]                            0.00 
_refine.aniso_B[2][3]                            0.00 
_refine.solvent_model_details                    'BABINET MODEL WITH MASK' 
_refine.solvent_model_param_ksol                 ? 
_refine.solvent_model_param_bsol                 ? 
_refine.pdbx_solvent_vdw_probe_radii             1.40 
_refine.pdbx_solvent_ion_probe_radii             0.80 
_refine.pdbx_solvent_shrinkage_radii             0.80 
_refine.pdbx_ls_cross_valid_method               THROUGHOUT 
_refine.details                                  ? 
_refine.pdbx_starting_model                      'PDB ENTRY 1OOF' 
_refine.pdbx_method_to_determine_struct          'MOLECULAR REPLACEMENT' 
_refine.pdbx_isotropic_thermal_model             'isotropic temperature factors' 
_refine.pdbx_stereochemistry_target_values       'MAXIMUM LIKELIHOOD' 
_refine.pdbx_stereochem_target_val_spec_case     ? 
_refine.pdbx_R_Free_selection_details            RANDOM 
_refine.pdbx_overall_ESU_R                       0.282 
_refine.pdbx_overall_ESU_R_Free                  0.211 
_refine.overall_SU_ML                            ? 
_refine.overall_SU_B                             ? 
_refine.ls_redundancy_reflns_obs                 ? 
_refine.B_iso_min                                ? 
_refine.B_iso_max                                ? 
_refine.overall_SU_R_Cruickshank_DPI             ? 
_refine.overall_SU_R_free                        ? 
_refine.pdbx_refine_id                           'X-RAY DIFFRACTION' 
_refine.pdbx_diffrn_id                           1 
_refine.pdbx_TLS_residual_ADP_flag               ? 
_refine.pdbx_overall_phase_error                 ? 
_refine.pdbx_overall_SU_R_free_Cruickshank_DPI   ? 
_refine.pdbx_overall_SU_R_Blow_DPI               ? 
_refine.pdbx_overall_SU_R_free_Blow_DPI          ? 
# 
_refine_hist.pdbx_refine_id                   'X-RAY DIFFRACTION' 
_refine_hist.cycle_id                         LAST 
_refine_hist.pdbx_number_atoms_protein        986 
_refine_hist.pdbx_number_atoms_nucleic_acid   0 
_refine_hist.pdbx_number_atoms_ligand         0 
_refine_hist.number_atoms_solvent             90 
_refine_hist.number_atoms_total               1076 
_refine_hist.d_res_high                       2.04 
_refine_hist.d_res_low                        40 
# 
loop_
_refine_ls_restr.type 
_refine_ls_restr.dev_ideal 
_refine_ls_restr.dev_ideal_target 
_refine_ls_restr.weight 
_refine_ls_restr.number 
_refine_ls_restr.pdbx_refine_id 
_refine_ls_restr.pdbx_restraint_function 
r_bond_refined_d         0.006  0.022  ? 1010 'X-RAY DIFFRACTION' ? 
r_angle_refined_deg      1.172  1.972  ? 1357 'X-RAY DIFFRACTION' ? 
r_dihedral_angle_1_deg   3.197  3.000  ? 123  'X-RAY DIFFRACTION' ? 
r_dihedral_angle_2_deg   16.329 15.000 ? 204  'X-RAY DIFFRACTION' ? 
r_chiral_restr           0.080  0.200  ? 143  'X-RAY DIFFRACTION' ? 
r_gen_planes_refined     0.003  0.020  ? 756  'X-RAY DIFFRACTION' ? 
r_nbd_refined            0.234  0.300  ? 509  'X-RAY DIFFRACTION' ? 
r_xyhbond_nbd_refined    0.160  0.500  ? 85   'X-RAY DIFFRACTION' ? 
r_symmetry_vdw_refined   0.302  0.300  ? 28   'X-RAY DIFFRACTION' ? 
r_symmetry_hbond_refined 0.339  0.500  ? 2    'X-RAY DIFFRACTION' ? 
r_mcbond_it              1.843  1.500  ? 623  'X-RAY DIFFRACTION' ? 
r_mcangle_it             2.949  2.000  ? 1005 'X-RAY DIFFRACTION' ? 
r_scbond_it              5.330  3.000  ? 387  'X-RAY DIFFRACTION' ? 
r_scangle_it             7.764  4.500  ? 352  'X-RAY DIFFRACTION' ? 
# 
_refine_ls_shell.pdbx_total_number_of_bins_used   20 
_refine_ls_shell.d_res_high                       2.040 
_refine_ls_shell.d_res_low                        2.150 
_refine_ls_shell.number_reflns_R_work             478 
_refine_ls_shell.R_factor_R_work                  0.215 
_refine_ls_shell.percent_reflns_obs               ? 
_refine_ls_shell.R_factor_R_free                  0.271 
_refine_ls_shell.R_factor_R_free_error            ? 
_refine_ls_shell.percent_reflns_R_free            ? 
_refine_ls_shell.number_reflns_R_free             103 
_refine_ls_shell.number_reflns_obs                1054 
_refine_ls_shell.redundancy_reflns_obs            ? 
_refine_ls_shell.number_reflns_all                ? 
_refine_ls_shell.pdbx_refine_id                   'X-RAY DIFFRACTION' 
_refine_ls_shell.R_factor_all                     ? 
# 
_struct.entry_id                  1OOI 
_struct.title                     'Crystal structure of LUSH from Drosophila melanogaster at pH 6.5' 
_struct.pdbx_model_details        ? 
_struct.pdbx_CASP_flag            ? 
_struct.pdbx_model_type_details   ? 
# 
_struct_keywords.entry_id        1OOI 
_struct_keywords.pdbx_keywords   'TRANSPORT PROTEIN' 
_struct_keywords.text            'LUSH, Alcohol, Odorant-Binding Protein, TRANSPORT PROTEIN' 
# 
loop_
_struct_asym.id 
_struct_asym.pdbx_blank_PDB_chainid_flag 
_struct_asym.pdbx_modified 
_struct_asym.entity_id 
_struct_asym.details 
A N N 1 ? 
B N N 2 ? 
# 
_struct_ref.id                         1 
_struct_ref.db_name                    UNP 
_struct_ref.db_code                    OB76A_DROME 
_struct_ref.pdbx_db_accession          O02372 
_struct_ref.entity_id                  1 
_struct_ref.pdbx_seq_one_letter_code   
;MTMEQFLTSLDMIRSGCAPKFKLKTEDLDRLRVGDFNFPPSQDLMCYTKCVSLMAGTVNKKGEFNAPKALAQLPHLVPPE
MMEMSRKSVEACRDTHKQFKESCERVYQTAKCFSENADGQFMWP
;
_struct_ref.pdbx_align_begin           30 
_struct_ref.pdbx_db_isoform            ? 
# 
_struct_ref_seq.align_id                      1 
_struct_ref_seq.ref_id                        1 
_struct_ref_seq.pdbx_PDB_id_code              1OOI 
_struct_ref_seq.pdbx_strand_id                X 
_struct_ref_seq.seq_align_beg                 1 
_struct_ref_seq.pdbx_seq_align_beg_ins_code   ? 
_struct_ref_seq.seq_align_end                 124 
_struct_ref_seq.pdbx_seq_align_end_ins_code   ? 
_struct_ref_seq.pdbx_db_accession             O02372 
_struct_ref_seq.db_align_beg                  30 
_struct_ref_seq.pdbx_db_align_beg_ins_code    ? 
_struct_ref_seq.db_align_end                  153 
_struct_ref_seq.pdbx_db_align_end_ins_code    ? 
_struct_ref_seq.pdbx_auth_seq_align_beg       1 
_struct_ref_seq.pdbx_auth_seq_align_end       124 
# 
_pdbx_struct_assembly.id                   1 
_pdbx_struct_assembly.details              author_defined_assembly 
_pdbx_struct_assembly.method_details       ? 
_pdbx_struct_assembly.oligomeric_details   monomeric 
_pdbx_struct_assembly.oligomeric_count     1 
# 
_pdbx_struct_assembly_gen.assembly_id       1 
_pdbx_struct_assembly_gen.oper_expression   1 
_pdbx_struct_assembly_gen.asym_id_list      A,B 
# 
_pdbx_struct_oper_list.id                   1 
_pdbx_struct_oper_list.type                 'identity operation' 
_pdbx_struct_oper_list.name                 1_555 
_pdbx_struct_oper_list.symmetry_operation   x,y,z 
_pdbx_struct_oper_list.matrix[1][1]         1.0000000000 
_pdbx_struct_oper_list.matrix[1][2]         0.0000000000 
_pdbx_struct_oper_list.matrix[1][3]         0.0000000000 
_pdbx_struct_oper_list.vector[1]            0.0000000000 
_pdbx_struct_oper_list.matrix[2][1]         0.0000000000 
_pdbx_struct_oper_list.matrix[2][2]         1.0000000000 
_pdbx_struct_oper_list.matrix[2][3]         0.0000000000 
_pdbx_struct_oper_list.vector[2]            0.0000000000 
_pdbx_struct_oper_list.matrix[3][1]         0.0000000000 
_pdbx_struct_oper_list.matrix[3][2]         0.0000000000 
_pdbx_struct_oper_list.matrix[3][3]         1.0000000000 
_pdbx_struct_oper_list.vector[3]            0.0000000000 
# 
_struct_biol.id                    1 
_struct_biol.pdbx_parent_biol_id   ? 
_struct_biol.details               ? 
# 
loop_
_struct_conf.conf_type_id 
_struct_conf.id 
_struct_conf.pdbx_PDB_helix_id 
_struct_conf.beg_label_comp_id 
_struct_conf.beg_label_asym_id 
_struct_conf.beg_label_seq_id 
_struct_conf.pdbx_beg_PDB_ins_code 
_struct_conf.end_label_comp_id 
_struct_conf.end_label_asym_id 
_struct_conf.end_label_seq_id 
_struct_conf.pdbx_end_PDB_ins_code 
_struct_conf.beg_auth_comp_id 
_struct_conf.beg_auth_asym_id 
_struct_conf.beg_auth_seq_id 
_struct_conf.end_auth_comp_id 
_struct_conf.end_auth_asym_id 
_struct_conf.end_auth_seq_id 
_struct_conf.pdbx_PDB_helix_class 
_struct_conf.details 
_struct_conf.pdbx_PDB_helix_length 
HELX_P HELX_P1  1  THR A 2   ? ALA A 18  ? THR X 2   ALA X 18  1 ? 17 
HELX_P HELX_P2  2  PRO A 19  ? PHE A 21  ? PRO X 19  PHE X 21  5 ? 3  
HELX_P HELX_P3  3  LYS A 24  ? VAL A 33  ? LYS X 24  VAL X 33  1 ? 10 
HELX_P HELX_P4  4  SER A 41  ? GLY A 56  ? SER X 41  GLY X 56  1 ? 16 
HELX_P HELX_P5  5  ASN A 65  ? LEU A 73  ? ASN X 65  LEU X 73  1 ? 9  
HELX_P HELX_P6  6  PRO A 74  ? LEU A 76  ? PRO X 74  LEU X 76  5 ? 3  
HELX_P HELX_P7  7  PRO A 78  ? GLU A 80  ? PRO X 78  GLU X 80  5 ? 3  
HELX_P HELX_P8  8  MET A 81  ? ARG A 93  ? MET X 81  ARG X 93  1 ? 13 
HELX_P HELX_P9  9  ASP A 94  ? PHE A 99  ? ASP X 94  PHE X 99  5 ? 6  
HELX_P HELX_P10 10 GLU A 101 ? ALA A 117 ? GLU X 101 ALA X 117 1 ? 17 
# 
_struct_conf_type.id          HELX_P 
_struct_conf_type.criteria    ? 
_struct_conf_type.reference   ? 
# 
loop_
_struct_conn.id 
_struct_conn.conn_type_id 
_struct_conn.pdbx_leaving_atom_flag 
_struct_conn.pdbx_PDB_id 
_struct_conn.ptnr1_label_asym_id 
_struct_conn.ptnr1_label_comp_id 
_struct_conn.ptnr1_label_seq_id 
_struct_conn.ptnr1_label_atom_id 
_struct_conn.pdbx_ptnr1_label_alt_id 
_struct_conn.pdbx_ptnr1_PDB_ins_code 
_struct_conn.pdbx_ptnr1_standard_comp_id 
_struct_conn.ptnr1_symmetry 
_struct_conn.ptnr2_label_asym_id 
_struct_conn.ptnr2_label_comp_id 
_struct_conn.ptnr2_label_seq_id 
_struct_conn.ptnr2_label_atom_id 
_struct_conn.pdbx_ptnr2_label_alt_id 
_struct_conn.pdbx_ptnr2_PDB_ins_code 
_struct_conn.ptnr1_auth_asym_id 
_struct_conn.ptnr1_auth_comp_id 
_struct_conn.ptnr1_auth_seq_id 
_struct_conn.ptnr2_auth_asym_id 
_struct_conn.ptnr2_auth_comp_id 
_struct_conn.ptnr2_auth_seq_id 
_struct_conn.ptnr2_symmetry 
_struct_conn.pdbx_ptnr3_label_atom_id 
_struct_conn.pdbx_ptnr3_label_seq_id 
_struct_conn.pdbx_ptnr3_label_comp_id 
_struct_conn.pdbx_ptnr3_label_asym_id 
_struct_conn.pdbx_ptnr3_label_alt_id 
_struct_conn.pdbx_ptnr3_PDB_ins_code 
_struct_conn.details 
_struct_conn.pdbx_dist_value 
_struct_conn.pdbx_value_order 
_struct_conn.pdbx_role 
disulf1 disulf ? ? A CYS 17 SG ? ? ? 1_555 A CYS 50  SG ? ? X CYS 17 X CYS 50  1_555 ? ? ? ? ? ? ? 2.027 ? ? 
disulf2 disulf ? ? A CYS 46 SG ? ? ? 1_555 A CYS 103 SG ? ? X CYS 46 X CYS 103 1_555 ? ? ? ? ? ? ? 2.029 ? ? 
disulf3 disulf ? ? A CYS 92 SG ? ? ? 1_555 A CYS 112 SG ? ? X CYS 92 X CYS 112 1_555 ? ? ? ? ? ? ? 2.022 ? ? 
# 
_struct_conn_type.id          disulf 
_struct_conn_type.criteria    ? 
_struct_conn_type.reference   ? 
# 
loop_
_pdbx_modification_feature.ordinal 
_pdbx_modification_feature.label_comp_id 
_pdbx_modification_feature.label_asym_id 
_pdbx_modification_feature.label_seq_id 
_pdbx_modification_feature.label_alt_id 
_pdbx_modification_feature.modified_residue_label_comp_id 
_pdbx_modification_feature.modified_residue_label_asym_id 
_pdbx_modification_feature.modified_residue_label_seq_id 
_pdbx_modification_feature.modified_residue_label_alt_id 
_pdbx_modification_feature.auth_comp_id 
_pdbx_modification_feature.auth_asym_id 
_pdbx_modification_feature.auth_seq_id 
_pdbx_modification_feature.PDB_ins_code 
_pdbx_modification_feature.symmetry 
_pdbx_modification_feature.modified_residue_auth_comp_id 
_pdbx_modification_feature.modified_residue_auth_asym_id 
_pdbx_modification_feature.modified_residue_auth_seq_id 
_pdbx_modification_feature.modified_residue_PDB_ins_code 
_pdbx_modification_feature.modified_residue_symmetry 
_pdbx_modification_feature.comp_id_linking_atom 
_pdbx_modification_feature.modified_residue_id_linking_atom 
_pdbx_modification_feature.modified_residue_id 
_pdbx_modification_feature.ref_pcm_id 
_pdbx_modification_feature.ref_comp_id 
_pdbx_modification_feature.type 
_pdbx_modification_feature.category 
1 CYS A 17 ? CYS A 50  ? CYS X 17 ? 1_555 CYS X 50  ? 1_555 SG SG . . . None 'Disulfide bridge' 
2 CYS A 46 ? CYS A 103 ? CYS X 46 ? 1_555 CYS X 103 ? 1_555 SG SG . . . None 'Disulfide bridge' 
3 CYS A 92 ? CYS A 112 ? CYS X 92 ? 1_555 CYS X 112 ? 1_555 SG SG . . . None 'Disulfide bridge' 
# 
_pdbx_entry_details.entry_id                   1OOI 
_pdbx_entry_details.compound_details           ? 
_pdbx_entry_details.source_details             ? 
_pdbx_entry_details.nonpolymer_details         ? 
_pdbx_entry_details.sequence_details           ? 
_pdbx_entry_details.has_ligand_of_interest     ? 
_pdbx_entry_details.has_protein_modification   Y 
# 
loop_
_chem_comp_atom.comp_id 
_chem_comp_atom.atom_id 
_chem_comp_atom.type_symbol 
_chem_comp_atom.pdbx_aromatic_flag 
_chem_comp_atom.pdbx_stereo_config 
_chem_comp_atom.pdbx_ordinal 
ALA N    N N N 1   
ALA CA   C N S 2   
ALA C    C N N 3   
ALA O    O N N 4   
ALA CB   C N N 5   
ALA OXT  O N N 6   
ALA H    H N N 7   
ALA H2   H N N 8   
ALA HA   H N N 9   
ALA HB1  H N N 10  
ALA HB2  H N N 11  
ALA HB3  H N N 12  
ALA HXT  H N N 13  
ARG N    N N N 14  
ARG CA   C N S 15  
ARG C    C N N 16  
ARG O    O N N 17  
ARG CB   C N N 18  
ARG CG   C N N 19  
ARG CD   C N N 20  
ARG NE   N N N 21  
ARG CZ   C N N 22  
ARG NH1  N N N 23  
ARG NH2  N N N 24  
ARG OXT  O N N 25  
ARG H    H N N 26  
ARG H2   H N N 27  
ARG HA   H N N 28  
ARG HB2  H N N 29  
ARG HB3  H N N 30  
ARG HG2  H N N 31  
ARG HG3  H N N 32  
ARG HD2  H N N 33  
ARG HD3  H N N 34  
ARG HE   H N N 35  
ARG HH11 H N N 36  
ARG HH12 H N N 37  
ARG HH21 H N N 38  
ARG HH22 H N N 39  
ARG HXT  H N N 40  
ASN N    N N N 41  
ASN CA   C N S 42  
ASN C    C N N 43  
ASN O    O N N 44  
ASN CB   C N N 45  
ASN CG   C N N 46  
ASN OD1  O N N 47  
ASN ND2  N N N 48  
ASN OXT  O N N 49  
ASN H    H N N 50  
ASN H2   H N N 51  
ASN HA   H N N 52  
ASN HB2  H N N 53  
ASN HB3  H N N 54  
ASN HD21 H N N 55  
ASN HD22 H N N 56  
ASN HXT  H N N 57  
ASP N    N N N 58  
ASP CA   C N S 59  
ASP C    C N N 60  
ASP O    O N N 61  
ASP CB   C N N 62  
ASP CG   C N N 63  
ASP OD1  O N N 64  
ASP OD2  O N N 65  
ASP OXT  O N N 66  
ASP H    H N N 67  
ASP H2   H N N 68  
ASP HA   H N N 69  
ASP HB2  H N N 70  
ASP HB3  H N N 71  
ASP HD2  H N N 72  
ASP HXT  H N N 73  
CYS N    N N N 74  
CYS CA   C N R 75  
CYS C    C N N 76  
CYS O    O N N 77  
CYS CB   C N N 78  
CYS SG   S N N 79  
CYS OXT  O N N 80  
CYS H    H N N 81  
CYS H2   H N N 82  
CYS HA   H N N 83  
CYS HB2  H N N 84  
CYS HB3  H N N 85  
CYS HG   H N N 86  
CYS HXT  H N N 87  
GLN N    N N N 88  
GLN CA   C N S 89  
GLN C    C N N 90  
GLN O    O N N 91  
GLN CB   C N N 92  
GLN CG   C N N 93  
GLN CD   C N N 94  
GLN OE1  O N N 95  
GLN NE2  N N N 96  
GLN OXT  O N N 97  
GLN H    H N N 98  
GLN H2   H N N 99  
GLN HA   H N N 100 
GLN HB2  H N N 101 
GLN HB3  H N N 102 
GLN HG2  H N N 103 
GLN HG3  H N N 104 
GLN HE21 H N N 105 
GLN HE22 H N N 106 
GLN HXT  H N N 107 
GLU N    N N N 108 
GLU CA   C N S 109 
GLU C    C N N 110 
GLU O    O N N 111 
GLU CB   C N N 112 
GLU CG   C N N 113 
GLU CD   C N N 114 
GLU OE1  O N N 115 
GLU OE2  O N N 116 
GLU OXT  O N N 117 
GLU H    H N N 118 
GLU H2   H N N 119 
GLU HA   H N N 120 
GLU HB2  H N N 121 
GLU HB3  H N N 122 
GLU HG2  H N N 123 
GLU HG3  H N N 124 
GLU HE2  H N N 125 
GLU HXT  H N N 126 
GLY N    N N N 127 
GLY CA   C N N 128 
GLY C    C N N 129 
GLY O    O N N 130 
GLY OXT  O N N 131 
GLY H    H N N 132 
GLY H2   H N N 133 
GLY HA2  H N N 134 
GLY HA3  H N N 135 
GLY HXT  H N N 136 
HIS N    N N N 137 
HIS CA   C N S 138 
HIS C    C N N 139 
HIS O    O N N 140 
HIS CB   C N N 141 
HIS CG   C Y N 142 
HIS ND1  N Y N 143 
HIS CD2  C Y N 144 
HIS CE1  C Y N 145 
HIS NE2  N Y N 146 
HIS OXT  O N N 147 
HIS H    H N N 148 
HIS H2   H N N 149 
HIS HA   H N N 150 
HIS HB2  H N N 151 
HIS HB3  H N N 152 
HIS HD1  H N N 153 
HIS HD2  H N N 154 
HIS HE1  H N N 155 
HIS HE2  H N N 156 
HIS HXT  H N N 157 
HOH O    O N N 158 
HOH H1   H N N 159 
HOH H2   H N N 160 
ILE N    N N N 161 
ILE CA   C N S 162 
ILE C    C N N 163 
ILE O    O N N 164 
ILE CB   C N S 165 
ILE CG1  C N N 166 
ILE CG2  C N N 167 
ILE CD1  C N N 168 
ILE OXT  O N N 169 
ILE H    H N N 170 
ILE H2   H N N 171 
ILE HA   H N N 172 
ILE HB   H N N 173 
ILE HG12 H N N 174 
ILE HG13 H N N 175 
ILE HG21 H N N 176 
ILE HG22 H N N 177 
ILE HG23 H N N 178 
ILE HD11 H N N 179 
ILE HD12 H N N 180 
ILE HD13 H N N 181 
ILE HXT  H N N 182 
LEU N    N N N 183 
LEU CA   C N S 184 
LEU C    C N N 185 
LEU O    O N N 186 
LEU CB   C N N 187 
LEU CG   C N N 188 
LEU CD1  C N N 189 
LEU CD2  C N N 190 
LEU OXT  O N N 191 
LEU H    H N N 192 
LEU H2   H N N 193 
LEU HA   H N N 194 
LEU HB2  H N N 195 
LEU HB3  H N N 196 
LEU HG   H N N 197 
LEU HD11 H N N 198 
LEU HD12 H N N 199 
LEU HD13 H N N 200 
LEU HD21 H N N 201 
LEU HD22 H N N 202 
LEU HD23 H N N 203 
LEU HXT  H N N 204 
LYS N    N N N 205 
LYS CA   C N S 206 
LYS C    C N N 207 
LYS O    O N N 208 
LYS CB   C N N 209 
LYS CG   C N N 210 
LYS CD   C N N 211 
LYS CE   C N N 212 
LYS NZ   N N N 213 
LYS OXT  O N N 214 
LYS H    H N N 215 
LYS H2   H N N 216 
LYS HA   H N N 217 
LYS HB2  H N N 218 
LYS HB3  H N N 219 
LYS HG2  H N N 220 
LYS HG3  H N N 221 
LYS HD2  H N N 222 
LYS HD3  H N N 223 
LYS HE2  H N N 224 
LYS HE3  H N N 225 
LYS HZ1  H N N 226 
LYS HZ2  H N N 227 
LYS HZ3  H N N 228 
LYS HXT  H N N 229 
MET N    N N N 230 
MET CA   C N S 231 
MET C    C N N 232 
MET O    O N N 233 
MET CB   C N N 234 
MET CG   C N N 235 
MET SD   S N N 236 
MET CE   C N N 237 
MET OXT  O N N 238 
MET H    H N N 239 
MET H2   H N N 240 
MET HA   H N N 241 
MET HB2  H N N 242 
MET HB3  H N N 243 
MET HG2  H N N 244 
MET HG3  H N N 245 
MET HE1  H N N 246 
MET HE2  H N N 247 
MET HE3  H N N 248 
MET HXT  H N N 249 
PHE N    N N N 250 
PHE CA   C N S 251 
PHE C    C N N 252 
PHE O    O N N 253 
PHE CB   C N N 254 
PHE CG   C Y N 255 
PHE CD1  C Y N 256 
PHE CD2  C Y N 257 
PHE CE1  C Y N 258 
PHE CE2  C Y N 259 
PHE CZ   C Y N 260 
PHE OXT  O N N 261 
PHE H    H N N 262 
PHE H2   H N N 263 
PHE HA   H N N 264 
PHE HB2  H N N 265 
PHE HB3  H N N 266 
PHE HD1  H N N 267 
PHE HD2  H N N 268 
PHE HE1  H N N 269 
PHE HE2  H N N 270 
PHE HZ   H N N 271 
PHE HXT  H N N 272 
PRO N    N N N 273 
PRO CA   C N S 274 
PRO C    C N N 275 
PRO O    O N N 276 
PRO CB   C N N 277 
PRO CG   C N N 278 
PRO CD   C N N 279 
PRO OXT  O N N 280 
PRO H    H N N 281 
PRO HA   H N N 282 
PRO HB2  H N N 283 
PRO HB3  H N N 284 
PRO HG2  H N N 285 
PRO HG3  H N N 286 
PRO HD2  H N N 287 
PRO HD3  H N N 288 
PRO HXT  H N N 289 
SER N    N N N 290 
SER CA   C N S 291 
SER C    C N N 292 
SER O    O N N 293 
SER CB   C N N 294 
SER OG   O N N 295 
SER OXT  O N N 296 
SER H    H N N 297 
SER H2   H N N 298 
SER HA   H N N 299 
SER HB2  H N N 300 
SER HB3  H N N 301 
SER HG   H N N 302 
SER HXT  H N N 303 
THR N    N N N 304 
THR CA   C N S 305 
THR C    C N N 306 
THR O    O N N 307 
THR CB   C N R 308 
THR OG1  O N N 309 
THR CG2  C N N 310 
THR OXT  O N N 311 
THR H    H N N 312 
THR H2   H N N 313 
THR HA   H N N 314 
THR HB   H N N 315 
THR HG1  H N N 316 
THR HG21 H N N 317 
THR HG22 H N N 318 
THR HG23 H N N 319 
THR HXT  H N N 320 
TRP N    N N N 321 
TRP CA   C N S 322 
TRP C    C N N 323 
TRP O    O N N 324 
TRP CB   C N N 325 
TRP CG   C Y N 326 
TRP CD1  C Y N 327 
TRP CD2  C Y N 328 
TRP NE1  N Y N 329 
TRP CE2  C Y N 330 
TRP CE3  C Y N 331 
TRP CZ2  C Y N 332 
TRP CZ3  C Y N 333 
TRP CH2  C Y N 334 
TRP OXT  O N N 335 
TRP H    H N N 336 
TRP H2   H N N 337 
TRP HA   H N N 338 
TRP HB2  H N N 339 
TRP HB3  H N N 340 
TRP HD1  H N N 341 
TRP HE1  H N N 342 
TRP HE3  H N N 343 
TRP HZ2  H N N 344 
TRP HZ3  H N N 345 
TRP HH2  H N N 346 
TRP HXT  H N N 347 
TYR N    N N N 348 
TYR CA   C N S 349 
TYR C    C N N 350 
TYR O    O N N 351 
TYR CB   C N N 352 
TYR CG   C Y N 353 
TYR CD1  C Y N 354 
TYR CD2  C Y N 355 
TYR CE1  C Y N 356 
TYR CE2  C Y N 357 
TYR CZ   C Y N 358 
TYR OH   O N N 359 
TYR OXT  O N N 360 
TYR H    H N N 361 
TYR H2   H N N 362 
TYR HA   H N N 363 
TYR HB2  H N N 364 
TYR HB3  H N N 365 
TYR HD1  H N N 366 
TYR HD2  H N N 367 
TYR HE1  H N N 368 
TYR HE2  H N N 369 
TYR HH   H N N 370 
TYR HXT  H N N 371 
VAL N    N N N 372 
VAL CA   C N S 373 
VAL C    C N N 374 
VAL O    O N N 375 
VAL CB   C N N 376 
VAL CG1  C N N 377 
VAL CG2  C N N 378 
VAL OXT  O N N 379 
VAL H    H N N 380 
VAL H2   H N N 381 
VAL HA   H N N 382 
VAL HB   H N N 383 
VAL HG11 H N N 384 
VAL HG12 H N N 385 
VAL HG13 H N N 386 
VAL HG21 H N N 387 
VAL HG22 H N N 388 
VAL HG23 H N N 389 
VAL HXT  H N N 390 
# 
loop_
_chem_comp_bond.comp_id 
_chem_comp_bond.atom_id_1 
_chem_comp_bond.atom_id_2 
_chem_comp_bond.value_order 
_chem_comp_bond.pdbx_aromatic_flag 
_chem_comp_bond.pdbx_stereo_config 
_chem_comp_bond.pdbx_ordinal 
ALA N   CA   sing N N 1   
ALA N   H    sing N N 2   
ALA N   H2   sing N N 3   
ALA CA  C    sing N N 4   
ALA CA  CB   sing N N 5   
ALA CA  HA   sing N N 6   
ALA C   O    doub N N 7   
ALA C   OXT  sing N N 8   
ALA CB  HB1  sing N N 9   
ALA CB  HB2  sing N N 10  
ALA CB  HB3  sing N N 11  
ALA OXT HXT  sing N N 12  
ARG N   CA   sing N N 13  
ARG N   H    sing N N 14  
ARG N   H2   sing N N 15  
ARG CA  C    sing N N 16  
ARG CA  CB   sing N N 17  
ARG CA  HA   sing N N 18  
ARG C   O    doub N N 19  
ARG C   OXT  sing N N 20  
ARG CB  CG   sing N N 21  
ARG CB  HB2  sing N N 22  
ARG CB  HB3  sing N N 23  
ARG CG  CD   sing N N 24  
ARG CG  HG2  sing N N 25  
ARG CG  HG3  sing N N 26  
ARG CD  NE   sing N N 27  
ARG CD  HD2  sing N N 28  
ARG CD  HD3  sing N N 29  
ARG NE  CZ   sing N N 30  
ARG NE  HE   sing N N 31  
ARG CZ  NH1  sing N N 32  
ARG CZ  NH2  doub N N 33  
ARG NH1 HH11 sing N N 34  
ARG NH1 HH12 sing N N 35  
ARG NH2 HH21 sing N N 36  
ARG NH2 HH22 sing N N 37  
ARG OXT HXT  sing N N 38  
ASN N   CA   sing N N 39  
ASN N   H    sing N N 40  
ASN N   H2   sing N N 41  
ASN CA  C    sing N N 42  
ASN CA  CB   sing N N 43  
ASN CA  HA   sing N N 44  
ASN C   O    doub N N 45  
ASN C   OXT  sing N N 46  
ASN CB  CG   sing N N 47  
ASN CB  HB2  sing N N 48  
ASN CB  HB3  sing N N 49  
ASN CG  OD1  doub N N 50  
ASN CG  ND2  sing N N 51  
ASN ND2 HD21 sing N N 52  
ASN ND2 HD22 sing N N 53  
ASN OXT HXT  sing N N 54  
ASP N   CA   sing N N 55  
ASP N   H    sing N N 56  
ASP N   H2   sing N N 57  
ASP CA  C    sing N N 58  
ASP CA  CB   sing N N 59  
ASP CA  HA   sing N N 60  
ASP C   O    doub N N 61  
ASP C   OXT  sing N N 62  
ASP CB  CG   sing N N 63  
ASP CB  HB2  sing N N 64  
ASP CB  HB3  sing N N 65  
ASP CG  OD1  doub N N 66  
ASP CG  OD2  sing N N 67  
ASP OD2 HD2  sing N N 68  
ASP OXT HXT  sing N N 69  
CYS N   CA   sing N N 70  
CYS N   H    sing N N 71  
CYS N   H2   sing N N 72  
CYS CA  C    sing N N 73  
CYS CA  CB   sing N N 74  
CYS CA  HA   sing N N 75  
CYS C   O    doub N N 76  
CYS C   OXT  sing N N 77  
CYS CB  SG   sing N N 78  
CYS CB  HB2  sing N N 79  
CYS CB  HB3  sing N N 80  
CYS SG  HG   sing N N 81  
CYS OXT HXT  sing N N 82  
GLN N   CA   sing N N 83  
GLN N   H    sing N N 84  
GLN N   H2   sing N N 85  
GLN CA  C    sing N N 86  
GLN CA  CB   sing N N 87  
GLN CA  HA   sing N N 88  
GLN C   O    doub N N 89  
GLN C   OXT  sing N N 90  
GLN CB  CG   sing N N 91  
GLN CB  HB2  sing N N 92  
GLN CB  HB3  sing N N 93  
GLN CG  CD   sing N N 94  
GLN CG  HG2  sing N N 95  
GLN CG  HG3  sing N N 96  
GLN CD  OE1  doub N N 97  
GLN CD  NE2  sing N N 98  
GLN NE2 HE21 sing N N 99  
GLN NE2 HE22 sing N N 100 
GLN OXT HXT  sing N N 101 
GLU N   CA   sing N N 102 
GLU N   H    sing N N 103 
GLU N   H2   sing N N 104 
GLU CA  C    sing N N 105 
GLU CA  CB   sing N N 106 
GLU CA  HA   sing N N 107 
GLU C   O    doub N N 108 
GLU C   OXT  sing N N 109 
GLU CB  CG   sing N N 110 
GLU CB  HB2  sing N N 111 
GLU CB  HB3  sing N N 112 
GLU CG  CD   sing N N 113 
GLU CG  HG2  sing N N 114 
GLU CG  HG3  sing N N 115 
GLU CD  OE1  doub N N 116 
GLU CD  OE2  sing N N 117 
GLU OE2 HE2  sing N N 118 
GLU OXT HXT  sing N N 119 
GLY N   CA   sing N N 120 
GLY N   H    sing N N 121 
GLY N   H2   sing N N 122 
GLY CA  C    sing N N 123 
GLY CA  HA2  sing N N 124 
GLY CA  HA3  sing N N 125 
GLY C   O    doub N N 126 
GLY C   OXT  sing N N 127 
GLY OXT HXT  sing N N 128 
HIS N   CA   sing N N 129 
HIS N   H    sing N N 130 
HIS N   H2   sing N N 131 
HIS CA  C    sing N N 132 
HIS CA  CB   sing N N 133 
HIS CA  HA   sing N N 134 
HIS C   O    doub N N 135 
HIS C   OXT  sing N N 136 
HIS CB  CG   sing N N 137 
HIS CB  HB2  sing N N 138 
HIS CB  HB3  sing N N 139 
HIS CG  ND1  sing Y N 140 
HIS CG  CD2  doub Y N 141 
HIS ND1 CE1  doub Y N 142 
HIS ND1 HD1  sing N N 143 
HIS CD2 NE2  sing Y N 144 
HIS CD2 HD2  sing N N 145 
HIS CE1 NE2  sing Y N 146 
HIS CE1 HE1  sing N N 147 
HIS NE2 HE2  sing N N 148 
HIS OXT HXT  sing N N 149 
HOH O   H1   sing N N 150 
HOH O   H2   sing N N 151 
ILE N   CA   sing N N 152 
ILE N   H    sing N N 153 
ILE N   H2   sing N N 154 
ILE CA  C    sing N N 155 
ILE CA  CB   sing N N 156 
ILE CA  HA   sing N N 157 
ILE C   O    doub N N 158 
ILE C   OXT  sing N N 159 
ILE CB  CG1  sing N N 160 
ILE CB  CG2  sing N N 161 
ILE CB  HB   sing N N 162 
ILE CG1 CD1  sing N N 163 
ILE CG1 HG12 sing N N 164 
ILE CG1 HG13 sing N N 165 
ILE CG2 HG21 sing N N 166 
ILE CG2 HG22 sing N N 167 
ILE CG2 HG23 sing N N 168 
ILE CD1 HD11 sing N N 169 
ILE CD1 HD12 sing N N 170 
ILE CD1 HD13 sing N N 171 
ILE OXT HXT  sing N N 172 
LEU N   CA   sing N N 173 
LEU N   H    sing N N 174 
LEU N   H2   sing N N 175 
LEU CA  C    sing N N 176 
LEU CA  CB   sing N N 177 
LEU CA  HA   sing N N 178 
LEU C   O    doub N N 179 
LEU C   OXT  sing N N 180 
LEU CB  CG   sing N N 181 
LEU CB  HB2  sing N N 182 
LEU CB  HB3  sing N N 183 
LEU CG  CD1  sing N N 184 
LEU CG  CD2  sing N N 185 
LEU CG  HG   sing N N 186 
LEU CD1 HD11 sing N N 187 
LEU CD1 HD12 sing N N 188 
LEU CD1 HD13 sing N N 189 
LEU CD2 HD21 sing N N 190 
LEU CD2 HD22 sing N N 191 
LEU CD2 HD23 sing N N 192 
LEU OXT HXT  sing N N 193 
LYS N   CA   sing N N 194 
LYS N   H    sing N N 195 
LYS N   H2   sing N N 196 
LYS CA  C    sing N N 197 
LYS CA  CB   sing N N 198 
LYS CA  HA   sing N N 199 
LYS C   O    doub N N 200 
LYS C   OXT  sing N N 201 
LYS CB  CG   sing N N 202 
LYS CB  HB2  sing N N 203 
LYS CB  HB3  sing N N 204 
LYS CG  CD   sing N N 205 
LYS CG  HG2  sing N N 206 
LYS CG  HG3  sing N N 207 
LYS CD  CE   sing N N 208 
LYS CD  HD2  sing N N 209 
LYS CD  HD3  sing N N 210 
LYS CE  NZ   sing N N 211 
LYS CE  HE2  sing N N 212 
LYS CE  HE3  sing N N 213 
LYS NZ  HZ1  sing N N 214 
LYS NZ  HZ2  sing N N 215 
LYS NZ  HZ3  sing N N 216 
LYS OXT HXT  sing N N 217 
MET N   CA   sing N N 218 
MET N   H    sing N N 219 
MET N   H2   sing N N 220 
MET CA  C    sing N N 221 
MET CA  CB   sing N N 222 
MET CA  HA   sing N N 223 
MET C   O    doub N N 224 
MET C   OXT  sing N N 225 
MET CB  CG   sing N N 226 
MET CB  HB2  sing N N 227 
MET CB  HB3  sing N N 228 
MET CG  SD   sing N N 229 
MET CG  HG2  sing N N 230 
MET CG  HG3  sing N N 231 
MET SD  CE   sing N N 232 
MET CE  HE1  sing N N 233 
MET CE  HE2  sing N N 234 
MET CE  HE3  sing N N 235 
MET OXT HXT  sing N N 236 
PHE N   CA   sing N N 237 
PHE N   H    sing N N 238 
PHE N   H2   sing N N 239 
PHE CA  C    sing N N 240 
PHE CA  CB   sing N N 241 
PHE CA  HA   sing N N 242 
PHE C   O    doub N N 243 
PHE C   OXT  sing N N 244 
PHE CB  CG   sing N N 245 
PHE CB  HB2  sing N N 246 
PHE CB  HB3  sing N N 247 
PHE CG  CD1  doub Y N 248 
PHE CG  CD2  sing Y N 249 
PHE CD1 CE1  sing Y N 250 
PHE CD1 HD1  sing N N 251 
PHE CD2 CE2  doub Y N 252 
PHE CD2 HD2  sing N N 253 
PHE CE1 CZ   doub Y N 254 
PHE CE1 HE1  sing N N 255 
PHE CE2 CZ   sing Y N 256 
PHE CE2 HE2  sing N N 257 
PHE CZ  HZ   sing N N 258 
PHE OXT HXT  sing N N 259 
PRO N   CA   sing N N 260 
PRO N   CD   sing N N 261 
PRO N   H    sing N N 262 
PRO CA  C    sing N N 263 
PRO CA  CB   sing N N 264 
PRO CA  HA   sing N N 265 
PRO C   O    doub N N 266 
PRO C   OXT  sing N N 267 
PRO CB  CG   sing N N 268 
PRO CB  HB2  sing N N 269 
PRO CB  HB3  sing N N 270 
PRO CG  CD   sing N N 271 
PRO CG  HG2  sing N N 272 
PRO CG  HG3  sing N N 273 
PRO CD  HD2  sing N N 274 
PRO CD  HD3  sing N N 275 
PRO OXT HXT  sing N N 276 
SER N   CA   sing N N 277 
SER N   H    sing N N 278 
SER N   H2   sing N N 279 
SER CA  C    sing N N 280 
SER CA  CB   sing N N 281 
SER CA  HA   sing N N 282 
SER C   O    doub N N 283 
SER C   OXT  sing N N 284 
SER CB  OG   sing N N 285 
SER CB  HB2  sing N N 286 
SER CB  HB3  sing N N 287 
SER OG  HG   sing N N 288 
SER OXT HXT  sing N N 289 
THR N   CA   sing N N 290 
THR N   H    sing N N 291 
THR N   H2   sing N N 292 
THR CA  C    sing N N 293 
THR CA  CB   sing N N 294 
THR CA  HA   sing N N 295 
THR C   O    doub N N 296 
THR C   OXT  sing N N 297 
THR CB  OG1  sing N N 298 
THR CB  CG2  sing N N 299 
THR CB  HB   sing N N 300 
THR OG1 HG1  sing N N 301 
THR CG2 HG21 sing N N 302 
THR CG2 HG22 sing N N 303 
THR CG2 HG23 sing N N 304 
THR OXT HXT  sing N N 305 
TRP N   CA   sing N N 306 
TRP N   H    sing N N 307 
TRP N   H2   sing N N 308 
TRP CA  C    sing N N 309 
TRP CA  CB   sing N N 310 
TRP CA  HA   sing N N 311 
TRP C   O    doub N N 312 
TRP C   OXT  sing N N 313 
TRP CB  CG   sing N N 314 
TRP CB  HB2  sing N N 315 
TRP CB  HB3  sing N N 316 
TRP CG  CD1  doub Y N 317 
TRP CG  CD2  sing Y N 318 
TRP CD1 NE1  sing Y N 319 
TRP CD1 HD1  sing N N 320 
TRP CD2 CE2  doub Y N 321 
TRP CD2 CE3  sing Y N 322 
TRP NE1 CE2  sing Y N 323 
TRP NE1 HE1  sing N N 324 
TRP CE2 CZ2  sing Y N 325 
TRP CE3 CZ3  doub Y N 326 
TRP CE3 HE3  sing N N 327 
TRP CZ2 CH2  doub Y N 328 
TRP CZ2 HZ2  sing N N 329 
TRP CZ3 CH2  sing Y N 330 
TRP CZ3 HZ3  sing N N 331 
TRP CH2 HH2  sing N N 332 
TRP OXT HXT  sing N N 333 
TYR N   CA   sing N N 334 
TYR N   H    sing N N 335 
TYR N   H2   sing N N 336 
TYR CA  C    sing N N 337 
TYR CA  CB   sing N N 338 
TYR CA  HA   sing N N 339 
TYR C   O    doub N N 340 
TYR C   OXT  sing N N 341 
TYR CB  CG   sing N N 342 
TYR CB  HB2  sing N N 343 
TYR CB  HB3  sing N N 344 
TYR CG  CD1  doub Y N 345 
TYR CG  CD2  sing Y N 346 
TYR CD1 CE1  sing Y N 347 
TYR CD1 HD1  sing N N 348 
TYR CD2 CE2  doub Y N 349 
TYR CD2 HD2  sing N N 350 
TYR CE1 CZ   doub Y N 351 
TYR CE1 HE1  sing N N 352 
TYR CE2 CZ   sing Y N 353 
TYR CE2 HE2  sing N N 354 
TYR CZ  OH   sing N N 355 
TYR OH  HH   sing N N 356 
TYR OXT HXT  sing N N 357 
VAL N   CA   sing N N 358 
VAL N   H    sing N N 359 
VAL N   H2   sing N N 360 
VAL CA  C    sing N N 361 
VAL CA  CB   sing N N 362 
VAL CA  HA   sing N N 363 
VAL C   O    doub N N 364 
VAL C   OXT  sing N N 365 
VAL CB  CG1  sing N N 366 
VAL CB  CG2  sing N N 367 
VAL CB  HB   sing N N 368 
VAL CG1 HG11 sing N N 369 
VAL CG1 HG12 sing N N 370 
VAL CG1 HG13 sing N N 371 
VAL CG2 HG21 sing N N 372 
VAL CG2 HG22 sing N N 373 
VAL CG2 HG23 sing N N 374 
VAL OXT HXT  sing N N 375 
# 
_pdbx_initial_refinement_model.id               1 
_pdbx_initial_refinement_model.entity_id_list   ? 
_pdbx_initial_refinement_model.type             'experimental model' 
_pdbx_initial_refinement_model.source_name      PDB 
_pdbx_initial_refinement_model.accession_code   1OOF 
_pdbx_initial_refinement_model.details          'PDB ENTRY 1OOF' 
# 
_atom_sites.entry_id                    1OOI 
_atom_sites.fract_transf_matrix[1][1]   -0.00160727 
_atom_sites.fract_transf_matrix[1][2]   0.02079185 
_atom_sites.fract_transf_matrix[1][3]   -0.00003755 
_atom_sites.fract_transf_matrix[2][1]   -0.01744520 
_atom_sites.fract_transf_matrix[2][2]   0.00912202 
_atom_sites.fract_transf_matrix[2][3]   0.00688062 
_atom_sites.fract_transf_matrix[3][1]   0.00568742 
_atom_sites.fract_transf_matrix[3][2]   0.00046458 
_atom_sites.fract_transf_matrix[3][3]   0.01380403 
_atom_sites.fract_transf_vector[1]      0.947278 
_atom_sites.fract_transf_vector[2]      0.458358 
_atom_sites.fract_transf_vector[3]      0.001827 
# 
loop_
_atom_type.symbol 
C 
N 
O 
S 
# 
loop_
_atom_site.group_PDB 
_atom_site.id 
_atom_site.type_symbol 
_atom_site.label_atom_id 
_atom_site.label_alt_id 
_atom_site.label_comp_id 
_atom_site.label_asym_id 
_atom_site.label_entity_id 
_atom_site.label_seq_id 
_atom_site.pdbx_PDB_ins_code 
_atom_site.Cartn_x 
_atom_site.Cartn_y 
_atom_site.Cartn_z 
_atom_site.occupancy 
_atom_site.B_iso_or_equiv 
_atom_site.pdbx_formal_charge 
_atom_site.auth_seq_id 
_atom_site.auth_comp_id 
_atom_site.auth_asym_id 
_atom_site.auth_atom_id 
_atom_site.pdbx_PDB_model_num 
ATOM   1    N N   . MET A 1 1   ? -16.709 -2.218  7.984   1.00 48.00 ? 1   MET X N   1 
ATOM   2    C CA  . MET A 1 1   ? -15.538 -1.531  8.591   1.00 48.71 ? 1   MET X CA  1 
ATOM   3    C C   . MET A 1 1   ? -15.852 -0.058  8.665   1.00 47.40 ? 1   MET X C   1 
ATOM   4    O O   . MET A 1 1   ? -16.484 0.504   7.773   1.00 46.82 ? 1   MET X O   1 
ATOM   5    C CB  . MET A 1 1   ? -14.273 -1.760  7.766   1.00 47.71 ? 1   MET X CB  1 
ATOM   6    C CG  . MET A 1 1   ? -13.044 -1.066  8.327   1.00 50.69 ? 1   MET X CG  1 
ATOM   7    S SD  . MET A 1 1   ? -11.612 -1.296  7.275   1.00 52.02 ? 1   MET X SD  1 
ATOM   8    C CE  . MET A 1 1   ? -11.612 -3.056  7.141   1.00 53.17 ? 1   MET X CE  1 
ATOM   9    N N   . THR A 1 2   ? -15.436 0.574   9.744   1.00 45.72 ? 2   THR X N   1 
ATOM   10   C CA  . THR A 1 2   ? -15.715 1.976   9.881   1.00 44.86 ? 2   THR X CA  1 
ATOM   11   C C   . THR A 1 2   ? -14.482 2.687   9.397   1.00 40.71 ? 2   THR X C   1 
ATOM   12   O O   . THR A 1 2   ? -13.404 2.094   9.327   1.00 41.18 ? 2   THR X O   1 
ATOM   13   C CB  . THR A 1 2   ? -15.987 2.308   11.344  1.00 45.98 ? 2   THR X CB  1 
ATOM   14   O OG1 . THR A 1 2   ? -14.786 2.137   12.103  1.00 45.35 ? 2   THR X OG1 1 
ATOM   15   C CG2 . THR A 1 2   ? -16.925 1.273   11.941  1.00 47.60 ? 2   THR X CG2 1 
ATOM   16   N N   . MET A 1 3   ? -14.633 3.945   9.023   1.00 40.01 ? 3   MET X N   1 
ATOM   17   C CA  . MET A 1 3   ? -13.461 4.713   8.681   1.00 38.44 ? 3   MET X CA  1 
ATOM   18   C C   . MET A 1 3   ? -12.598 4.728   9.932   1.00 37.01 ? 3   MET X C   1 
ATOM   19   O O   . MET A 1 3   ? -11.380 4.890   9.867   1.00 35.61 ? 3   MET X O   1 
ATOM   20   C CB  . MET A 1 3   ? -13.833 6.137   8.302   1.00 36.84 ? 3   MET X CB  1 
ATOM   21   C CG  . MET A 1 3   ? -12.623 6.946   7.921   1.00 45.53 ? 3   MET X CG  1 
ATOM   22   S SD  . MET A 1 3   ? -11.646 6.040   6.718   1.00 49.03 ? 3   MET X SD  1 
ATOM   23   C CE  . MET A 1 3   ? -12.750 6.122   5.314   1.00 41.83 ? 3   MET X CE  1 
ATOM   24   N N   . GLU A 1 4   ? -13.247 4.542   11.075  1.00 35.70 ? 4   GLU X N   1 
ATOM   25   C CA  . GLU A 1 4   ? -12.558 4.557   12.354  1.00 34.61 ? 4   GLU X CA  1 
ATOM   26   C C   . GLU A 1 4   ? -11.684 3.311   12.523  1.00 34.80 ? 4   GLU X C   1 
ATOM   27   O O   . GLU A 1 4   ? -10.521 3.423   12.909  1.00 32.85 ? 4   GLU X O   1 
ATOM   28   C CB  . GLU A 1 4   ? -13.560 4.720   13.499  1.00 37.26 ? 4   GLU X CB  1 
ATOM   29   C CG  . GLU A 1 4   ? -12.972 5.336   14.755  1.00 37.92 ? 4   GLU X CG  1 
ATOM   30   C CD  . GLU A 1 4   ? -12.109 4.357   15.518  1.00 40.68 ? 4   GLU X CD  1 
ATOM   31   O OE1 . GLU A 1 4   ? -12.461 3.158   15.543  1.00 46.69 ? 4   GLU X OE1 1 
ATOM   32   O OE2 . GLU A 1 4   ? -11.082 4.780   16.086  1.00 42.86 ? 4   GLU X OE2 1 
ATOM   33   N N   . GLN A 1 5   ? -12.230 2.134   12.220  1.00 34.79 ? 5   GLN X N   1 
ATOM   34   C CA  . GLN A 1 5   ? -11.452 0.895   12.288  1.00 36.63 ? 5   GLN X CA  1 
ATOM   35   C C   . GLN A 1 5   ? -10.322 0.911   11.251  1.00 33.34 ? 5   GLN X C   1 
ATOM   36   O O   . GLN A 1 5   ? -9.245  0.366   11.487  1.00 33.33 ? 5   GLN X O   1 
ATOM   37   C CB  . GLN A 1 5   ? -12.332 -0.343  12.054  1.00 38.70 ? 5   GLN X CB  1 
ATOM   38   C CG  . GLN A 1 5   ? -13.453 -0.594  13.065  1.00 45.62 ? 5   GLN X CG  1 
ATOM   39   C CD  . GLN A 1 5   ? -14.538 -1.497  12.490  1.00 45.51 ? 5   GLN X CD  1 
ATOM   40   O OE1 . GLN A 1 5   ? -15.718 -1.150  12.510  1.00 54.33 ? 5   GLN X OE1 1 
ATOM   41   N NE2 . GLN A 1 5   ? -14.133 -2.645  11.957  1.00 52.43 ? 5   GLN X NE2 1 
ATOM   42   N N   . PHE A 1 6   ? -10.575 1.531   10.102  1.00 29.71 ? 6   PHE X N   1 
ATOM   43   C CA  . PHE A 1 6   ? -9.575  1.601   9.037   1.00 26.31 ? 6   PHE X CA  1 
ATOM   44   C C   . PHE A 1 6   ? -8.328  2.362   9.502   1.00 24.32 ? 6   PHE X C   1 
ATOM   45   O O   . PHE A 1 6   ? -7.202  1.900   9.311   1.00 25.16 ? 6   PHE X O   1 
ATOM   46   C CB  . PHE A 1 6   ? -10.184 2.232   7.775   1.00 27.42 ? 6   PHE X CB  1 
ATOM   47   C CG  . PHE A 1 6   ? -9.225  2.355   6.616   1.00 30.88 ? 6   PHE X CG  1 
ATOM   48   C CD1 . PHE A 1 6   ? -8.677  1.231   6.015   1.00 33.49 ? 6   PHE X CD1 1 
ATOM   49   C CD2 . PHE A 1 6   ? -8.890  3.603   6.113   1.00 32.99 ? 6   PHE X CD2 1 
ATOM   50   C CE1 . PHE A 1 6   ? -7.802  1.353   4.944   1.00 34.39 ? 6   PHE X CE1 1 
ATOM   51   C CE2 . PHE A 1 6   ? -8.017  3.731   5.048   1.00 32.85 ? 6   PHE X CE2 1 
ATOM   52   C CZ  . PHE A 1 6   ? -7.473  2.606   4.463   1.00 30.80 ? 6   PHE X CZ  1 
ATOM   53   N N   . LEU A 1 7   ? -8.545  3.509   10.139  1.00 23.35 ? 7   LEU X N   1 
ATOM   54   C CA  . LEU A 1 7   ? -7.465  4.372   10.615  1.00 24.42 ? 7   LEU X CA  1 
ATOM   55   C C   . LEU A 1 7   ? -6.625  3.698   11.695  1.00 25.54 ? 7   LEU X C   1 
ATOM   56   O O   . LEU A 1 7   ? -5.393  3.759   11.669  1.00 20.64 ? 7   LEU X O   1 
ATOM   57   C CB  . LEU A 1 7   ? -8.051  5.683   11.141  1.00 26.38 ? 7   LEU X CB  1 
ATOM   58   C CG  . LEU A 1 7   ? -7.104  6.854   11.402  1.00 29.09 ? 7   LEU X CG  1 
ATOM   59   C CD1 . LEU A 1 7   ? -6.065  6.964   10.301  1.00 35.50 ? 7   LEU X CD1 1 
ATOM   60   C CD2 . LEU A 1 7   ? -7.898  8.145   11.530  1.00 35.08 ? 7   LEU X CD2 1 
ATOM   61   N N   . THR A 1 8   ? -7.303  3.068   12.649  1.00 26.50 ? 8   THR X N   1 
ATOM   62   C CA  . THR A 1 8   ? -6.621  2.322   13.695  1.00 26.94 ? 8   THR X CA  1 
ATOM   63   C C   . THR A 1 8   ? -5.775  1.234   13.053  1.00 24.71 ? 8   THR X C   1 
ATOM   64   O O   . THR A 1 8   ? -4.649  0.991   13.476  1.00 25.64 ? 8   THR X O   1 
ATOM   65   C CB  . THR A 1 8   ? -7.629  1.666   14.660  1.00 30.44 ? 8   THR X CB  1 
ATOM   66   O OG1 . THR A 1 8   ? -8.350  2.674   15.377  1.00 33.05 ? 8   THR X OG1 1 
ATOM   67   C CG2 . THR A 1 8   ? -6.893  0.908   15.761  1.00 33.42 ? 8   THR X CG2 1 
ATOM   68   N N   . SER A 1 9   ? -6.314  0.567   12.037  1.00 27.59 ? 9   SER X N   1 
ATOM   69   C CA  . SER A 1 9   ? -5.544  -0.476  11.368  1.00 29.20 ? 9   SER X CA  1 
ATOM   70   C C   . SER A 1 9   ? -4.293  0.104   10.718  1.00 30.41 ? 9   SER X C   1 
ATOM   71   O O   . SER A 1 9   ? -3.212  -0.476  10.824  1.00 31.26 ? 9   SER X O   1 
ATOM   72   C CB  . SER A 1 9   ? -6.383  -1.243  10.339  1.00 31.77 ? 9   SER X CB  1 
ATOM   73   O OG  . SER A 1 9   ? -6.506  -0.531  9.119   1.00 35.81 ? 9   SER X OG  1 
ATOM   74   N N   . LEU A 1 10  ? -4.440  1.244   10.049  1.00 28.13 ? 10  LEU X N   1 
ATOM   75   C CA  . LEU A 1 10  ? -3.300  1.898   9.417   1.00 28.25 ? 10  LEU X CA  1 
ATOM   76   C C   . LEU A 1 10  ? -2.208  2.153   10.449  1.00 27.56 ? 10  LEU X C   1 
ATOM   77   O O   . LEU A 1 10  ? -1.027  1.961   10.170  1.00 26.98 ? 10  LEU X O   1 
ATOM   78   C CB  . LEU A 1 10  ? -3.712  3.214   8.748   1.00 23.88 ? 10  LEU X CB  1 
ATOM   79   C CG  . LEU A 1 10  ? -4.678  3.119   7.561   1.00 29.21 ? 10  LEU X CG  1 
ATOM   80   C CD1 . LEU A 1 10  ? -5.031  4.501   7.022   1.00 33.89 ? 10  LEU X CD1 1 
ATOM   81   C CD2 . LEU A 1 10  ? -4.109  2.243   6.456   1.00 25.31 ? 10  LEU X CD2 1 
ATOM   82   N N   . ASP A 1 11  ? -2.601  2.566   11.650  1.00 29.63 ? 11  ASP X N   1 
ATOM   83   C CA  . ASP A 1 11  ? -1.618  2.880   12.682  1.00 29.92 ? 11  ASP X CA  1 
ATOM   84   C C   . ASP A 1 11  ? -0.967  1.633   13.265  1.00 29.83 ? 11  ASP X C   1 
ATOM   85   O O   . ASP A 1 11  ? 0.212   1.650   13.616  1.00 29.08 ? 11  ASP X O   1 
ATOM   86   C CB  . ASP A 1 11  ? -2.235  3.730   13.796  1.00 32.46 ? 11  ASP X CB  1 
ATOM   87   C CG  . ASP A 1 11  ? -2.662  5.101   13.312  1.00 37.64 ? 11  ASP X CG  1 
ATOM   88   O OD1 . ASP A 1 11  ? -2.258  5.492   12.198  1.00 32.06 ? 11  ASP X OD1 1 
ATOM   89   O OD2 . ASP A 1 11  ? -3.402  5.856   13.977  1.00 37.34 ? 11  ASP X OD2 1 
ATOM   90   N N   . MET A 1 12  ? -1.737  0.555   13.365  1.00 31.62 ? 12  MET X N   1 
ATOM   91   C CA  . MET A 1 12  ? -1.224  -0.694  13.909  1.00 34.10 ? 12  MET X CA  1 
ATOM   92   C C   . MET A 1 12  ? -0.204  -1.283  12.943  1.00 32.01 ? 12  MET X C   1 
ATOM   93   O O   . MET A 1 12  ? 0.903   -1.654  13.335  1.00 32.00 ? 12  MET X O   1 
ATOM   94   C CB  . MET A 1 12  ? -2.375  -1.670  14.184  1.00 36.42 ? 12  MET X CB  1 
ATOM   95   C CG  . MET A 1 12  ? -3.453  -1.072  15.091  1.00 47.54 ? 12  MET X CG  1 
ATOM   96   S SD  . MET A 1 12  ? -4.711  -2.204  15.750  1.00 60.30 ? 12  MET X SD  1 
ATOM   97   C CE  . MET A 1 12  ? -5.804  -2.453  14.322  1.00 60.70 ? 12  MET X CE  1 
ATOM   98   N N   . ILE A 1 13  ? -0.580  -1.339  11.672  1.00 32.23 ? 13  ILE X N   1 
ATOM   99   C CA  . ILE A 1 13  ? 0.303   -1.836  10.627  1.00 29.83 ? 13  ILE X CA  1 
ATOM   100  C C   . ILE A 1 13  ? 1.628   -1.077  10.584  1.00 30.91 ? 13  ILE X C   1 
ATOM   101  O O   . ILE A 1 13  ? 2.692   -1.694  10.557  1.00 30.22 ? 13  ILE X O   1 
ATOM   102  C CB  . ILE A 1 13  ? -0.410  -1.801  9.275   1.00 32.61 ? 13  ILE X CB  1 
ATOM   103  C CG1 . ILE A 1 13  ? -1.456  -2.912  9.246   1.00 27.03 ? 13  ILE X CG1 1 
ATOM   104  C CG2 . ILE A 1 13  ? 0.582   -1.980  8.137   1.00 30.22 ? 13  ILE X CG2 1 
ATOM   105  C CD1 . ILE A 1 13  ? -2.450  -2.784  8.137   1.00 40.48 ? 13  ILE X CD1 1 
ATOM   106  N N   . ARG A 1 14  ? 1.574   0.253   10.602  1.00 28.88 ? 14  ARG X N   1 
ATOM   107  C CA  . ARG A 1 14  ? 2.812   1.030   10.590  1.00 30.47 ? 14  ARG X CA  1 
ATOM   108  C C   . ARG A 1 14  ? 3.704   0.751   11.800  1.00 32.43 ? 14  ARG X C   1 
ATOM   109  O O   . ARG A 1 14  ? 4.926   0.756   11.679  1.00 31.22 ? 14  ARG X O   1 
ATOM   110  C CB  . ARG A 1 14  ? 2.562   2.536   10.513  1.00 29.76 ? 14  ARG X CB  1 
ATOM   111  C CG  . ARG A 1 14  ? 3.836   3.320   10.842  1.00 31.73 ? 14  ARG X CG  1 
ATOM   112  C CD  . ARG A 1 14  ? 3.669   4.811   11.060  1.00 32.02 ? 14  ARG X CD  1 
ATOM   113  N NE  . ARG A 1 14  ? 3.258   5.511   9.849   1.00 25.97 ? 14  ARG X NE  1 
ATOM   114  C CZ  . ARG A 1 14  ? 2.744   6.733   9.844   1.00 37.44 ? 14  ARG X CZ  1 
ATOM   115  N NH1 . ARG A 1 14  ? 2.581   7.385   10.986  1.00 35.80 ? 14  ARG X NH1 1 
ATOM   116  N NH2 . ARG A 1 14  ? 2.390   7.305   8.701   1.00 32.60 ? 14  ARG X NH2 1 
ATOM   117  N N   . SER A 1 15  ? 3.099   0.532   12.965  1.00 33.97 ? 15  SER X N   1 
ATOM   118  C CA  . SER A 1 15  ? 3.873   0.255   14.177  1.00 35.00 ? 15  SER X CA  1 
ATOM   119  C C   . SER A 1 15  ? 4.641   -1.065  14.111  1.00 33.54 ? 15  SER X C   1 
ATOM   120  O O   . SER A 1 15  ? 5.721   -1.183  14.684  1.00 35.58 ? 15  SER X O   1 
ATOM   121  C CB  . SER A 1 15  ? 2.980   0.287   15.420  1.00 34.61 ? 15  SER X CB  1 
ATOM   122  O OG  . SER A 1 15  ? 1.915   -0.638  15.303  1.00 42.76 ? 15  SER X OG  1 
ATOM   123  N N   . GLY A 1 16  ? 4.080   -2.056  13.423  1.00 32.63 ? 16  GLY X N   1 
ATOM   124  C CA  . GLY A 1 16  ? 4.750   -3.332  13.243  1.00 33.67 ? 16  GLY X CA  1 
ATOM   125  C C   . GLY A 1 16  ? 5.868   -3.275  12.214  1.00 34.26 ? 16  GLY X C   1 
ATOM   126  O O   . GLY A 1 16  ? 6.904   -3.922  12.366  1.00 33.56 ? 16  GLY X O   1 
ATOM   127  N N   . CYS A 1 17  ? 5.675   -2.482  11.167  1.00 28.96 ? 17  CYS X N   1 
ATOM   128  C CA  . CYS A 1 17  ? 6.657   -2.434  10.094  1.00 28.00 ? 17  CYS X CA  1 
ATOM   129  C C   . CYS A 1 17  ? 7.756   -1.407  10.306  1.00 30.27 ? 17  CYS X C   1 
ATOM   130  O O   . CYS A 1 17  ? 8.924   -1.675  10.031  1.00 28.58 ? 17  CYS X O   1 
ATOM   131  C CB  . CYS A 1 17  ? 5.965   -2.253  8.747   1.00 25.64 ? 17  CYS X CB  1 
ATOM   132  S SG  . CYS A 1 17  ? 5.190   -3.788  8.213   1.00 25.81 ? 17  CYS X SG  1 
ATOM   133  N N   . ALA A 1 18  ? 7.392   -0.240  10.819  1.00 33.48 ? 18  ALA X N   1 
ATOM   134  C CA  . ALA A 1 18  ? 8.378   0.805   11.040  1.00 36.27 ? 18  ALA X CA  1 
ATOM   135  C C   . ALA A 1 18  ? 9.666   0.289   11.697  1.00 35.61 ? 18  ALA X C   1 
ATOM   136  O O   . ALA A 1 18  ? 10.755  0.500   11.167  1.00 39.50 ? 18  ALA X O   1 
ATOM   137  C CB  . ALA A 1 18  ? 7.779   1.955   11.849  1.00 36.35 ? 18  ALA X CB  1 
ATOM   138  N N   . PRO A 1 19  ? 9.535   -0.404  12.830  1.00 38.08 ? 19  PRO X N   1 
ATOM   139  C CA  . PRO A 1 19  ? 10.688  -0.859  13.623  1.00 37.34 ? 19  PRO X CA  1 
ATOM   140  C C   . PRO A 1 19  ? 11.840  -1.501  12.856  1.00 35.52 ? 19  PRO X C   1 
ATOM   141  O O   . PRO A 1 19  ? 12.998  -1.274  13.205  1.00 35.36 ? 19  PRO X O   1 
ATOM   142  C CB  . PRO A 1 19  ? 10.068  -1.900  14.560  1.00 39.60 ? 19  PRO X CB  1 
ATOM   143  C CG  . PRO A 1 19  ? 8.669   -1.460  14.731  1.00 40.01 ? 19  PRO X CG  1 
ATOM   144  C CD  . PRO A 1 19  ? 8.258   -0.813  13.439  1.00 39.30 ? 19  PRO X CD  1 
ATOM   145  N N   . LYS A 1 20  ? 11.524  -2.304  11.847  1.00 35.92 ? 20  LYS X N   1 
ATOM   146  C CA  . LYS A 1 20  ? 12.532  -3.001  11.053  1.00 32.73 ? 20  LYS X CA  1 
ATOM   147  C C   . LYS A 1 20  ? 13.409  -2.097  10.195  1.00 29.29 ? 20  LYS X C   1 
ATOM   148  O O   . LYS A 1 20  ? 14.483  -2.506  9.755   1.00 28.49 ? 20  LYS X O   1 
ATOM   149  C CB  . LYS A 1 20  ? 11.849  -4.003  10.121  1.00 34.38 ? 20  LYS X CB  1 
ATOM   150  C CG  . LYS A 1 20  ? 10.897  -4.946  10.822  1.00 43.12 ? 20  LYS X CG  1 
ATOM   151  C CD  . LYS A 1 20  ? 10.321  -5.998  9.882   1.00 51.75 ? 20  LYS X CD  1 
ATOM   152  C CE  . LYS A 1 20  ? 9.194   -6.758  10.575  1.00 61.01 ? 20  LYS X CE  1 
ATOM   153  N NZ  . LYS A 1 20  ? 8.718   -7.967  9.843   1.00 63.96 ? 20  LYS X NZ  1 
ATOM   154  N N   . PHE A 1 21  ? 12.953  -0.879  9.937   1.00 28.01 ? 21  PHE X N   1 
ATOM   155  C CA  . PHE A 1 21  ? 13.683  -0.005  9.030   1.00 27.22 ? 21  PHE X CA  1 
ATOM   156  C C   . PHE A 1 21  ? 14.054  1.336   9.629   1.00 29.42 ? 21  PHE X C   1 
ATOM   157  O O   . PHE A 1 21  ? 13.532  1.739   10.668  1.00 28.02 ? 21  PHE X O   1 
ATOM   158  C CB  . PHE A 1 21  ? 12.865  0.213   7.754   1.00 25.53 ? 21  PHE X CB  1 
ATOM   159  C CG  . PHE A 1 21  ? 12.286  -1.050  7.196   1.00 26.87 ? 21  PHE X CG  1 
ATOM   160  C CD1 . PHE A 1 21  ? 11.012  -1.462  7.553   1.00 16.53 ? 21  PHE X CD1 1 
ATOM   161  C CD2 . PHE A 1 21  ? 13.024  -1.842  6.335   1.00 26.97 ? 21  PHE X CD2 1 
ATOM   162  C CE1 . PHE A 1 21  ? 10.481  -2.634  7.052   1.00 17.85 ? 21  PHE X CE1 1 
ATOM   163  C CE2 . PHE A 1 21  ? 12.501  -3.015  5.831   1.00 18.33 ? 21  PHE X CE2 1 
ATOM   164  C CZ  . PHE A 1 21  ? 11.227  -3.412  6.188   1.00 15.14 ? 21  PHE X CZ  1 
ATOM   165  N N   . LYS A 1 22  ? 14.976  2.019   8.965   1.00 26.16 ? 22  LYS X N   1 
ATOM   166  C CA  . LYS A 1 22  ? 15.355  3.356   9.373   1.00 30.35 ? 22  LYS X CA  1 
ATOM   167  C C   . LYS A 1 22  ? 14.655  4.310   8.425   1.00 26.57 ? 22  LYS X C   1 
ATOM   168  O O   . LYS A 1 22  ? 15.067  4.492   7.277   1.00 27.03 ? 22  LYS X O   1 
ATOM   169  C CB  . LYS A 1 22  ? 16.865  3.550   9.335   1.00 31.27 ? 22  LYS X CB  1 
ATOM   170  C CG  . LYS A 1 22  ? 17.303  4.954   9.708   1.00 39.37 ? 22  LYS X CG  1 
ATOM   171  C CD  . LYS A 1 22  ? 18.816  5.067   9.684   1.00 49.95 ? 22  LYS X CD  1 
ATOM   172  C CE  . LYS A 1 22  ? 19.288  6.465   10.049  1.00 54.42 ? 22  LYS X CE  1 
ATOM   173  N NZ  . LYS A 1 22  ? 20.773  6.555   10.093  1.00 57.16 ? 22  LYS X NZ  1 
ATOM   174  N N   . LEU A 1 23  ? 13.587  4.912   8.929   1.00 27.08 ? 23  LEU X N   1 
ATOM   175  C CA  . LEU A 1 23  ? 12.714  5.744   8.124   1.00 26.31 ? 23  LEU X CA  1 
ATOM   176  C C   . LEU A 1 23  ? 12.576  7.145   8.698   1.00 28.62 ? 23  LEU X C   1 
ATOM   177  O O   . LEU A 1 23  ? 12.721  7.350   9.904   1.00 26.57 ? 23  LEU X O   1 
ATOM   178  C CB  . LEU A 1 23  ? 11.325  5.104   8.075   1.00 26.01 ? 23  LEU X CB  1 
ATOM   179  C CG  . LEU A 1 23  ? 11.185  3.659   7.595   1.00 24.54 ? 23  LEU X CG  1 
ATOM   180  C CD1 . LEU A 1 23  ? 9.819   3.120   7.974   1.00 25.39 ? 23  LEU X CD1 1 
ATOM   181  C CD2 . LEU A 1 23  ? 11.393  3.568   6.098   1.00 25.75 ? 23  LEU X CD2 1 
ATOM   182  N N   . LYS A 1 24  ? 12.291  8.104   7.822   1.00 27.40 ? 24  LYS X N   1 
ATOM   183  C CA  . LYS A 1 24  ? 12.029  9.478   8.233   1.00 29.43 ? 24  LYS X CA  1 
ATOM   184  C C   . LYS A 1 24  ? 10.525  9.681   8.413   1.00 28.02 ? 24  LYS X C   1 
ATOM   185  O O   . LYS A 1 24  ? 9.736   9.422   7.505   1.00 29.40 ? 24  LYS X O   1 
ATOM   186  C CB  . LYS A 1 24  ? 12.589  10.471  7.214   1.00 29.98 ? 24  LYS X CB  1 
ATOM   187  C CG  . LYS A 1 24  ? 14.097  10.378  7.033   1.00 35.47 ? 24  LYS X CG  1 
ATOM   188  C CD  . LYS A 1 24  ? 14.637  11.527  6.194   1.00 46.46 ? 24  LYS X CD  1 
ATOM   189  C CE  . LYS A 1 24  ? 16.146  11.422  6.024   1.00 55.08 ? 24  LYS X CE  1 
ATOM   190  N NZ  . LYS A 1 24  ? 16.678  12.419  5.051   1.00 56.51 ? 24  LYS X NZ  1 
ATOM   191  N N   . THR A 1 25  ? 10.141  10.155  9.592   1.00 29.46 ? 25  THR X N   1 
ATOM   192  C CA  . THR A 1 25  ? 8.734   10.301  9.954   1.00 29.67 ? 25  THR X CA  1 
ATOM   193  C C   . THR A 1 25  ? 7.938   11.138  8.965   1.00 27.65 ? 25  THR X C   1 
ATOM   194  O O   . THR A 1 25  ? 6.763   10.870  8.712   1.00 27.42 ? 25  THR X O   1 
ATOM   195  C CB  . THR A 1 25  ? 8.618   10.899  11.362  1.00 31.13 ? 25  THR X CB  1 
ATOM   196  O OG1 . THR A 1 25  ? 9.357   10.088  12.284  1.00 33.55 ? 25  THR X OG1 1 
ATOM   197  C CG2 . THR A 1 25  ? 7.186   10.800  11.869  1.00 27.76 ? 25  THR X CG2 1 
ATOM   198  N N   . GLU A 1 26  ? 8.574   12.163  8.416   1.00 27.61 ? 26  GLU X N   1 
ATOM   199  C CA  . GLU A 1 26  ? 7.913   12.986  7.421   1.00 26.73 ? 26  GLU X CA  1 
ATOM   200  C C   . GLU A 1 26  ? 7.667   12.190  6.136   1.00 27.23 ? 26  GLU X C   1 
ATOM   201  O O   . GLU A 1 26  ? 6.755   12.511  5.376   1.00 25.24 ? 26  GLU X O   1 
ATOM   202  C CB  . GLU A 1 26  ? 8.729   14.247  7.135   1.00 28.60 ? 26  GLU X CB  1 
ATOM   203  C CG  . GLU A 1 26  ? 8.797   15.219  8.305   1.00 34.66 ? 26  GLU X CG  1 
ATOM   204  C CD  . GLU A 1 26  ? 9.819   14.810  9.350   1.00 36.63 ? 26  GLU X CD  1 
ATOM   205  O OE1 . GLU A 1 26  ? 10.708  13.991  9.033   1.00 37.10 ? 26  GLU X OE1 1 
ATOM   206  O OE2 . GLU A 1 26  ? 9.731   15.308  10.492  1.00 43.92 ? 26  GLU X OE2 1 
ATOM   207  N N   . ASP A 1 27  ? 8.474   11.159  5.884   1.00 23.96 ? 27  ASP X N   1 
ATOM   208  C CA  . ASP A 1 27  ? 8.262   10.326  4.699   1.00 25.91 ? 27  ASP X CA  1 
ATOM   209  C C   . ASP A 1 27  ? 6.985   9.527   4.895   1.00 23.23 ? 27  ASP X C   1 
ATOM   210  O O   . ASP A 1 27  ? 6.123   9.493   4.019   1.00 24.25 ? 27  ASP X O   1 
ATOM   211  C CB  . ASP A 1 27  ? 9.450   9.399   4.417   1.00 21.93 ? 27  ASP X CB  1 
ATOM   212  C CG  . ASP A 1 27  ? 10.627  10.133  3.814   1.00 27.97 ? 27  ASP X CG  1 
ATOM   213  O OD1 . ASP A 1 27  ? 10.463  11.323  3.477   1.00 32.34 ? 27  ASP X OD1 1 
ATOM   214  O OD2 . ASP A 1 27  ? 11.751  9.613   3.640   1.00 28.44 ? 27  ASP X OD2 1 
ATOM   215  N N   . LEU A 1 28  ? 6.859   8.909   6.064   1.00 24.17 ? 28  LEU X N   1 
ATOM   216  C CA  . LEU A 1 28  ? 5.676   8.124   6.385   1.00 23.05 ? 28  LEU X CA  1 
ATOM   217  C C   . LEU A 1 28  ? 4.428   8.991   6.311   1.00 23.23 ? 28  LEU X C   1 
ATOM   218  O O   . LEU A 1 28  ? 3.395   8.566   5.795   1.00 22.45 ? 28  LEU X O   1 
ATOM   219  C CB  . LEU A 1 28  ? 5.807   7.510   7.776   1.00 22.27 ? 28  LEU X CB  1 
ATOM   220  C CG  . LEU A 1 28  ? 6.982   6.542   7.885   1.00 23.29 ? 28  LEU X CG  1 
ATOM   221  C CD1 . LEU A 1 28  ? 7.000   5.864   9.242   1.00 21.70 ? 28  LEU X CD1 1 
ATOM   222  C CD2 . LEU A 1 28  ? 6.907   5.517   6.764   1.00 25.13 ? 28  LEU X CD2 1 
ATOM   223  N N   . ASP A 1 29  ? 4.543   10.210  6.827   1.00 23.00 ? 29  ASP X N   1 
ATOM   224  C CA  . ASP A 1 29  ? 3.442   11.165  6.828   1.00 22.81 ? 29  ASP X CA  1 
ATOM   225  C C   . ASP A 1 29  ? 2.954   11.456  5.410   1.00 21.72 ? 29  ASP X C   1 
ATOM   226  O O   . ASP A 1 29  ? 1.751   11.578  5.168   1.00 22.40 ? 29  ASP X O   1 
ATOM   227  C CB  . ASP A 1 29  ? 3.874   12.468  7.507   1.00 21.31 ? 29  ASP X CB  1 
ATOM   228  C CG  . ASP A 1 29  ? 4.027   12.329  9.016   1.00 28.94 ? 29  ASP X CG  1 
ATOM   229  O OD1 . ASP A 1 29  ? 3.329   11.487  9.618   1.00 34.12 ? 29  ASP X OD1 1 
ATOM   230  O OD2 . ASP A 1 29  ? 4.818   13.028  9.687   1.00 37.43 ? 29  ASP X OD2 1 
ATOM   231  N N   . ARG A 1 30  ? 3.900   11.584  4.481   1.00 20.63 ? 30  ARG X N   1 
ATOM   232  C CA  . ARG A 1 30  ? 3.584   11.810  3.075   1.00 22.86 ? 30  ARG X CA  1 
ATOM   233  C C   . ARG A 1 30  ? 2.853   10.596  2.486   1.00 22.90 ? 30  ARG X C   1 
ATOM   234  O O   . ARG A 1 30  ? 1.821   10.745  1.833   1.00 24.20 ? 30  ARG X O   1 
ATOM   235  C CB  . ARG A 1 30  ? 4.854   12.146  2.273   1.00 23.03 ? 30  ARG X CB  1 
ATOM   236  C CG  . ARG A 1 30  ? 5.300   13.616  2.367   1.00 24.85 ? 30  ARG X CG  1 
ATOM   237  C CD  . ARG A 1 30  ? 6.664   13.942  1.729   1.00 33.91 ? 30  ARG X CD  1 
ATOM   238  N NE  . ARG A 1 30  ? 7.693   14.197  2.737   1.00 41.55 ? 30  ARG X NE  1 
ATOM   239  C CZ  . ARG A 1 30  ? 8.999   14.038  2.549   1.00 47.29 ? 30  ARG X CZ  1 
ATOM   240  N NH1 . ARG A 1 30  ? 9.466   13.618  1.381   1.00 47.35 ? 30  ARG X NH1 1 
ATOM   241  N NH2 . ARG A 1 30  ? 9.844   14.300  3.538   1.00 46.17 ? 30  ARG X NH2 1 
ATOM   242  N N   . LEU A 1 31  ? 3.373   9.396   2.732   1.00 21.46 ? 31  LEU X N   1 
ATOM   243  C CA  . LEU A 1 31  ? 2.730   8.185   2.222   1.00 20.04 ? 31  LEU X CA  1 
ATOM   244  C C   . LEU A 1 31  ? 1.314   8.054   2.767   1.00 20.13 ? 31  LEU X C   1 
ATOM   245  O O   . LEU A 1 31  ? 0.388   7.711   2.034   1.00 21.31 ? 31  LEU X O   1 
ATOM   246  C CB  . LEU A 1 31  ? 3.542   6.933   2.558   1.00 18.34 ? 31  LEU X CB  1 
ATOM   247  C CG  . LEU A 1 31  ? 4.908   6.799   1.882   1.00 17.81 ? 31  LEU X CG  1 
ATOM   248  C CD1 . LEU A 1 31  ? 5.468   5.402   2.098   1.00 24.02 ? 31  LEU X CD1 1 
ATOM   249  C CD2 . LEU A 1 31  ? 4.817   7.114   0.398   1.00 19.44 ? 31  LEU X CD2 1 
ATOM   250  N N   . ARG A 1 32  ? 1.150   8.346   4.053   1.00 21.22 ? 32  ARG X N   1 
ATOM   251  C CA  . ARG A 1 32  ? -0.150  8.246   4.704   1.00 22.66 ? 32  ARG X CA  1 
ATOM   252  C C   . ARG A 1 32  ? -1.244  8.987   3.934   1.00 22.25 ? 32  ARG X C   1 
ATOM   253  O O   . ARG A 1 32  ? -2.361  8.490   3.810   1.00 22.07 ? 32  ARG X O   1 
ATOM   254  C CB  . ARG A 1 32  ? -0.058  8.736   6.157   1.00 23.48 ? 32  ARG X CB  1 
ATOM   255  C CG  . ARG A 1 32  ? -1.386  8.860   6.906   1.00 26.67 ? 32  ARG X CG  1 
ATOM   256  C CD  . ARG A 1 32  ? -2.120  7.544   7.171   1.00 27.54 ? 32  ARG X CD  1 
ATOM   257  N NE  . ARG A 1 32  ? -1.325  6.568   7.915   1.00 28.09 ? 32  ARG X NE  1 
ATOM   258  C CZ  . ARG A 1 32  ? -1.443  6.335   9.218   1.00 34.64 ? 32  ARG X CZ  1 
ATOM   259  N NH1 . ARG A 1 32  ? -2.316  7.022   9.944   1.00 26.29 ? 32  ARG X NH1 1 
ATOM   260  N NH2 . ARG A 1 32  ? -0.680  5.420   9.802   1.00 30.90 ? 32  ARG X NH2 1 
ATOM   261  N N   . VAL A 1 33  ? -0.930  10.166  3.403   1.00 23.58 ? 33  VAL X N   1 
ATOM   262  C CA  . VAL A 1 33  ? -1.943  10.912  2.662   1.00 24.19 ? 33  VAL X CA  1 
ATOM   263  C C   . VAL A 1 33  ? -1.864  10.658  1.165   1.00 26.34 ? 33  VAL X C   1 
ATOM   264  O O   . VAL A 1 33  ? -2.452  11.391  0.372   1.00 28.50 ? 33  VAL X O   1 
ATOM   265  C CB  . VAL A 1 33  ? -1.907  12.428  2.935   1.00 25.55 ? 33  VAL X CB  1 
ATOM   266  C CG1 . VAL A 1 33  ? -2.048  12.708  4.423   1.00 23.48 ? 33  VAL X CG1 1 
ATOM   267  C CG2 . VAL A 1 33  ? -0.640  13.048  2.373   1.00 24.52 ? 33  VAL X CG2 1 
ATOM   268  N N   . GLY A 1 34  ? -1.124  9.626   0.781   1.00 25.48 ? 34  GLY X N   1 
ATOM   269  C CA  . GLY A 1 34  ? -1.103  9.209   -0.607  1.00 23.59 ? 34  GLY X CA  1 
ATOM   270  C C   . GLY A 1 34  ? -0.206  10.045  -1.483  1.00 23.01 ? 34  GLY X C   1 
ATOM   271  O O   . GLY A 1 34  ? -0.359  10.072  -2.704  1.00 25.25 ? 34  GLY X O   1 
ATOM   272  N N   . ASP A 1 35  ? 0.727   10.744  -0.854  1.00 20.33 ? 35  ASP X N   1 
ATOM   273  C CA  . ASP A 1 35  ? 1.714   11.495  -1.603  1.00 19.55 ? 35  ASP X CA  1 
ATOM   274  C C   . ASP A 1 35  ? 2.975   10.651  -1.793  1.00 18.17 ? 35  ASP X C   1 
ATOM   275  O O   . ASP A 1 35  ? 3.860   10.643  -0.937  1.00 18.79 ? 35  ASP X O   1 
ATOM   276  C CB  . ASP A 1 35  ? 2.052   12.806  -0.897  1.00 20.13 ? 35  ASP X CB  1 
ATOM   277  C CG  . ASP A 1 35  ? 3.210   13.531  -1.547  1.00 26.45 ? 35  ASP X CG  1 
ATOM   278  O OD1 . ASP A 1 35  ? 3.511   13.232  -2.722  1.00 18.38 ? 35  ASP X OD1 1 
ATOM   279  O OD2 . ASP A 1 35  ? 3.880   14.405  -0.962  1.00 25.37 ? 35  ASP X OD2 1 
ATOM   280  N N   . PHE A 1 36  ? 3.045   9.940   -2.916  1.00 16.12 ? 36  PHE X N   1 
ATOM   281  C CA  . PHE A 1 36  ? 4.213   9.125   -3.248  1.00 20.00 ? 36  PHE X CA  1 
ATOM   282  C C   . PHE A 1 36  ? 5.172   9.866   -4.167  1.00 20.19 ? 36  PHE X C   1 
ATOM   283  O O   . PHE A 1 36  ? 6.105   9.273   -4.708  1.00 20.03 ? 36  PHE X O   1 
ATOM   284  C CB  . PHE A 1 36  ? 3.795   7.815   -3.917  1.00 18.99 ? 36  PHE X CB  1 
ATOM   285  C CG  . PHE A 1 36  ? 3.345   6.767   -2.952  1.00 18.39 ? 36  PHE X CG  1 
ATOM   286  C CD1 . PHE A 1 36  ? 2.259   6.996   -2.128  1.00 21.68 ? 36  PHE X CD1 1 
ATOM   287  C CD2 . PHE A 1 36  ? 4.015   5.558   -2.856  1.00 19.68 ? 36  PHE X CD2 1 
ATOM   288  C CE1 . PHE A 1 36  ? 1.840   6.039   -1.230  1.00 17.28 ? 36  PHE X CE1 1 
ATOM   289  C CE2 . PHE A 1 36  ? 3.600   4.594   -1.959  1.00 17.81 ? 36  PHE X CE2 1 
ATOM   290  C CZ  . PHE A 1 36  ? 2.510   4.836   -1.144  1.00 21.84 ? 36  PHE X CZ  1 
ATOM   291  N N   . ASN A 1 37  ? 4.937   11.161  -4.351  1.00 22.69 ? 37  ASN X N   1 
ATOM   292  C CA  . ASN A 1 37  ? 5.789   11.960  -5.221  1.00 23.28 ? 37  ASN X CA  1 
ATOM   293  C C   . ASN A 1 37  ? 7.046   12.494  -4.537  1.00 25.18 ? 37  ASN X C   1 
ATOM   294  O O   . ASN A 1 37  ? 7.173   13.693  -4.291  1.00 24.36 ? 37  ASN X O   1 
ATOM   295  C CB  . ASN A 1 37  ? 5.006   13.113  -5.847  1.00 20.68 ? 37  ASN X CB  1 
ATOM   296  C CG  . ASN A 1 37  ? 5.824   13.880  -6.861  1.00 21.91 ? 37  ASN X CG  1 
ATOM   297  O OD1 . ASN A 1 37  ? 6.689   13.313  -7.529  1.00 23.60 ? 37  ASN X OD1 1 
ATOM   298  N ND2 . ASN A 1 37  ? 5.564   15.176  -6.977  1.00 22.62 ? 37  ASN X ND2 1 
ATOM   299  N N   . PHE A 1 38  ? 7.962   11.583  -4.224  1.00 21.00 ? 38  PHE X N   1 
ATOM   300  C CA  . PHE A 1 38  ? 9.265   11.915  -3.651  1.00 23.58 ? 38  PHE X CA  1 
ATOM   301  C C   . PHE A 1 38  ? 10.125  10.657  -3.731  1.00 25.32 ? 38  PHE X C   1 
ATOM   302  O O   . PHE A 1 38  ? 9.601   9.546   -3.652  1.00 23.70 ? 38  PHE X O   1 
ATOM   303  C CB  . PHE A 1 38  ? 9.156   12.460  -2.215  1.00 22.37 ? 38  PHE X CB  1 
ATOM   304  C CG  . PHE A 1 38  ? 8.729   11.441  -1.191  1.00 25.44 ? 38  PHE X CG  1 
ATOM   305  C CD1 . PHE A 1 38  ? 9.671   10.730  -0.462  1.00 19.91 ? 38  PHE X CD1 1 
ATOM   306  C CD2 . PHE A 1 38  ? 7.386   11.217  -0.934  1.00 17.12 ? 38  PHE X CD2 1 
ATOM   307  C CE1 . PHE A 1 38  ? 9.280   9.801   0.485   1.00 23.19 ? 38  PHE X CE1 1 
ATOM   308  C CE2 . PHE A 1 38  ? 6.990   10.290  0.012   1.00 25.14 ? 38  PHE X CE2 1 
ATOM   309  C CZ  . PHE A 1 38  ? 7.938   9.582   0.723   1.00 17.92 ? 38  PHE X CZ  1 
ATOM   310  N N   . PRO A 1 39  ? 11.434  10.819  -3.904  1.00 26.59 ? 39  PRO X N   1 
ATOM   311  C CA  . PRO A 1 39  ? 12.336  9.672   -4.050  1.00 26.60 ? 39  PRO X CA  1 
ATOM   312  C C   . PRO A 1 39  ? 12.393  8.846   -2.771  1.00 25.61 ? 39  PRO X C   1 
ATOM   313  O O   . PRO A 1 39  ? 12.784  9.362   -1.726  1.00 22.04 ? 39  PRO X O   1 
ATOM   314  C CB  . PRO A 1 39  ? 13.689  10.337  -4.298  1.00 29.11 ? 39  PRO X CB  1 
ATOM   315  C CG  . PRO A 1 39  ? 13.550  11.653  -3.611  1.00 28.02 ? 39  PRO X CG  1 
ATOM   316  C CD  . PRO A 1 39  ? 12.163  12.099  -3.973  1.00 27.13 ? 39  PRO X CD  1 
ATOM   317  N N   . PRO A 1 40  ? 12.025  7.573   -2.855  1.00 21.56 ? 40  PRO X N   1 
ATOM   318  C CA  . PRO A 1 40  ? 11.999  6.715   -1.672  1.00 21.07 ? 40  PRO X CA  1 
ATOM   319  C C   . PRO A 1 40  ? 13.364  6.103   -1.412  1.00 19.89 ? 40  PRO X C   1 
ATOM   320  O O   . PRO A 1 40  ? 14.105  5.817   -2.351  1.00 20.29 ? 40  PRO X O   1 
ATOM   321  C CB  . PRO A 1 40  ? 11.038  5.606   -2.085  1.00 21.79 ? 40  PRO X CB  1 
ATOM   322  C CG  . PRO A 1 40  ? 11.251  5.474   -3.564  1.00 19.15 ? 40  PRO X CG  1 
ATOM   323  C CD  . PRO A 1 40  ? 11.628  6.848   -4.075  1.00 23.75 ? 40  PRO X CD  1 
ATOM   324  N N   . SER A 1 41  ? 13.696  5.916   -0.143  1.00 20.64 ? 41  SER X N   1 
ATOM   325  C CA  . SER A 1 41  ? 14.912  5.212   0.210   1.00 22.94 ? 41  SER X CA  1 
ATOM   326  C C   . SER A 1 41  ? 14.629  3.739   -0.029  1.00 22.78 ? 41  SER X C   1 
ATOM   327  O O   . SER A 1 41  ? 13.472  3.346   -0.184  1.00 23.95 ? 41  SER X O   1 
ATOM   328  C CB  . SER A 1 41  ? 15.229  5.419   1.687   1.00 21.71 ? 41  SER X CB  1 
ATOM   329  O OG  . SER A 1 41  ? 14.200  4.873   2.497   1.00 25.08 ? 41  SER X OG  1 
ATOM   330  N N   . GLN A 1 42  ? 15.672  2.921   -0.059  1.00 22.95 ? 42  GLN X N   1 
ATOM   331  C CA  . GLN A 1 42  ? 15.473  1.484   -0.169  1.00 25.24 ? 42  GLN X CA  1 
ATOM   332  C C   . GLN A 1 42  ? 14.663  0.984   1.031   1.00 25.24 ? 42  GLN X C   1 
ATOM   333  O O   . GLN A 1 42  ? 13.733  0.193   0.873   1.00 26.96 ? 42  GLN X O   1 
ATOM   334  C CB  . GLN A 1 42  ? 16.809  0.751   -0.250  1.00 27.68 ? 42  GLN X CB  1 
ATOM   335  C CG  . GLN A 1 42  ? 16.659  -0.747  -0.422  1.00 31.38 ? 42  GLN X CG  1 
ATOM   336  C CD  . GLN A 1 42  ? 15.911  -1.104  -1.688  1.00 31.96 ? 42  GLN X CD  1 
ATOM   337  O OE1 . GLN A 1 42  ? 16.156  -0.515  -2.741  1.00 34.27 ? 42  GLN X OE1 1 
ATOM   338  N NE2 . GLN A 1 42  ? 14.998  -2.063  -1.595  1.00 29.46 ? 42  GLN X NE2 1 
ATOM   339  N N   . ASP A 1 43  ? 15.015  1.455   2.227   1.00 22.51 ? 43  ASP X N   1 
ATOM   340  C CA  . ASP A 1 43  ? 14.292  1.079   3.441   1.00 21.04 ? 43  ASP X CA  1 
ATOM   341  C C   . ASP A 1 43  ? 12.808  1.418   3.326   1.00 20.89 ? 43  ASP X C   1 
ATOM   342  O O   . ASP A 1 43  ? 11.957  0.657   3.785   1.00 23.78 ? 43  ASP X O   1 
ATOM   343  C CB  . ASP A 1 43  ? 14.846  1.811   4.673   1.00 23.42 ? 43  ASP X CB  1 
ATOM   344  C CG  . ASP A 1 43  ? 15.998  1.076   5.349   1.00 29.45 ? 43  ASP X CG  1 
ATOM   345  O OD1 . ASP A 1 43  ? 16.703  0.284   4.688   1.00 36.58 ? 43  ASP X OD1 1 
ATOM   346  O OD2 . ASP A 1 43  ? 16.283  1.253   6.554   1.00 33.56 ? 43  ASP X OD2 1 
ATOM   347  N N   . LEU A 1 44  ? 12.500  2.574   2.740   1.00 20.72 ? 44  LEU X N   1 
ATOM   348  C CA  . LEU A 1 44  ? 11.109  3.006   2.624   1.00 19.60 ? 44  LEU X CA  1 
ATOM   349  C C   . LEU A 1 44  ? 10.362  2.095   1.674   1.00 18.12 ? 44  LEU X C   1 
ATOM   350  O O   . LEU A 1 44  ? 9.195   1.772   1.894   1.00 12.96 ? 44  LEU X O   1 
ATOM   351  C CB  . LEU A 1 44  ? 11.000  4.460   2.156   1.00 20.91 ? 44  LEU X CB  1 
ATOM   352  C CG  . LEU A 1 44  ? 9.569   5.015   2.133   1.00 24.97 ? 44  LEU X CG  1 
ATOM   353  C CD1 . LEU A 1 44  ? 8.980   5.040   3.538   1.00 26.53 ? 44  LEU X CD1 1 
ATOM   354  C CD2 . LEU A 1 44  ? 9.511   6.398   1.499   1.00 28.87 ? 44  LEU X CD2 1 
ATOM   355  N N   . MET A 1 45  ? 11.038  1.682   0.610   1.00 17.42 ? 45  MET X N   1 
ATOM   356  C CA  . MET A 1 45  ? 10.422  0.767   -0.331  1.00 18.43 ? 45  MET X CA  1 
ATOM   357  C C   . MET A 1 45  ? 10.144  -0.555  0.374   1.00 16.98 ? 45  MET X C   1 
ATOM   358  O O   . MET A 1 45  ? 9.082   -1.146  0.195   1.00 16.73 ? 45  MET X O   1 
ATOM   359  C CB  . MET A 1 45  ? 11.302  0.559   -1.568  1.00 18.27 ? 45  MET X CB  1 
ATOM   360  C CG  . MET A 1 45  ? 11.358  1.772   -2.491  1.00 24.46 ? 45  MET X CG  1 
ATOM   361  S SD  . MET A 1 45  ? 11.853  1.410   -4.197  1.00 25.27 ? 45  MET X SD  1 
ATOM   362  C CE  . MET A 1 45  ? 13.556  0.873   -3.983  1.00 32.03 ? 45  MET X CE  1 
ATOM   363  N N   . CYS A 1 46  ? 11.086  -1.004  1.197   1.00 17.33 ? 46  CYS X N   1 
ATOM   364  C CA  . CYS A 1 46  ? 10.921  -2.279  1.885   1.00 19.00 ? 46  CYS X CA  1 
ATOM   365  C C   . CYS A 1 46  ? 9.825   -2.186  2.939   1.00 19.49 ? 46  CYS X C   1 
ATOM   366  O O   . CYS A 1 46  ? 9.149   -3.175  3.229   1.00 16.67 ? 46  CYS X O   1 
ATOM   367  C CB  . CYS A 1 46  ? 12.246  -2.773  2.467   1.00 18.39 ? 46  CYS X CB  1 
ATOM   368  S SG  . CYS A 1 46  ? 13.377  -3.399  1.206   1.00 22.46 ? 46  CYS X SG  1 
ATOM   369  N N   . TYR A 1 47  ? 9.650   -0.988  3.495   1.00 18.96 ? 47  TYR X N   1 
ATOM   370  C CA  . TYR A 1 47  ? 8.549   -0.717  4.417   1.00 15.11 ? 47  TYR X CA  1 
ATOM   371  C C   . TYR A 1 47  ? 7.210   -1.000  3.722   1.00 13.23 ? 47  TYR X C   1 
ATOM   372  O O   . TYR A 1 47  ? 6.322   -1.604  4.320   1.00 15.82 ? 47  TYR X O   1 
ATOM   373  C CB  . TYR A 1 47  ? 8.594   0.733   4.960   1.00 15.17 ? 47  TYR X CB  1 
ATOM   374  C CG  . TYR A 1 47  ? 7.299   1.186   5.630   1.00 23.26 ? 47  TYR X CG  1 
ATOM   375  C CD1 . TYR A 1 47  ? 6.999   0.819   6.939   1.00 22.51 ? 47  TYR X CD1 1 
ATOM   376  C CD2 . TYR A 1 47  ? 6.370   1.968   4.946   1.00 28.05 ? 47  TYR X CD2 1 
ATOM   377  C CE1 . TYR A 1 47  ? 5.813   1.217   7.547   1.00 23.52 ? 47  TYR X CE1 1 
ATOM   378  C CE2 . TYR A 1 47  ? 5.181   2.369   5.548   1.00 22.91 ? 47  TYR X CE2 1 
ATOM   379  C CZ  . TYR A 1 47  ? 4.910   1.990   6.848   1.00 29.27 ? 47  TYR X CZ  1 
ATOM   380  O OH  . TYR A 1 47  ? 3.737   2.380   7.453   1.00 25.84 ? 47  TYR X OH  1 
ATOM   381  N N   . THR A 1 48  ? 7.065   -0.580  2.462   1.00 15.27 ? 48  THR X N   1 
ATOM   382  C CA  . THR A 1 48  ? 5.806   -0.803  1.733   1.00 14.98 ? 48  THR X CA  1 
ATOM   383  C C   . THR A 1 48  ? 5.530   -2.282  1.486   1.00 13.55 ? 48  THR X C   1 
ATOM   384  O O   . THR A 1 48  ? 4.377   -2.710  1.474   1.00 12.31 ? 48  THR X O   1 
ATOM   385  C CB  . THR A 1 48  ? 5.730   -0.014  0.395   1.00 15.45 ? 48  THR X CB  1 
ATOM   386  O OG1 . THR A 1 48  ? 6.805   -0.398  -0.471  1.00 17.80 ? 48  THR X OG1 1 
ATOM   387  C CG2 . THR A 1 48  ? 5.944   1.476   0.620   1.00 18.17 ? 48  THR X CG2 1 
ATOM   388  N N   . LYS A 1 49  ? 6.586   -3.057  1.272   1.00 15.37 ? 49  LYS X N   1 
ATOM   389  C CA  . LYS A 1 49  ? 6.431   -4.492  1.098   1.00 14.52 ? 49  LYS X CA  1 
ATOM   390  C C   . LYS A 1 49  ? 5.953   -5.093  2.409   1.00 15.17 ? 49  LYS X C   1 
ATOM   391  O O   . LYS A 1 49  ? 5.046   -5.927  2.431   1.00 16.31 ? 49  LYS X O   1 
ATOM   392  C CB  . LYS A 1 49  ? 7.759   -5.135  0.692   1.00 17.46 ? 49  LYS X CB  1 
ATOM   393  C CG  . LYS A 1 49  ? 7.693   -6.646  0.498   1.00 14.00 ? 49  LYS X CG  1 
ATOM   394  C CD  . LYS A 1 49  ? 9.062   -7.214  0.137   1.00 25.23 ? 49  LYS X CD  1 
ATOM   395  C CE  . LYS A 1 49  ? 9.048   -8.737  0.119   1.00 32.19 ? 49  LYS X CE  1 
ATOM   396  N NZ  . LYS A 1 49  ? 10.419  -9.326  0.169   1.00 30.06 ? 49  LYS X NZ  1 
ATOM   397  N N   . CYS A 1 50  ? 6.572   -4.660  3.503   1.00 19.07 ? 50  CYS X N   1 
ATOM   398  C CA  . CYS A 1 50  ? 6.235   -5.168  4.823   1.00 17.63 ? 50  CYS X CA  1 
ATOM   399  C C   . CYS A 1 50  ? 4.764   -4.901  5.084   1.00 19.42 ? 50  CYS X C   1 
ATOM   400  O O   . CYS A 1 50  ? 4.024   -5.790  5.502   1.00 19.47 ? 50  CYS X O   1 
ATOM   401  C CB  . CYS A 1 50  ? 7.114   -4.516  5.895   1.00 19.81 ? 50  CYS X CB  1 
ATOM   402  S SG  . CYS A 1 50  ? 6.703   -4.984  7.590   1.00 27.47 ? 50  CYS X SG  1 
ATOM   403  N N   . VAL A 1 51  ? 4.343   -3.673  4.809   1.00 19.72 ? 51  VAL X N   1 
ATOM   404  C CA  . VAL A 1 51  ? 2.954   -3.292  4.992   1.00 17.91 ? 51  VAL X CA  1 
ATOM   405  C C   . VAL A 1 51  ? 2.029   -4.156  4.149   1.00 19.66 ? 51  VAL X C   1 
ATOM   406  O O   . VAL A 1 51  ? 0.963   -4.567  4.606   1.00 18.02 ? 51  VAL X O   1 
ATOM   407  C CB  . VAL A 1 51  ? 2.730   -1.822  4.623   1.00 22.71 ? 51  VAL X CB  1 
ATOM   408  C CG1 . VAL A 1 51  ? 1.256   -1.557  4.363   1.00 26.10 ? 51  VAL X CG1 1 
ATOM   409  C CG2 . VAL A 1 51  ? 3.262   -0.923  5.721   1.00 19.80 ? 51  VAL X CG2 1 
ATOM   410  N N   . SER A 1 52  ? 2.442   -4.442  2.921   1.00 17.41 ? 52  SER X N   1 
ATOM   411  C CA  . SER A 1 52  ? 1.605   -5.228  2.027   1.00 16.92 ? 52  SER X CA  1 
ATOM   412  C C   . SER A 1 52  ? 1.520   -6.701  2.433   1.00 17.47 ? 52  SER X C   1 
ATOM   413  O O   . SER A 1 52  ? 0.452   -7.303  2.355   1.00 17.52 ? 52  SER X O   1 
ATOM   414  C CB  . SER A 1 52  ? 2.035   -5.050  0.571   1.00 15.13 ? 52  SER X CB  1 
ATOM   415  O OG  . SER A 1 52  ? 1.744   -3.735  0.128   1.00 18.73 ? 52  SER X OG  1 
ATOM   416  N N   . LEU A 1 53  ? 2.639   -7.275  2.871   1.00 19.48 ? 53  LEU X N   1 
ATOM   417  C CA  . LEU A 1 53  ? 2.641   -8.661  3.333   1.00 22.70 ? 53  LEU X CA  1 
ATOM   418  C C   . LEU A 1 53  ? 1.680   -8.778  4.506   1.00 23.56 ? 53  LEU X C   1 
ATOM   419  O O   . LEU A 1 53  ? 0.834   -9.671  4.550   1.00 22.82 ? 53  LEU X O   1 
ATOM   420  C CB  . LEU A 1 53  ? 4.046   -9.091  3.744   1.00 21.71 ? 53  LEU X CB  1 
ATOM   421  C CG  . LEU A 1 53  ? 4.985   -9.335  2.564   1.00 18.91 ? 53  LEU X CG  1 
ATOM   422  C CD1 . LEU A 1 53  ? 6.418   -9.419  3.045   1.00 23.52 ? 53  LEU X CD1 1 
ATOM   423  C CD2 . LEU A 1 53  ? 4.584   -10.597 1.817   1.00 23.34 ? 53  LEU X CD2 1 
ATOM   424  N N   . MET A 1 54  ? 1.816   -7.846  5.442   1.00 25.70 ? 54  MET X N   1 
ATOM   425  C CA  . MET A 1 54  ? 0.942   -7.756  6.602   1.00 29.52 ? 54  MET X CA  1 
ATOM   426  C C   . MET A 1 54  ? -0.531  -7.716  6.182   1.00 28.94 ? 54  MET X C   1 
ATOM   427  O O   . MET A 1 54  ? -1.362  -8.428  6.745   1.00 28.85 ? 54  MET X O   1 
ATOM   428  C CB  . MET A 1 54  ? 1.308   -6.516  7.414   1.00 29.51 ? 54  MET X CB  1 
ATOM   429  C CG  . MET A 1 54  ? 0.764   -6.505  8.816   1.00 39.40 ? 54  MET X CG  1 
ATOM   430  S SD  . MET A 1 54  ? 1.882   -5.665  9.938   1.00 44.31 ? 54  MET X SD  1 
ATOM   431  C CE  . MET A 1 54  ? 0.975   -5.818  11.422  1.00 48.18 ? 54  MET X CE  1 
ATOM   432  N N   . ALA A 1 55  ? -0.845  -6.888  5.187   1.00 31.42 ? 55  ALA X N   1 
ATOM   433  C CA  . ALA A 1 55  ? -2.205  -6.804  4.658   1.00 29.60 ? 55  ALA X CA  1 
ATOM   434  C C   . ALA A 1 55  ? -2.549  -8.052  3.856   1.00 29.01 ? 55  ALA X C   1 
ATOM   435  O O   . ALA A 1 55  ? -3.720  -8.381  3.671   1.00 31.18 ? 55  ALA X O   1 
ATOM   436  C CB  . ALA A 1 55  ? -2.362  -5.576  3.787   1.00 30.28 ? 55  ALA X CB  1 
ATOM   437  N N   . GLY A 1 56  ? -1.525  -8.724  3.347   1.00 27.36 ? 56  GLY X N   1 
ATOM   438  C CA  . GLY A 1 56  ? -1.731  -9.962  2.619   1.00 24.20 ? 56  GLY X CA  1 
ATOM   439  C C   . GLY A 1 56  ? -2.000  -9.868  1.128   1.00 24.75 ? 56  GLY X C   1 
ATOM   440  O O   . GLY A 1 56  ? -2.477  -10.833 0.537   1.00 23.92 ? 56  GLY X O   1 
ATOM   441  N N   . THR A 1 57  ? -1.662  -8.741  0.507   1.00 19.08 ? 57  THR X N   1 
ATOM   442  C CA  . THR A 1 57  ? -1.951  -8.529  -0.914  1.00 21.04 ? 57  THR X CA  1 
ATOM   443  C C   . THR A 1 57  ? -0.771  -8.734  -1.855  1.00 18.71 ? 57  THR X C   1 
ATOM   444  O O   . THR A 1 57  ? -0.896  -8.536  -3.062  1.00 17.89 ? 57  THR X O   1 
ATOM   445  C CB  . THR A 1 57  ? -2.475  -7.109  -1.130  1.00 22.29 ? 57  THR X CB  1 
ATOM   446  O OG1 . THR A 1 57  ? -1.654  -6.192  -0.396  1.00 23.50 ? 57  THR X OG1 1 
ATOM   447  C CG2 . THR A 1 57  ? -3.845  -6.947  -0.503  1.00 27.82 ? 57  THR X CG2 1 
ATOM   448  N N   . VAL A 1 58  ? 0.384   -9.076  -1.305  1.00 16.11 ? 58  VAL X N   1 
ATOM   449  C CA  . VAL A 1 58  ? 1.544   -9.368  -2.135  1.00 19.55 ? 58  VAL X CA  1 
ATOM   450  C C   . VAL A 1 58  ? 2.187   -10.641 -1.609  1.00 17.71 ? 58  VAL X C   1 
ATOM   451  O O   . VAL A 1 58  ? 1.878   -11.085 -0.505  1.00 16.72 ? 58  VAL X O   1 
ATOM   452  C CB  . VAL A 1 58  ? 2.581   -8.214  -2.135  1.00 18.26 ? 58  VAL X CB  1 
ATOM   453  C CG1 . VAL A 1 58  ? 1.968   -6.920  -2.677  1.00 16.84 ? 58  VAL X CG1 1 
ATOM   454  C CG2 . VAL A 1 58  ? 3.165   -8.007  -0.745  1.00 15.34 ? 58  VAL X CG2 1 
ATOM   455  N N   . ASN A 1 59  ? 3.050   -11.255 -2.412  1.00 16.33 ? 59  ASN X N   1 
ATOM   456  C CA  . ASN A 1 59  ? 3.801   -12.412 -1.945  1.00 17.01 ? 59  ASN X CA  1 
ATOM   457  C C   . ASN A 1 59  ? 5.218   -11.950 -1.614  1.00 17.84 ? 59  ASN X C   1 
ATOM   458  O O   . ASN A 1 59  ? 5.534   -10.775 -1.801  1.00 14.02 ? 59  ASN X O   1 
ATOM   459  C CB  . ASN A 1 59  ? 3.775   -13.557 -2.962  1.00 16.24 ? 59  ASN X CB  1 
ATOM   460  C CG  . ASN A 1 59  ? 4.483   -13.215 -4.258  1.00 20.48 ? 59  ASN X CG  1 
ATOM   461  O OD1 . ASN A 1 59  ? 5.228   -12.240 -4.343  1.00 18.41 ? 59  ASN X OD1 1 
ATOM   462  N ND2 . ASN A 1 59  ? 4.254   -14.031 -5.280  1.00 17.89 ? 59  ASN X ND2 1 
ATOM   463  N N   . LYS A 1 60  ? 6.071   -12.845 -1.128  1.00 16.44 ? 60  LYS X N   1 
ATOM   464  C CA  . LYS A 1 60  ? 7.413   -12.424 -0.714  1.00 19.13 ? 60  LYS X CA  1 
ATOM   465  C C   . LYS A 1 60  ? 8.330   -11.960 -1.857  1.00 19.28 ? 60  LYS X C   1 
ATOM   466  O O   . LYS A 1 60  ? 9.344   -11.310 -1.614  1.00 20.48 ? 60  LYS X O   1 
ATOM   467  C CB  . LYS A 1 60  ? 8.078   -13.465 0.198   1.00 20.16 ? 60  LYS X CB  1 
ATOM   468  C CG  . LYS A 1 60  ? 7.338   -13.634 1.524   1.00 23.51 ? 60  LYS X CG  1 
ATOM   469  C CD  . LYS A 1 60  ? 8.185   -14.255 2.629   1.00 35.43 ? 60  LYS X CD  1 
ATOM   470  C CE  . LYS A 1 60  ? 7.570   -13.928 3.989   1.00 45.67 ? 60  LYS X CE  1 
ATOM   471  N NZ  . LYS A 1 60  ? 8.122   -14.704 5.136   1.00 52.19 ? 60  LYS X NZ  1 
ATOM   472  N N   . LYS A 1 61  ? 7.964   -12.276 -3.096  1.00 16.87 ? 61  LYS X N   1 
ATOM   473  C CA  . LYS A 1 61  ? 8.714   -11.781 -4.248  1.00 15.34 ? 61  LYS X CA  1 
ATOM   474  C C   . LYS A 1 61  ? 8.220   -10.396 -4.661  1.00 15.17 ? 61  LYS X C   1 
ATOM   475  O O   . LYS A 1 61  ? 8.692   -9.829  -5.645  1.00 13.79 ? 61  LYS X O   1 
ATOM   476  C CB  . LYS A 1 61  ? 8.593   -12.735 -5.435  1.00 16.49 ? 61  LYS X CB  1 
ATOM   477  C CG  . LYS A 1 61  ? 9.251   -14.081 -5.222  1.00 20.19 ? 61  LYS X CG  1 
ATOM   478  C CD  . LYS A 1 61  ? 9.276   -14.901 -6.503  1.00 28.35 ? 61  LYS X CD  1 
ATOM   479  C CE  . LYS A 1 61  ? 7.912   -15.494 -6.816  1.00 29.41 ? 61  LYS X CE  1 
ATOM   480  N NZ  . LYS A 1 61  ? 7.992   -16.556 -7.858  1.00 34.92 ? 61  LYS X NZ  1 
ATOM   481  N N   . GLY A 1 62  ? 7.253   -9.863  -3.923  1.00 16.51 ? 62  GLY X N   1 
ATOM   482  C CA  . GLY A 1 62  ? 6.746   -8.531  -4.193  1.00 13.88 ? 62  GLY X CA  1 
ATOM   483  C C   . GLY A 1 62  ? 5.683   -8.485  -5.268  1.00 14.05 ? 62  GLY X C   1 
ATOM   484  O O   . GLY A 1 62  ? 5.275   -7.410  -5.705  1.00 15.51 ? 62  GLY X O   1 
ATOM   485  N N   . GLU A 1 63  ? 5.222   -9.652  -5.695  1.00 14.97 ? 63  GLU X N   1 
ATOM   486  C CA  . GLU A 1 63  ? 4.216   -9.700  -6.741  1.00 16.42 ? 63  GLU X CA  1 
ATOM   487  C C   . GLU A 1 63  ? 2.830   -9.446  -6.160  1.00 17.45 ? 63  GLU X C   1 
ATOM   488  O O   . GLU A 1 63  ? 2.430   -10.065 -5.176  1.00 16.20 ? 63  GLU X O   1 
ATOM   489  C CB  . GLU A 1 63  ? 4.293   -11.027 -7.505  1.00 21.74 ? 63  GLU X CB  1 
ATOM   490  C CG  . GLU A 1 63  ? 5.654   -11.256 -8.153  1.00 21.26 ? 63  GLU X CG  1 
ATOM   491  C CD  . GLU A 1 63  ? 5.834   -12.654 -8.719  1.00 31.27 ? 63  GLU X CD  1 
ATOM   492  O OE1 . GLU A 1 63  ? 5.419   -13.631 -8.061  1.00 29.41 ? 63  GLU X OE1 1 
ATOM   493  O OE2 . GLU A 1 63  ? 6.407   -12.776 -9.824  1.00 36.23 ? 63  GLU X OE2 1 
ATOM   494  N N   . PHE A 1 64  ? 2.115   -8.504  -6.763  1.00 19.10 ? 64  PHE X N   1 
ATOM   495  C CA  . PHE A 1 64  ? 0.772   -8.154  -6.328  1.00 17.47 ? 64  PHE X CA  1 
ATOM   496  C C   . PHE A 1 64  ? -0.248  -9.237  -6.702  1.00 18.51 ? 64  PHE X C   1 
ATOM   497  O O   . PHE A 1 64  ? -0.250  -9.732  -7.828  1.00 17.77 ? 64  PHE X O   1 
ATOM   498  C CB  . PHE A 1 64  ? 0.367   -6.814  -6.940  1.00 19.26 ? 64  PHE X CB  1 
ATOM   499  C CG  . PHE A 1 64  ? -0.961  -6.325  -6.475  1.00 13.85 ? 64  PHE X CG  1 
ATOM   500  C CD1 . PHE A 1 64  ? -1.225  -6.209  -5.123  1.00 14.66 ? 64  PHE X CD1 1 
ATOM   501  C CD2 . PHE A 1 64  ? -1.952  -5.993  -7.382  1.00 26.63 ? 64  PHE X CD2 1 
ATOM   502  C CE1 . PHE A 1 64  ? -2.448  -5.767  -4.681  1.00 23.04 ? 64  PHE X CE1 1 
ATOM   503  C CE2 . PHE A 1 64  ? -3.180  -5.549  -6.945  1.00 29.68 ? 64  PHE X CE2 1 
ATOM   504  C CZ  . PHE A 1 64  ? -3.429  -5.436  -5.592  1.00 17.94 ? 64  PHE X CZ  1 
ATOM   505  N N   . ASN A 1 65  ? -1.105  -9.601  -5.749  1.00 19.96 ? 65  ASN X N   1 
ATOM   506  C CA  . ASN A 1 65  ? -2.151  -10.605 -5.961  1.00 22.05 ? 65  ASN X CA  1 
ATOM   507  C C   . ASN A 1 65  ? -3.498  -9.909  -6.179  1.00 17.54 ? 65  ASN X C   1 
ATOM   508  O O   . ASN A 1 65  ? -4.265  -9.717  -5.235  1.00 16.48 ? 65  ASN X O   1 
ATOM   509  C CB  . ASN A 1 65  ? -2.218  -11.544 -4.749  1.00 22.04 ? 65  ASN X CB  1 
ATOM   510  C CG  . ASN A 1 65  ? -3.005  -12.817 -5.021  1.00 26.65 ? 65  ASN X CG  1 
ATOM   511  O OD1 . ASN A 1 65  ? -3.985  -12.812 -5.766  1.00 20.72 ? 65  ASN X OD1 1 
ATOM   512  N ND2 . ASN A 1 65  ? -2.582  -13.913 -4.401  1.00 22.14 ? 65  ASN X ND2 1 
ATOM   513  N N   . ALA A 1 66  ? -3.776  -9.527  -7.424  1.00 16.22 ? 66  ALA X N   1 
ATOM   514  C CA  . ALA A 1 66  ? -5.013  -8.817  -7.754  1.00 20.25 ? 66  ALA X CA  1 
ATOM   515  C C   . ALA A 1 66  ? -6.298  -9.550  -7.350  1.00 18.46 ? 66  ALA X C   1 
ATOM   516  O O   . ALA A 1 66  ? -7.172  -8.951  -6.726  1.00 14.88 ? 66  ALA X O   1 
ATOM   517  C CB  . ALA A 1 66  ? -5.045  -8.422  -9.232  1.00 18.50 ? 66  ALA X CB  1 
ATOM   518  N N   . PRO A 1 67  ? -6.435  -10.828 -7.703  1.00 20.69 ? 67  PRO X N   1 
ATOM   519  C CA  . PRO A 1 67  ? -7.640  -11.567 -7.319  1.00 19.79 ? 67  PRO X CA  1 
ATOM   520  C C   . PRO A 1 67  ? -7.846  -11.571 -5.804  1.00 20.33 ? 67  PRO X C   1 
ATOM   521  O O   . PRO A 1 67  ? -8.958  -11.282 -5.361  1.00 21.17 ? 67  PRO X O   1 
ATOM   522  C CB  . PRO A 1 67  ? -7.381  -12.970 -7.872  1.00 19.24 ? 67  PRO X CB  1 
ATOM   523  C CG  . PRO A 1 67  ? -6.449  -12.731 -9.021  1.00 21.38 ? 67  PRO X CG  1 
ATOM   524  C CD  . PRO A 1 67  ? -5.521  -11.655 -8.512  1.00 20.32 ? 67  PRO X CD  1 
ATOM   525  N N   . LYS A 1 68  ? -6.802  -11.857 -5.027  1.00 20.32 ? 68  LYS X N   1 
ATOM   526  C CA  . LYS A 1 68  ? -6.952  -11.880 -3.573  1.00 23.03 ? 68  LYS X CA  1 
ATOM   527  C C   . LYS A 1 68  ? -7.375  -10.512 -3.060  1.00 24.88 ? 68  LYS X C   1 
ATOM   528  O O   . LYS A 1 68  ? -8.288  -10.401 -2.244  1.00 25.11 ? 68  LYS X O   1 
ATOM   529  C CB  . LYS A 1 68  ? -5.674  -12.339 -2.855  1.00 23.24 ? 68  LYS X CB  1 
ATOM   530  C CG  . LYS A 1 68  ? -5.812  -12.248 -1.332  1.00 29.30 ? 68  LYS X CG  1 
ATOM   531  C CD  . LYS A 1 68  ? -4.629  -12.797 -0.543  1.00 36.90 ? 68  LYS X CD  1 
ATOM   532  C CE  . LYS A 1 68  ? -4.964  -12.781 0.952   1.00 34.06 ? 68  LYS X CE  1 
ATOM   533  N NZ  . LYS A 1 68  ? -3.775  -12.679 1.843   1.00 42.77 ? 68  LYS X NZ  1 
ATOM   534  N N   . ALA A 1 69  ? -6.715  -9.471  -3.551  1.00 23.12 ? 69  ALA X N   1 
ATOM   535  C CA  . ALA A 1 69  ? -7.040  -8.117  -3.138  1.00 24.88 ? 69  ALA X CA  1 
ATOM   536  C C   . ALA A 1 69  ? -8.487  -7.778  -3.469  1.00 24.91 ? 69  ALA X C   1 
ATOM   537  O O   . ALA A 1 69  ? -9.205  -7.217  -2.642  1.00 25.15 ? 69  ALA X O   1 
ATOM   538  C CB  . ALA A 1 69  ? -6.104  -7.121  -3.799  1.00 24.06 ? 69  ALA X CB  1 
ATOM   539  N N   . LEU A 1 70  ? -8.910  -8.122  -4.682  1.00 26.05 ? 70  LEU X N   1 
ATOM   540  C CA  . LEU A 1 70  ? -10.263 -7.813  -5.125  1.00 27.27 ? 70  LEU X CA  1 
ATOM   541  C C   . LEU A 1 70  ? -11.274 -8.561  -4.278  1.00 31.06 ? 70  LEU X C   1 
ATOM   542  O O   . LEU A 1 70  ? -12.353 -8.050  -3.987  1.00 33.36 ? 70  LEU X O   1 
ATOM   543  C CB  . LEU A 1 70  ? -10.461 -8.166  -6.605  1.00 27.37 ? 70  LEU X CB  1 
ATOM   544  C CG  . LEU A 1 70  ? -9.848  -7.250  -7.670  1.00 26.99 ? 70  LEU X CG  1 
ATOM   545  C CD1 . LEU A 1 70  ? -10.011 -7.842  -9.072  1.00 23.15 ? 70  LEU X CD1 1 
ATOM   546  C CD2 . LEU A 1 70  ? -10.437 -5.843  -7.599  1.00 30.27 ? 70  LEU X CD2 1 
ATOM   547  N N   . ALA A 1 71  ? -10.919 -9.777  -3.884  1.00 30.33 ? 71  ALA X N   1 
ATOM   548  C CA  . ALA A 1 71  ? -11.817 -10.595 -3.084  1.00 31.80 ? 71  ALA X CA  1 
ATOM   549  C C   . ALA A 1 71  ? -11.882 -10.056 -1.667  1.00 33.95 ? 71  ALA X C   1 
ATOM   550  O O   . ALA A 1 71  ? -12.958 -9.925  -1.087  1.00 34.64 ? 71  ALA X O   1 
ATOM   551  C CB  . ALA A 1 71  ? -11.359 -12.047 -3.086  1.00 31.41 ? 71  ALA X CB  1 
ATOM   552  N N   . GLN A 1 72  ? -10.718 -9.717  -1.129  1.00 32.09 ? 72  GLN X N   1 
ATOM   553  C CA  . GLN A 1 72  ? -10.602 -9.237  0.242   1.00 31.65 ? 72  GLN X CA  1 
ATOM   554  C C   . GLN A 1 72  ? -10.994 -7.781  0.486   1.00 29.55 ? 72  GLN X C   1 
ATOM   555  O O   . GLN A 1 72  ? -10.983 -7.338  1.630   1.00 28.68 ? 72  GLN X O   1 
ATOM   556  C CB  . GLN A 1 72  ? -9.158  -9.416  0.719   1.00 33.16 ? 72  GLN X CB  1 
ATOM   557  C CG  . GLN A 1 72  ? -8.845  -10.771 1.308   1.00 37.27 ? 72  GLN X CG  1 
ATOM   558  C CD  . GLN A 1 72  ? -9.277  -10.879 2.755   1.00 44.40 ? 72  GLN X CD  1 
ATOM   559  O OE1 . GLN A 1 72  ? -10.368 -11.366 3.047   1.00 42.20 ? 72  GLN X OE1 1 
ATOM   560  N NE2 . GLN A 1 72  ? -8.424  -10.422 3.664   1.00 44.65 ? 72  GLN X NE2 1 
ATOM   561  N N   . LEU A 1 73  ? -11.343 -7.033  -0.559  1.00 28.60 ? 73  LEU X N   1 
ATOM   562  C CA  . LEU A 1 73  ? -11.601 -5.595  -0.385  1.00 29.07 ? 73  LEU X CA  1 
ATOM   563  C C   . LEU A 1 73  ? -12.493 -5.195  0.797   1.00 30.31 ? 73  LEU X C   1 
ATOM   564  O O   . LEU A 1 73  ? -12.167 -4.257  1.523   1.00 30.57 ? 73  LEU X O   1 
ATOM   565  C CB  . LEU A 1 73  ? -12.088 -4.934  -1.680  1.00 28.13 ? 73  LEU X CB  1 
ATOM   566  C CG  . LEU A 1 73  ? -10.996 -4.314  -2.553  1.00 36.50 ? 73  LEU X CG  1 
ATOM   567  C CD1 . LEU A 1 73  ? -11.623 -3.392  -3.580  1.00 37.62 ? 73  LEU X CD1 1 
ATOM   568  C CD2 . LEU A 1 73  ? -9.975  -3.559  -1.708  1.00 31.43 ? 73  LEU X CD2 1 
ATOM   569  N N   . PRO A 1 74  ? -13.606 -5.898  0.992   1.00 32.16 ? 74  PRO X N   1 
ATOM   570  C CA  . PRO A 1 74  ? -14.525 -5.594  2.096   1.00 33.76 ? 74  PRO X CA  1 
ATOM   571  C C   . PRO A 1 74  ? -13.859 -5.639  3.472   1.00 33.21 ? 74  PRO X C   1 
ATOM   572  O O   . PRO A 1 74  ? -14.314 -4.967  4.397   1.00 31.29 ? 74  PRO X O   1 
ATOM   573  C CB  . PRO A 1 74  ? -15.574 -6.701  1.984   1.00 34.77 ? 74  PRO X CB  1 
ATOM   574  C CG  . PRO A 1 74  ? -15.527 -7.108  0.555   1.00 33.21 ? 74  PRO X CG  1 
ATOM   575  C CD  . PRO A 1 74  ? -14.083 -7.027  0.175   1.00 31.17 ? 74  PRO X CD  1 
ATOM   576  N N   . HIS A 1 75  ? -12.801 -6.428  3.604   1.00 32.95 ? 75  HIS X N   1 
ATOM   577  C CA  . HIS A 1 75  ? -12.089 -6.521  4.871   1.00 31.06 ? 75  HIS X CA  1 
ATOM   578  C C   . HIS A 1 75  ? -10.812 -5.726  4.836   1.00 29.74 ? 75  HIS X C   1 
ATOM   579  O O   . HIS A 1 75  ? -9.949  -5.866  5.701   1.00 30.54 ? 75  HIS X O   1 
ATOM   580  C CB  . HIS A 1 75  ? -11.792 -7.971  5.213   1.00 33.22 ? 75  HIS X CB  1 
ATOM   581  C CG  . HIS A 1 75  ? -12.998 -8.717  5.668   1.00 33.57 ? 75  HIS X CG  1 
ATOM   582  N ND1 . HIS A 1 75  ? -13.016 -10.084 5.837   1.00 35.87 ? 75  HIS X ND1 1 
ATOM   583  C CD2 . HIS A 1 75  ? -14.239 -8.279  5.986   1.00 36.35 ? 75  HIS X CD2 1 
ATOM   584  C CE1 . HIS A 1 75  ? -14.218 -10.455 6.242   1.00 39.48 ? 75  HIS X CE1 1 
ATOM   585  N NE2 . HIS A 1 75  ? -14.978 -9.379  6.340   1.00 37.98 ? 75  HIS X NE2 1 
ATOM   586  N N   . LEU A 1 76  ? -10.691 -4.879  3.829   1.00 27.81 ? 76  LEU X N   1 
ATOM   587  C CA  . LEU A 1 76  ? -9.493  -4.079  3.714   1.00 27.97 ? 76  LEU X CA  1 
ATOM   588  C C   . LEU A 1 76  ? -9.773  -2.592  3.842   1.00 28.40 ? 76  LEU X C   1 
ATOM   589  O O   . LEU A 1 76  ? -9.042  -1.880  4.520   1.00 33.55 ? 76  LEU X O   1 
ATOM   590  C CB  . LEU A 1 76  ? -8.765  -4.404  2.414   1.00 25.49 ? 76  LEU X CB  1 
ATOM   591  C CG  . LEU A 1 76  ? -8.106  -5.784  2.453   1.00 28.48 ? 76  LEU X CG  1 
ATOM   592  C CD1 . LEU A 1 76  ? -7.516  -6.115  1.099   1.00 31.27 ? 76  LEU X CD1 1 
ATOM   593  C CD2 . LEU A 1 76  ? -7.045  -5.863  3.554   1.00 28.63 ? 76  LEU X CD2 1 
ATOM   594  N N   . VAL A 1 77  ? -10.843 -2.124  3.213   1.00 27.69 ? 77  VAL X N   1 
ATOM   595  C CA  . VAL A 1 77  ? -11.168 -0.708  3.254   1.00 28.29 ? 77  VAL X CA  1 
ATOM   596  C C   . VAL A 1 77  ? -12.625 -0.490  3.630   1.00 29.89 ? 77  VAL X C   1 
ATOM   597  O O   . VAL A 1 77  ? -13.451 -1.383  3.447   1.00 31.15 ? 77  VAL X O   1 
ATOM   598  C CB  . VAL A 1 77  ? -10.960 -0.080  1.877   1.00 26.95 ? 77  VAL X CB  1 
ATOM   599  C CG1 . VAL A 1 77  ? -9.505  -0.196  1.453   1.00 28.62 ? 77  VAL X CG1 1 
ATOM   600  C CG2 . VAL A 1 77  ? -11.871 -0.753  0.863   1.00 27.40 ? 77  VAL X CG2 1 
ATOM   601  N N   . PRO A 1 78  ? -12.942 0.690   4.160   1.00 32.18 ? 78  PRO X N   1 
ATOM   602  C CA  . PRO A 1 78  ? -14.333 1.041   4.467   1.00 35.14 ? 78  PRO X CA  1 
ATOM   603  C C   . PRO A 1 78  ? -15.147 1.086   3.170   1.00 37.66 ? 78  PRO X C   1 
ATOM   604  O O   . PRO A 1 78  ? -14.560 1.213   2.094   1.00 37.16 ? 78  PRO X O   1 
ATOM   605  C CB  . PRO A 1 78  ? -14.219 2.430   5.104   1.00 36.19 ? 78  PRO X CB  1 
ATOM   606  C CG  . PRO A 1 78  ? -12.790 2.550   5.528   1.00 35.64 ? 78  PRO X CG  1 
ATOM   607  C CD  . PRO A 1 78  ? -12.001 1.762   4.529   1.00 32.30 ? 78  PRO X CD  1 
ATOM   608  N N   . PRO A 1 79  ? -16.472 1.008   3.271   1.00 39.72 ? 79  PRO X N   1 
ATOM   609  C CA  . PRO A 1 79  ? -17.338 0.860   2.093   1.00 39.75 ? 79  PRO X CA  1 
ATOM   610  C C   . PRO A 1 79  ? -17.228 2.011   1.104   1.00 40.82 ? 79  PRO X C   1 
ATOM   611  O O   . PRO A 1 79  ? -17.392 1.812   -0.102  1.00 42.39 ? 79  PRO X O   1 
ATOM   612  C CB  . PRO A 1 79  ? -18.745 0.803   2.697   1.00 41.90 ? 79  PRO X CB  1 
ATOM   613  C CG  . PRO A 1 79  ? -18.530 0.422   4.126   1.00 38.76 ? 79  PRO X CG  1 
ATOM   614  C CD  . PRO A 1 79  ? -17.247 1.087   4.520   1.00 39.81 ? 79  PRO X CD  1 
ATOM   615  N N   . GLU A 1 80  ? -16.951 3.202   1.616   1.00 40.20 ? 80  GLU X N   1 
ATOM   616  C CA  . GLU A 1 80  ? -16.831 4.381   0.775   1.00 39.74 ? 80  GLU X CA  1 
ATOM   617  C C   . GLU A 1 80  ? -15.478 4.452   0.067   1.00 37.41 ? 80  GLU X C   1 
ATOM   618  O O   . GLU A 1 80  ? -15.215 5.395   -0.676  1.00 35.81 ? 80  GLU X O   1 
ATOM   619  C CB  . GLU A 1 80  ? -17.067 5.653   1.596   1.00 40.11 ? 80  GLU X CB  1 
ATOM   620  C CG  . GLU A 1 80  ? -16.021 5.927   2.670   1.00 45.65 ? 80  GLU X CG  1 
ATOM   621  C CD  . GLU A 1 80  ? -16.400 5.376   4.035   1.00 55.45 ? 80  GLU X CD  1 
ATOM   622  O OE1 . GLU A 1 80  ? -15.927 5.931   5.049   1.00 62.52 ? 80  GLU X OE1 1 
ATOM   623  O OE2 . GLU A 1 80  ? -17.164 4.391   4.100   1.00 60.91 ? 80  GLU X OE2 1 
ATOM   624  N N   . MET A 1 81  ? -14.619 3.466   0.303   1.00 34.94 ? 81  MET X N   1 
ATOM   625  C CA  . MET A 1 81  ? -13.319 3.430   -0.363  1.00 33.38 ? 81  MET X CA  1 
ATOM   626  C C   . MET A 1 81  ? -13.221 2.227   -1.296  1.00 31.51 ? 81  MET X C   1 
ATOM   627  O O   . MET A 1 81  ? -12.245 2.070   -2.028  1.00 28.08 ? 81  MET X O   1 
ATOM   628  C CB  . MET A 1 81  ? -12.180 3.451   0.657   1.00 31.37 ? 81  MET X CB  1 
ATOM   629  C CG  . MET A 1 81  ? -12.080 4.779   1.389   1.00 37.52 ? 81  MET X CG  1 
ATOM   630  S SD  . MET A 1 81  ? -10.924 4.777   2.762   1.00 42.85 ? 81  MET X SD  1 
ATOM   631  C CE  . MET A 1 81  ? -9.413  4.588   1.908   1.00 29.04 ? 81  MET X CE  1 
ATOM   632  N N   . MET A 1 82  ? -14.271 1.411   -1.276  1.00 29.23 ? 82  MET X N   1 
ATOM   633  C CA  . MET A 1 82  ? -14.364 0.186   -2.068  1.00 29.38 ? 82  MET X CA  1 
ATOM   634  C C   . MET A 1 82  ? -14.166 0.396   -3.562  1.00 27.04 ? 82  MET X C   1 
ATOM   635  O O   . MET A 1 82  ? -13.206 -0.105  -4.148  1.00 26.09 ? 82  MET X O   1 
ATOM   636  C CB  . MET A 1 82  ? -15.728 -0.472  -1.840  1.00 29.42 ? 82  MET X CB  1 
ATOM   637  C CG  . MET A 1 82  ? -15.880 -1.150  -0.492  1.00 35.33 ? 82  MET X CG  1 
ATOM   638  S SD  . MET A 1 82  ? -14.905 -2.656  -0.367  1.00 50.69 ? 82  MET X SD  1 
ATOM   639  C CE  . MET A 1 82  ? -16.051 -3.841  -1.020  1.00 52.59 ? 82  MET X CE  1 
ATOM   640  N N   . GLU A 1 83  ? -15.098 1.123   -4.172  1.00 27.11 ? 83  GLU X N   1 
ATOM   641  C CA  . GLU A 1 83  ? -15.070 1.369   -5.608  1.00 25.16 ? 83  GLU X CA  1 
ATOM   642  C C   . GLU A 1 83  ? -13.761 1.963   -6.076  1.00 23.82 ? 83  GLU X C   1 
ATOM   643  O O   . GLU A 1 83  ? -13.191 1.530   -7.076  1.00 24.83 ? 83  GLU X O   1 
ATOM   644  C CB  . GLU A 1 83  ? -16.216 2.288   -6.026  1.00 25.90 ? 83  GLU X CB  1 
ATOM   645  C CG  . GLU A 1 83  ? -17.435 1.542   -6.533  1.00 31.55 ? 83  GLU X CG  1 
ATOM   646  C CD  . GLU A 1 83  ? -17.094 0.549   -7.630  1.00 35.41 ? 83  GLU X CD  1 
ATOM   647  O OE1 . GLU A 1 83  ? -17.071 -0.668  -7.348  1.00 35.98 ? 83  GLU X OE1 1 
ATOM   648  O OE2 . GLU A 1 83  ? -16.855 0.983   -8.776  1.00 39.17 ? 83  GLU X OE2 1 
ATOM   649  N N   . MET A 1 84  ? -13.287 2.972   -5.364  1.00 25.82 ? 84  MET X N   1 
ATOM   650  C CA  . MET A 1 84  ? -12.050 3.595   -5.769  1.00 28.04 ? 84  MET X CA  1 
ATOM   651  C C   . MET A 1 84  ? -10.927 2.587   -5.613  1.00 26.79 ? 84  MET X C   1 
ATOM   652  O O   . MET A 1 84  ? -10.020 2.522   -6.440  1.00 26.80 ? 84  MET X O   1 
ATOM   653  C CB  . MET A 1 84  ? -11.757 4.827   -4.932  1.00 28.62 ? 84  MET X CB  1 
ATOM   654  C CG  . MET A 1 84  ? -10.312 5.228   -5.024  1.00 36.70 ? 84  MET X CG  1 
ATOM   655  S SD  . MET A 1 84  ? -9.592  5.428   -3.405  1.00 49.63 ? 84  MET X SD  1 
ATOM   656  C CE  . MET A 1 84  ? -8.124  4.432   -3.600  1.00 34.99 ? 84  MET X CE  1 
ATOM   657  N N   . SER A 1 85  ? -10.990 1.792   -4.552  1.00 24.08 ? 85  SER X N   1 
ATOM   658  C CA  . SER A 1 85  ? -9.943  0.811   -4.314  1.00 26.68 ? 85  SER X CA  1 
ATOM   659  C C   . SER A 1 85  ? -9.937  -0.227  -5.432  1.00 24.25 ? 85  SER X C   1 
ATOM   660  O O   . SER A 1 85  ? -8.879  -0.582  -5.948  1.00 24.17 ? 85  SER X O   1 
ATOM   661  C CB  . SER A 1 85  ? -10.088 0.169   -2.933  1.00 24.81 ? 85  SER X CB  1 
ATOM   662  O OG  . SER A 1 85  ? -9.718  1.091   -1.919  1.00 27.53 ? 85  SER X OG  1 
ATOM   663  N N   . ARG A 1 86  ? -11.127 -0.667  -5.829  1.00 23.50 ? 86  ARG X N   1 
ATOM   664  C CA  . ARG A 1 86  ? -11.289 -1.677  -6.874  1.00 19.71 ? 86  ARG X CA  1 
ATOM   665  C C   . ARG A 1 86  ? -10.718 -1.245  -8.228  1.00 22.50 ? 86  ARG X C   1 
ATOM   666  O O   . ARG A 1 86  ? -10.056 -2.029  -8.911  1.00 20.29 ? 86  ARG X O   1 
ATOM   667  C CB  . ARG A 1 86  ? -12.776 -2.032  -7.017  1.00 23.16 ? 86  ARG X CB  1 
ATOM   668  C CG  . ARG A 1 86  ? -13.107 -3.031  -8.119  1.00 20.06 ? 86  ARG X CG  1 
ATOM   669  C CD  . ARG A 1 86  ? -14.607 -3.235  -8.349  1.00 31.77 ? 86  ARG X CD  1 
ATOM   670  N NE  . ARG A 1 86  ? -15.232 -2.046  -8.923  1.00 32.83 ? 86  ARG X NE  1 
ATOM   671  C CZ  . ARG A 1 86  ? -15.056 -1.646  -10.175 1.00 34.79 ? 86  ARG X CZ  1 
ATOM   672  N NH1 . ARG A 1 86  ? -14.281 -2.345  -10.994 1.00 33.15 ? 86  ARG X NH1 1 
ATOM   673  N NH2 . ARG A 1 86  ? -15.656 -0.548  -10.614 1.00 29.75 ? 86  ARG X NH2 1 
ATOM   674  N N   . LYS A 1 87  ? -10.987 0.001   -8.608  1.00 21.27 ? 87  LYS X N   1 
ATOM   675  C CA  . LYS A 1 87  ? -10.506 0.550   -9.874  1.00 23.38 ? 87  LYS X CA  1 
ATOM   676  C C   . LYS A 1 87  ? -8.979  0.693   -9.872  1.00 20.08 ? 87  LYS X C   1 
ATOM   677  O O   . LYS A 1 87  ? -8.317  0.344   -10.849 1.00 20.68 ? 87  LYS X O   1 
ATOM   678  C CB  . LYS A 1 87  ? -11.195 1.888   -10.174 1.00 22.31 ? 87  LYS X CB  1 
ATOM   679  C CG  . LYS A 1 87  ? -12.713 1.790   -10.366 1.00 26.55 ? 87  LYS X CG  1 
ATOM   680  C CD  . LYS A 1 87  ? -13.382 3.148   -10.169 1.00 32.41 ? 87  LYS X CD  1 
ATOM   681  C CE  . LYS A 1 87  ? -14.893 3.070   -10.350 1.00 43.33 ? 87  LYS X CE  1 
ATOM   682  N NZ  . LYS A 1 87  ? -15.545 4.411   -10.293 1.00 39.41 ? 87  LYS X NZ  1 
ATOM   683  N N   . SER A 1 88  ? -8.427  1.203   -8.771  1.00 22.35 ? 88  SER X N   1 
ATOM   684  C CA  . SER A 1 88  ? -6.974  1.299   -8.605  1.00 24.02 ? 88  SER X CA  1 
ATOM   685  C C   . SER A 1 88  ? -6.307  -0.072  -8.720  1.00 24.10 ? 88  SER X C   1 
ATOM   686  O O   . SER A 1 88  ? -5.265  -0.207  -9.363  1.00 21.97 ? 88  SER X O   1 
ATOM   687  C CB  . SER A 1 88  ? -6.618  1.931   -7.259  1.00 25.85 ? 88  SER X CB  1 
ATOM   688  O OG  . SER A 1 88  ? -6.838  3.330   -7.274  1.00 34.96 ? 88  SER X OG  1 
ATOM   689  N N   . VAL A 1 89  ? -6.889  -1.080  -8.077  1.00 23.56 ? 89  VAL X N   1 
ATOM   690  C CA  . VAL A 1 89  ? -6.386  -2.439  -8.234  1.00 22.58 ? 89  VAL X CA  1 
ATOM   691  C C   . VAL A 1 89  ? -6.471  -2.804  -9.711  1.00 25.61 ? 89  VAL X C   1 
ATOM   692  O O   . VAL A 1 89  ? -5.556  -3.416  -10.261 1.00 24.59 ? 89  VAL X O   1 
ATOM   693  C CB  . VAL A 1 89  ? -7.192  -3.475  -7.416  1.00 21.34 ? 89  VAL X CB  1 
ATOM   694  C CG1 . VAL A 1 89  ? -6.829  -4.899  -7.842  1.00 22.29 ? 89  VAL X CG1 1 
ATOM   695  C CG2 . VAL A 1 89  ? -6.952  -3.290  -5.929  1.00 22.12 ? 89  VAL X CG2 1 
ATOM   696  N N   . GLU A 1 90  ? -7.557  -2.406  -10.363 1.00 25.37 ? 90  GLU X N   1 
ATOM   697  C CA  . GLU A 1 90  ? -7.746  -2.802  -11.751 1.00 25.25 ? 90  GLU X CA  1 
ATOM   698  C C   . GLU A 1 90  ? -6.692  -2.113  -12.624 1.00 26.16 ? 90  GLU X C   1 
ATOM   699  O O   . GLU A 1 90  ? -6.113  -2.737  -13.509 1.00 21.54 ? 90  GLU X O   1 
ATOM   700  C CB  . GLU A 1 90  ? -9.192  -2.572  -12.217 1.00 24.86 ? 90  GLU X CB  1 
ATOM   701  C CG  . GLU A 1 90  ? -9.709  -3.580  -13.246 1.00 34.69 ? 90  GLU X CG  1 
ATOM   702  C CD  . GLU A 1 90  ? -9.641  -5.034  -12.794 1.00 30.54 ? 90  GLU X CD  1 
ATOM   703  O OE1 . GLU A 1 90  ? -8.643  -5.709  -13.121 1.00 33.85 ? 90  GLU X OE1 1 
ATOM   704  O OE2 . GLU A 1 90  ? -10.592 -5.515  -12.137 1.00 34.38 ? 90  GLU X OE2 1 
ATOM   705  N N   . ALA A 1 91  ? -6.388  -0.855  -12.325 1.00 22.61 ? 91  ALA X N   1 
ATOM   706  C CA  . ALA A 1 91  ? -5.383  -0.123  -13.094 1.00 20.41 ? 91  ALA X CA  1 
ATOM   707  C C   . ALA A 1 91  ? -3.921  -0.470  -12.769 1.00 19.10 ? 91  ALA X C   1 
ATOM   708  O O   . ALA A 1 91  ? -3.034  -0.220  -13.582 1.00 16.49 ? 91  ALA X O   1 
ATOM   709  C CB  . ALA A 1 91  ? -5.605  1.379   -12.964 1.00 20.91 ? 91  ALA X CB  1 
ATOM   710  N N   . CYS A 1 92  ? -3.661  -1.054  -11.606 1.00 17.52 ? 92  CYS X N   1 
ATOM   711  C CA  . CYS A 1 92  ? -2.274  -1.280  -11.198 1.00 18.48 ? 92  CYS X CA  1 
ATOM   712  C C   . CYS A 1 92  ? -1.851  -2.732  -11.048 1.00 19.49 ? 92  CYS X C   1 
ATOM   713  O O   . CYS A 1 92  ? -0.755  -3.014  -10.562 1.00 20.55 ? 92  CYS X O   1 
ATOM   714  C CB  . CYS A 1 92  ? -2.023  -0.555  -9.881  1.00 17.99 ? 92  CYS X CB  1 
ATOM   715  S SG  . CYS A 1 92  ? -2.349  1.208   -10.012 1.00 19.01 ? 92  CYS X SG  1 
ATOM   716  N N   . ARG A 1 93  ? -2.703  -3.650  -11.485 1.00 17.75 ? 93  ARG X N   1 
ATOM   717  C CA  . ARG A 1 93  ? -2.450  -5.070  -11.264 1.00 19.04 ? 93  ARG X CA  1 
ATOM   718  C C   . ARG A 1 93  ? -1.172  -5.614  -11.900 1.00 18.43 ? 93  ARG X C   1 
ATOM   719  O O   . ARG A 1 93  ? -0.567  -6.542  -11.364 1.00 21.51 ? 93  ARG X O   1 
ATOM   720  C CB  . ARG A 1 93  ? -3.665  -5.915  -11.678 1.00 20.20 ? 93  ARG X CB  1 
ATOM   721  C CG  . ARG A 1 93  ? -3.992  -5.903  -13.169 1.00 22.55 ? 93  ARG X CG  1 
ATOM   722  C CD  . ARG A 1 93  ? -5.343  -6.540  -13.516 1.00 32.33 ? 93  ARG X CD  1 
ATOM   723  N NE  . ARG A 1 93  ? -5.453  -7.889  -12.964 1.00 33.76 ? 93  ARG X NE  1 
ATOM   724  C CZ  . ARG A 1 93  ? -6.572  -8.442  -12.503 1.00 35.33 ? 93  ARG X CZ  1 
ATOM   725  N NH1 . ARG A 1 93  ? -7.722  -7.781  -12.521 1.00 36.30 ? 93  ARG X NH1 1 
ATOM   726  N NH2 . ARG A 1 93  ? -6.535  -9.677  -12.020 1.00 33.03 ? 93  ARG X NH2 1 
ATOM   727  N N   . ASP A 1 94  ? -0.757  -5.049  -13.029 1.00 17.64 ? 94  ASP X N   1 
ATOM   728  C CA  . ASP A 1 94  ? 0.453   -5.532  -13.698 1.00 20.69 ? 94  ASP X CA  1 
ATOM   729  C C   . ASP A 1 94  ? 1.688   -4.657  -13.508 1.00 21.83 ? 94  ASP X C   1 
ATOM   730  O O   . ASP A 1 94  ? 2.750   -4.965  -14.043 1.00 20.21 ? 94  ASP X O   1 
ATOM   731  C CB  . ASP A 1 94  ? 0.216   -5.727  -15.195 1.00 22.27 ? 94  ASP X CB  1 
ATOM   732  C CG  . ASP A 1 94  ? -0.875  -6.724  -15.481 1.00 25.50 ? 94  ASP X CG  1 
ATOM   733  O OD1 . ASP A 1 94  ? -0.878  -7.805  -14.855 1.00 24.54 ? 94  ASP X OD1 1 
ATOM   734  O OD2 . ASP A 1 94  ? -1.775  -6.509  -16.317 1.00 32.15 ? 94  ASP X OD2 1 
ATOM   735  N N   . THR A 1 95  ? 1.562   -3.574  -12.756 1.00 18.67 ? 95  THR X N   1 
ATOM   736  C CA  . THR A 1 95  ? 2.697   -2.686  -12.532 1.00 20.00 ? 95  THR X CA  1 
ATOM   737  C C   . THR A 1 95  ? 3.976   -3.380  -12.053 1.00 19.47 ? 95  THR X C   1 
ATOM   738  O O   . THR A 1 95  ? 5.075   -3.043  -12.499 1.00 20.98 ? 95  THR X O   1 
ATOM   739  C CB  . THR A 1 95  ? 2.323   -1.608  -11.508 1.00 21.43 ? 95  THR X CB  1 
ATOM   740  O OG1 . THR A 1 95  ? 1.219   -0.839  -11.998 1.00 23.50 ? 95  THR X OG1 1 
ATOM   741  C CG2 . THR A 1 95  ? 3.446   -0.589  -11.380 1.00 22.38 ? 95  THR X CG2 1 
ATOM   742  N N   . HIS A 1 96  ? 3.838   -4.331  -11.134 1.00 19.92 ? 96  HIS X N   1 
ATOM   743  C CA  . HIS A 1 96  ? 5.005   -4.983  -10.543 1.00 21.84 ? 96  HIS X CA  1 
ATOM   744  C C   . HIS A 1 96  ? 5.811   -5.773  -11.559 1.00 24.52 ? 96  HIS X C   1 
ATOM   745  O O   . HIS A 1 96  ? 6.969   -6.112  -11.317 1.00 23.15 ? 96  HIS X O   1 
ATOM   746  C CB  . HIS A 1 96  ? 4.593   -5.899  -9.386  1.00 20.84 ? 96  HIS X CB  1 
ATOM   747  C CG  . HIS A 1 96  ? 3.844   -7.123  -9.817  1.00 17.76 ? 96  HIS X CG  1 
ATOM   748  N ND1 . HIS A 1 96  ? 2.473   -7.145  -9.954  1.00 21.94 ? 96  HIS X ND1 1 
ATOM   749  C CD2 . HIS A 1 96  ? 4.274   -8.367  -10.139 1.00 24.70 ? 96  HIS X CD2 1 
ATOM   750  C CE1 . HIS A 1 96  ? 2.089   -8.346  -10.344 1.00 23.52 ? 96  HIS X CE1 1 
ATOM   751  N NE2 . HIS A 1 96  ? 3.163   -9.108  -10.464 1.00 28.62 ? 96  HIS X NE2 1 
ATOM   752  N N   . LYS A 1 97  ? 5.199   -6.054  -12.703 1.00 23.90 ? 97  LYS X N   1 
ATOM   753  C CA  . LYS A 1 97  ? 5.833   -6.892  -13.709 1.00 23.82 ? 97  LYS X CA  1 
ATOM   754  C C   . LYS A 1 97  ? 7.049   -6.222  -14.360 1.00 26.93 ? 97  LYS X C   1 
ATOM   755  O O   . LYS A 1 97  ? 7.889   -6.892  -14.959 1.00 26.94 ? 97  LYS X O   1 
ATOM   756  C CB  . LYS A 1 97  ? 4.797   -7.380  -14.736 1.00 23.46 ? 97  LYS X CB  1 
ATOM   757  C CG  . LYS A 1 97  ? 3.802   -8.403  -14.154 1.00 22.93 ? 97  LYS X CG  1 
ATOM   758  C CD  . LYS A 1 97  ? 2.682   -8.747  -15.130 1.00 23.36 ? 97  LYS X CD  1 
ATOM   759  C CE  . LYS A 1 97  ? 1.672   -9.714  -14.522 1.00 33.59 ? 97  LYS X CE  1 
ATOM   760  N NZ  . LYS A 1 97  ? 0.695   -10.164 -15.554 1.00 32.85 ? 97  LYS X NZ  1 
ATOM   761  N N   . GLN A 1 98  ? 7.165   -4.909  -14.185 1.00 25.83 ? 98  GLN X N   1 
ATOM   762  C CA  . GLN A 1 98  ? 8.243   -4.135  -14.800 1.00 29.09 ? 98  GLN X CA  1 
ATOM   763  C C   . GLN A 1 98  ? 9.426   -3.902  -13.876 1.00 26.97 ? 98  GLN X C   1 
ATOM   764  O O   . GLN A 1 98  ? 10.305  -3.097  -14.180 1.00 27.45 ? 98  GLN X O   1 
ATOM   765  C CB  . GLN A 1 98  ? 7.709   -2.776  -15.247 1.00 28.63 ? 98  GLN X CB  1 
ATOM   766  C CG  . GLN A 1 98  ? 6.584   -2.862  -16.251 1.00 41.02 ? 98  GLN X CG  1 
ATOM   767  C CD  . GLN A 1 98  ? 5.603   -1.712  -16.132 1.00 51.04 ? 98  GLN X CD  1 
ATOM   768  O OE1 . GLN A 1 98  ? 5.740   -0.854  -15.260 1.00 53.10 ? 98  GLN X OE1 1 
ATOM   769  N NE2 . GLN A 1 98  ? 4.604   -1.699  -17.005 1.00 58.03 ? 98  GLN X NE2 1 
ATOM   770  N N   . PHE A 1 99  ? 9.448   -4.583  -12.743 1.00 25.56 ? 99  PHE X N   1 
ATOM   771  C CA  . PHE A 1 99  ? 10.527  -4.384  -11.794 1.00 24.56 ? 99  PHE X CA  1 
ATOM   772  C C   . PHE A 1 99  ? 11.018  -5.728  -11.304 1.00 24.63 ? 99  PHE X C   1 
ATOM   773  O O   . PHE A 1 99  ? 10.259  -6.694  -11.260 1.00 18.49 ? 99  PHE X O   1 
ATOM   774  C CB  . PHE A 1 99  ? 10.069  -3.477  -10.648 1.00 24.08 ? 99  PHE X CB  1 
ATOM   775  C CG  . PHE A 1 99  ? 9.653   -2.106  -11.107 1.00 25.44 ? 99  PHE X CG  1 
ATOM   776  C CD1 . PHE A 1 99  ? 8.343   -1.850  -11.478 1.00 22.88 ? 99  PHE X CD1 1 
ATOM   777  C CD2 . PHE A 1 99  ? 10.583  -1.083  -11.202 1.00 26.76 ? 99  PHE X CD2 1 
ATOM   778  C CE1 . PHE A 1 99  ? 7.965   -0.595  -11.921 1.00 24.44 ? 99  PHE X CE1 1 
ATOM   779  C CE2 . PHE A 1 99  ? 10.211  0.174   -11.642 1.00 21.66 ? 99  PHE X CE2 1 
ATOM   780  C CZ  . PHE A 1 99  ? 8.901   0.418   -12.002 1.00 22.14 ? 99  PHE X CZ  1 
ATOM   781  N N   . LYS A 1 100 ? 12.294  -5.799  -10.949 1.00 25.35 ? 100 LYS X N   1 
ATOM   782  C CA  . LYS A 1 100 ? 12.861  -7.066  -10.516 1.00 25.53 ? 100 LYS X CA  1 
ATOM   783  C C   . LYS A 1 100 ? 13.024  -7.239  -9.010  1.00 23.82 ? 100 LYS X C   1 
ATOM   784  O O   . LYS A 1 100 ? 13.007  -8.365  -8.521  1.00 25.39 ? 100 LYS X O   1 
ATOM   785  C CB  . LYS A 1 100 ? 14.210  -7.308  -11.202 1.00 28.99 ? 100 LYS X CB  1 
ATOM   786  C CG  . LYS A 1 100 ? 14.155  -7.241  -12.719 1.00 38.71 ? 100 LYS X CG  1 
ATOM   787  C CD  . LYS A 1 100 ? 15.473  -7.668  -13.352 1.00 50.30 ? 100 LYS X CD  1 
ATOM   788  C CE  . LYS A 1 100 ? 15.444  -7.491  -14.864 1.00 52.37 ? 100 LYS X CE  1 
ATOM   789  N NZ  . LYS A 1 100 ? 16.681  -8.009  -15.515 1.00 65.40 ? 100 LYS X NZ  1 
ATOM   790  N N   . GLU A 1 101 ? 13.190  -6.154  -8.264  1.00 22.24 ? 101 GLU X N   1 
ATOM   791  C CA  . GLU A 1 101 ? 13.448  -6.308  -6.834  1.00 21.17 ? 101 GLU X CA  1 
ATOM   792  C C   . GLU A 1 101 ? 12.156  -6.256  -6.026  1.00 18.01 ? 101 GLU X C   1 
ATOM   793  O O   . GLU A 1 101 ? 11.309  -5.394  -6.257  1.00 15.50 ? 101 GLU X O   1 
ATOM   794  C CB  . GLU A 1 101 ? 14.498  -5.298  -6.356  1.00 22.59 ? 101 GLU X CB  1 
ATOM   795  C CG  . GLU A 1 101 ? 15.037  -5.564  -4.962  1.00 24.71 ? 101 GLU X CG  1 
ATOM   796  C CD  . GLU A 1 101 ? 14.236  -4.850  -3.897  1.00 19.32 ? 101 GLU X CD  1 
ATOM   797  O OE1 . GLU A 1 101 ? 13.800  -3.709  -4.157  1.00 24.28 ? 101 GLU X OE1 1 
ATOM   798  O OE2 . GLU A 1 101 ? 14.040  -5.427  -2.808  1.00 22.72 ? 101 GLU X OE2 1 
ATOM   799  N N   . SER A 1 102 ? 12.004  -7.191  -5.089  1.00 19.26 ? 102 SER X N   1 
ATOM   800  C CA  . SER A 1 102 ? 10.756  -7.336  -4.334  1.00 17.08 ? 102 SER X CA  1 
ATOM   801  C C   . SER A 1 102 ? 10.252  -6.051  -3.684  1.00 17.30 ? 102 SER X C   1 
ATOM   802  O O   . SER A 1 102 ? 9.067   -5.732  -3.780  1.00 12.80 ? 102 SER X O   1 
ATOM   803  C CB  . SER A 1 102 ? 10.846  -8.474  -3.307  1.00 17.66 ? 102 SER X CB  1 
ATOM   804  O OG  . SER A 1 102 ? 11.706  -8.147  -2.231  1.00 18.72 ? 102 SER X OG  1 
ATOM   805  N N   . CYS A 1 103 ? 11.143  -5.312  -3.033  1.00 15.41 ? 103 CYS X N   1 
ATOM   806  C CA  . CYS A 1 103 ? 10.742  -4.074  -2.381  1.00 17.21 ? 103 CYS X CA  1 
ATOM   807  C C   . CYS A 1 103 ? 10.276  -3.055  -3.409  1.00 17.24 ? 103 CYS X C   1 
ATOM   808  O O   . CYS A 1 103 ? 9.233   -2.426  -3.238  1.00 14.89 ? 103 CYS X O   1 
ATOM   809  C CB  . CYS A 1 103 ? 11.878  -3.504  -1.537  1.00 16.37 ? 103 CYS X CB  1 
ATOM   810  S SG  . CYS A 1 103 ? 12.293  -4.512  -0.099  1.00 19.93 ? 103 CYS X SG  1 
ATOM   811  N N   . GLU A 1 104 ? 11.039  -2.906  -4.485  1.00 17.02 ? 104 GLU X N   1 
ATOM   812  C CA  . GLU A 1 104 ? 10.672  -1.946  -5.515  1.00 17.97 ? 104 GLU X CA  1 
ATOM   813  C C   . GLU A 1 104 ? 9.336   -2.272  -6.181  1.00 16.02 ? 104 GLU X C   1 
ATOM   814  O O   . GLU A 1 104 ? 8.514   -1.384  -6.402  1.00 17.53 ? 104 GLU X O   1 
ATOM   815  C CB  . GLU A 1 104 ? 11.762  -1.808  -6.562  1.00 20.09 ? 104 GLU X CB  1 
ATOM   816  C CG  . GLU A 1 104 ? 11.420  -0.717  -7.551  1.00 25.27 ? 104 GLU X CG  1 
ATOM   817  C CD  . GLU A 1 104 ? 12.623  -0.199  -8.291  1.00 36.77 ? 104 GLU X CD  1 
ATOM   818  O OE1 . GLU A 1 104 ? 12.832  1.030   -8.277  1.00 36.12 ? 104 GLU X OE1 1 
ATOM   819  O OE2 . GLU A 1 104 ? 13.351  -1.018  -8.887  1.00 35.21 ? 104 GLU X OE2 1 
ATOM   820  N N   . ARG A 1 105 ? 9.131   -3.541  -6.513  1.00 17.76 ? 105 ARG X N   1 
ATOM   821  C CA  . ARG A 1 105 ? 7.861   -3.987  -7.074  1.00 15.06 ? 105 ARG X CA  1 
ATOM   822  C C   . ARG A 1 105 ? 6.663   -3.498  -6.269  1.00 15.91 ? 105 ARG X C   1 
ATOM   823  O O   . ARG A 1 105 ? 5.703   -2.971  -6.834  1.00 14.80 ? 105 ARG X O   1 
ATOM   824  C CB  . ARG A 1 105 ? 7.796   -5.511  -7.095  1.00 17.83 ? 105 ARG X CB  1 
ATOM   825  C CG  . ARG A 1 105 ? 8.504   -6.174  -8.243  1.00 21.09 ? 105 ARG X CG  1 
ATOM   826  C CD  . ARG A 1 105 ? 8.564   -7.681  -8.103  1.00 20.74 ? 105 ARG X CD  1 
ATOM   827  N NE  . ARG A 1 105 ? 9.283   -8.299  -9.209  1.00 25.14 ? 105 ARG X NE  1 
ATOM   828  C CZ  . ARG A 1 105 ? 9.545   -9.595  -9.297  1.00 35.75 ? 105 ARG X CZ  1 
ATOM   829  N NH1 . ARG A 1 105 ? 9.148   -10.424 -8.342  1.00 33.10 ? 105 ARG X NH1 1 
ATOM   830  N NH2 . ARG A 1 105 ? 10.207  -10.063 -10.345 1.00 31.43 ? 105 ARG X NH2 1 
ATOM   831  N N   . VAL A 1 106 ? 6.703   -3.712  -4.955  1.00 14.59 ? 106 VAL X N   1 
ATOM   832  C CA  . VAL A 1 106 ? 5.584   -3.330  -4.100  1.00 15.24 ? 106 VAL X CA  1 
ATOM   833  C C   . VAL A 1 106 ? 5.474   -1.827  -4.055  1.00 14.96 ? 106 VAL X C   1 
ATOM   834  O O   . VAL A 1 106 ? 4.385   -1.271  -4.202  1.00 13.38 ? 106 VAL X O   1 
ATOM   835  C CB  . VAL A 1 106 ? 5.732   -3.815  -2.646  1.00 13.77 ? 106 VAL X CB  1 
ATOM   836  C CG1 . VAL A 1 106 ? 4.496   -3.423  -1.835  1.00 14.55 ? 106 VAL X CG1 1 
ATOM   837  C CG2 . VAL A 1 106 ? 5.959   -5.312  -2.593  1.00 14.80 ? 106 VAL X CG2 1 
ATOM   838  N N   . TYR A 1 107 ? 6.608   -1.167  -3.840  1.00 13.50 ? 107 TYR X N   1 
ATOM   839  C CA  . TYR A 1 107 ? 6.599   0.283   -3.786  1.00 15.77 ? 107 TYR X CA  1 
ATOM   840  C C   . TYR A 1 107 ? 5.987   0.853   -5.066  1.00 16.44 ? 107 TYR X C   1 
ATOM   841  O O   . TYR A 1 107 ? 5.144   1.747   -5.008  1.00 17.24 ? 107 TYR X O   1 
ATOM   842  C CB  . TYR A 1 107 ? 7.992   0.887   -3.532  1.00 14.50 ? 107 TYR X CB  1 
ATOM   843  C CG  . TYR A 1 107 ? 7.947   2.382   -3.736  1.00 11.44 ? 107 TYR X CG  1 
ATOM   844  C CD1 . TYR A 1 107 ? 7.624   3.244   -2.693  1.00 11.76 ? 107 TYR X CD1 1 
ATOM   845  C CD2 . TYR A 1 107 ? 8.147   2.926   -4.995  1.00 16.32 ? 107 TYR X CD2 1 
ATOM   846  C CE1 . TYR A 1 107 ? 7.541   4.615   -2.901  1.00 18.61 ? 107 TYR X CE1 1 
ATOM   847  C CE2 . TYR A 1 107 ? 8.063   4.282   -5.212  1.00 18.73 ? 107 TYR X CE2 1 
ATOM   848  C CZ  . TYR A 1 107 ? 7.761   5.125   -4.168  1.00 16.58 ? 107 TYR X CZ  1 
ATOM   849  O OH  . TYR A 1 107 ? 7.687   6.478   -4.409  1.00 17.64 ? 107 TYR X OH  1 
ATOM   850  N N   . GLN A 1 108 ? 6.396   0.327   -6.217  1.00 14.71 ? 108 GLN X N   1 
ATOM   851  C CA  . GLN A 1 108 ? 5.887   0.834   -7.489  1.00 15.87 ? 108 GLN X CA  1 
ATOM   852  C C   . GLN A 1 108 ? 4.389   0.590   -7.623  1.00 17.17 ? 108 GLN X C   1 
ATOM   853  O O   . GLN A 1 108 ? 3.659   1.436   -8.140  1.00 15.09 ? 108 GLN X O   1 
ATOM   854  C CB  . GLN A 1 108 ? 6.660   0.250   -8.671  1.00 14.01 ? 108 GLN X CB  1 
ATOM   855  C CG  . GLN A 1 108 ? 8.075   0.802   -8.797  1.00 16.91 ? 108 GLN X CG  1 
ATOM   856  C CD  . GLN A 1 108 ? 8.110   2.276   -9.172  1.00 25.57 ? 108 GLN X CD  1 
ATOM   857  O OE1 . GLN A 1 108 ? 7.122   2.823   -9.663  1.00 27.09 ? 108 GLN X OE1 1 
ATOM   858  N NE2 . GLN A 1 108 ? 9.250   2.918   -8.943  1.00 20.92 ? 108 GLN X NE2 1 
ATOM   859  N N   . THR A 1 109 ? 3.930   -0.560  -7.143  1.00 15.35 ? 109 THR X N   1 
ATOM   860  C CA  . THR A 1 109 ? 2.510   -0.874  -7.186  1.00 14.48 ? 109 THR X CA  1 
ATOM   861  C C   . THR A 1 109 ? 1.743   0.110   -6.313  1.00 12.90 ? 109 THR X C   1 
ATOM   862  O O   . THR A 1 109 ? 0.702   0.628   -6.713  1.00 15.39 ? 109 THR X O   1 
ATOM   863  C CB  . THR A 1 109 ? 2.248   -2.316  -6.705  1.00 13.86 ? 109 THR X CB  1 
ATOM   864  O OG1 . THR A 1 109 ? 2.863   -3.246  -7.604  1.00 16.95 ? 109 THR X OG1 1 
ATOM   865  C CG2 . THR A 1 109 ? 0.763   -2.658  -6.808  1.00 11.53 ? 109 THR X CG2 1 
ATOM   866  N N   . ALA A 1 110 ? 2.265   0.371   -5.118  1.00 12.00 ? 110 ALA X N   1 
ATOM   867  C CA  . ALA A 1 110 ? 1.597   1.273   -4.191  1.00 13.27 ? 110 ALA X CA  1 
ATOM   868  C C   . ALA A 1 110 ? 1.549   2.681   -4.768  1.00 13.77 ? 110 ALA X C   1 
ATOM   869  O O   . ALA A 1 110 ? 0.525   3.356   -4.690  1.00 16.40 ? 110 ALA X O   1 
ATOM   870  C CB  . ALA A 1 110 ? 2.281   1.259   -2.835  1.00 14.41 ? 110 ALA X CB  1 
ATOM   871  N N   . LYS A 1 111 ? 2.661   3.115   -5.355  1.00 13.06 ? 111 LYS X N   1 
ATOM   872  C CA  . LYS A 1 111 ? 2.720   4.412   -6.015  1.00 15.61 ? 111 LYS X CA  1 
ATOM   873  C C   . LYS A 1 111 ? 1.589   4.470   -7.027  1.00 15.71 ? 111 LYS X C   1 
ATOM   874  O O   . LYS A 1 111 ? 0.837   5.443   -7.083  1.00 14.23 ? 111 LYS X O   1 
ATOM   875  C CB  . LYS A 1 111 ? 4.073   4.587   -6.716  1.00 13.69 ? 111 LYS X CB  1 
ATOM   876  C CG  . LYS A 1 111 ? 4.375   5.985   -7.259  1.00 14.19 ? 111 LYS X CG  1 
ATOM   877  C CD  . LYS A 1 111 ? 5.849   6.079   -7.664  1.00 21.22 ? 111 LYS X CD  1 
ATOM   878  C CE  . LYS A 1 111 ? 6.170   7.361   -8.416  1.00 30.54 ? 111 LYS X CE  1 
ATOM   879  N NZ  . LYS A 1 111 ? 6.010   8.559   -7.552  1.00 36.60 ? 111 LYS X NZ  1 
ATOM   880  N N   . CYS A 1 112 ? 1.456   3.407   -7.814  1.00 16.16 ? 112 CYS X N   1 
ATOM   881  C CA  . CYS A 1 112 ? 0.414   3.342   -8.829  1.00 16.09 ? 112 CYS X CA  1 
ATOM   882  C C   . CYS A 1 112 ? -0.985  3.484   -8.218  1.00 16.22 ? 112 CYS X C   1 
ATOM   883  O O   . CYS A 1 112 ? -1.819  4.215   -8.753  1.00 15.60 ? 112 CYS X O   1 
ATOM   884  C CB  . CYS A 1 112 ? 0.539   2.074   -9.670  1.00 17.52 ? 112 CYS X CB  1 
ATOM   885  S SG  . CYS A 1 112 ? -0.722  1.960   -10.949 1.00 18.65 ? 112 CYS X SG  1 
ATOM   886  N N   . PHE A 1 113 ? -1.242  2.798   -7.102  1.00 15.92 ? 113 PHE X N   1 
ATOM   887  C CA  . PHE A 1 113 ? -2.522  2.952   -6.411  1.00 15.78 ? 113 PHE X CA  1 
ATOM   888  C C   . PHE A 1 113 ? -2.750  4.439   -6.122  1.00 16.64 ? 113 PHE X C   1 
ATOM   889  O O   . PHE A 1 113 ? -3.827  4.975   -6.387  1.00 16.58 ? 113 PHE X O   1 
ATOM   890  C CB  . PHE A 1 113 ? -2.560  2.181   -5.078  1.00 15.59 ? 113 PHE X CB  1 
ATOM   891  C CG  . PHE A 1 113 ? -2.589  0.673   -5.216  1.00 20.33 ? 113 PHE X CG  1 
ATOM   892  C CD1 . PHE A 1 113 ? -2.913  0.061   -6.416  1.00 20.68 ? 113 PHE X CD1 1 
ATOM   893  C CD2 . PHE A 1 113 ? -2.296  -0.133  -4.122  1.00 26.54 ? 113 PHE X CD2 1 
ATOM   894  C CE1 . PHE A 1 113 ? -2.934  -1.326  -6.520  1.00 27.75 ? 113 PHE X CE1 1 
ATOM   895  C CE2 . PHE A 1 113 ? -2.317  -1.514  -4.222  1.00 30.12 ? 113 PHE X CE2 1 
ATOM   896  C CZ  . PHE A 1 113 ? -2.635  -2.110  -5.423  1.00 21.25 ? 113 PHE X CZ  1 
ATOM   897  N N   . SER A 1 114 ? -1.722  5.100   -5.586  1.00 16.83 ? 114 SER X N   1 
ATOM   898  C CA  . SER A 1 114 ? -1.809  6.513   -5.203  1.00 18.59 ? 114 SER X CA  1 
ATOM   899  C C   . SER A 1 114 ? -2.124  7.441   -6.374  1.00 18.64 ? 114 SER X C   1 
ATOM   900  O O   . SER A 1 114 ? -2.875  8.405   -6.221  1.00 17.97 ? 114 SER X O   1 
ATOM   901  C CB  . SER A 1 114 ? -0.531  6.971   -4.485  1.00 19.60 ? 114 SER X CB  1 
ATOM   902  O OG  . SER A 1 114 ? 0.528   7.198   -5.399  1.00 16.05 ? 114 SER X OG  1 
ATOM   903  N N   . GLU A 1 115 ? -1.565  7.142   -7.543  1.00 17.42 ? 115 GLU X N   1 
ATOM   904  C CA  . GLU A 1 115 ? -1.754  7.989   -8.717  1.00 20.08 ? 115 GLU X CA  1 
ATOM   905  C C   . GLU A 1 115 ? -3.090  7.734   -9.398  1.00 22.57 ? 115 GLU X C   1 
ATOM   906  O O   . GLU A 1 115 ? -3.556  8.541   -10.202 1.00 22.12 ? 115 GLU X O   1 
ATOM   907  C CB  . GLU A 1 115 ? -0.611  7.792   -9.716  1.00 20.17 ? 115 GLU X CB  1 
ATOM   908  C CG  . GLU A 1 115 ? 0.762   8.101   -9.142  1.00 18.82 ? 115 GLU X CG  1 
ATOM   909  C CD  . GLU A 1 115 ? 1.806   8.360   -10.212 1.00 21.29 ? 115 GLU X CD  1 
ATOM   910  O OE1 . GLU A 1 115 ? 1.539   8.062   -11.394 1.00 19.57 ? 115 GLU X OE1 1 
ATOM   911  O OE2 . GLU A 1 115 ? 2.894   8.865   -9.869  1.00 18.11 ? 115 GLU X OE2 1 
ATOM   912  N N   . ASN A 1 116 ? -3.705  6.608   -9.070  1.00 21.25 ? 116 ASN X N   1 
ATOM   913  C CA  . ASN A 1 116 ? -4.968  6.245   -9.684  1.00 26.63 ? 116 ASN X CA  1 
ATOM   914  C C   . ASN A 1 116 ? -6.169  6.452   -8.775  1.00 28.30 ? 116 ASN X C   1 
ATOM   915  O O   . ASN A 1 116 ? -7.307  6.202   -9.164  1.00 32.08 ? 116 ASN X O   1 
ATOM   916  C CB  . ASN A 1 116 ? -4.902  4.817   -10.222 1.00 24.79 ? 116 ASN X CB  1 
ATOM   917  C CG  . ASN A 1 116 ? -4.227  4.753   -11.573 1.00 26.00 ? 116 ASN X CG  1 
ATOM   918  O OD1 . ASN A 1 116 ? -4.884  4.864   -12.606 1.00 23.14 ? 116 ASN X OD1 1 
ATOM   919  N ND2 . ASN A 1 116 ? -2.905  4.611   -11.574 1.00 20.04 ? 116 ASN X ND2 1 
ATOM   920  N N   . ALA A 1 117 ? -5.917  6.948   -7.572  1.00 30.12 ? 117 ALA X N   1 
ATOM   921  C CA  . ALA A 1 117 ? -6.997  7.151   -6.622  1.00 33.34 ? 117 ALA X CA  1 
ATOM   922  C C   . ALA A 1 117 ? -7.978  8.250   -7.028  1.00 35.03 ? 117 ALA X C   1 
ATOM   923  O O   . ALA A 1 117 ? -7.647  9.435   -6.996  1.00 34.84 ? 117 ALA X O   1 
ATOM   924  C CB  . ALA A 1 117 ? -6.437  7.427   -5.233  1.00 33.12 ? 117 ALA X CB  1 
ATOM   925  N N   . ASP A 1 118 ? -9.183  7.850   -7.423  1.00 37.84 ? 118 ASP X N   1 
ATOM   926  C CA  . ASP A 1 118 ? -10.248 8.813   -7.671  1.00 40.68 ? 118 ASP X CA  1 
ATOM   927  C C   . ASP A 1 118 ? -10.852 9.173   -6.317  1.00 40.19 ? 118 ASP X C   1 
ATOM   928  O O   . ASP A 1 118 ? -11.955 8.742   -5.977  1.00 40.18 ? 118 ASP X O   1 
ATOM   929  C CB  . ASP A 1 118 ? -11.325 8.233   -8.588  1.00 42.22 ? 118 ASP X CB  1 
ATOM   930  C CG  . ASP A 1 118 ? -12.376 9.262   -8.977  1.00 51.45 ? 118 ASP X CG  1 
ATOM   931  O OD1 . ASP A 1 118 ? -12.530 10.273  -8.258  1.00 56.43 ? 118 ASP X OD1 1 
ATOM   932  O OD2 . ASP A 1 118 ? -13.097 9.140   -9.988  1.00 61.88 ? 118 ASP X OD2 1 
ATOM   933  N N   . GLY A 1 119 ? -10.108 9.955   -5.542  1.00 37.99 ? 119 GLY X N   1 
ATOM   934  C CA  . GLY A 1 119 ? -10.539 10.364  -4.220  1.00 38.42 ? 119 GLY X CA  1 
ATOM   935  C C   . GLY A 1 119 ? -9.448  10.144  -3.189  1.00 37.60 ? 119 GLY X C   1 
ATOM   936  O O   . GLY A 1 119 ? -8.291  9.910   -3.537  1.00 33.75 ? 119 GLY X O   1 
ATOM   937  N N   . GLN A 1 120 ? -9.832  10.212  -1.918  1.00 34.98 ? 120 GLN X N   1 
ATOM   938  C CA  . GLN A 1 120 ? -8.920  10.043  -0.788  1.00 38.32 ? 120 GLN X CA  1 
ATOM   939  C C   . GLN A 1 120 ? -8.242  8.667   -0.778  1.00 34.39 ? 120 GLN X C   1 
ATOM   940  O O   . GLN A 1 120 ? -8.907  7.639   -0.881  1.00 35.10 ? 120 GLN X O   1 
ATOM   941  C CB  . GLN A 1 120 ? -9.698  10.253  0.515   1.00 38.95 ? 120 GLN X CB  1 
ATOM   942  C CG  . GLN A 1 120 ? -8.855  10.464  1.755   1.00 45.03 ? 120 GLN X CG  1 
ATOM   943  C CD  . GLN A 1 120 ? -9.699  10.705  2.995   1.00 51.95 ? 120 GLN X CD  1 
ATOM   944  O OE1 . GLN A 1 120 ? -10.743 10.079  3.175   1.00 53.91 ? 120 GLN X OE1 1 
ATOM   945  N NE2 . GLN A 1 120 ? -9.250  11.611  3.852   1.00 55.52 ? 120 GLN X NE2 1 
ATOM   946  N N   . PHE A 1 121 ? -6.919  8.659   -0.654  1.00 34.58 ? 121 PHE X N   1 
ATOM   947  C CA  . PHE A 1 121 ? -6.150  7.419   -0.615  1.00 31.45 ? 121 PHE X CA  1 
ATOM   948  C C   . PHE A 1 121 ? -5.240  7.494   0.598   1.00 30.35 ? 121 PHE X C   1 
ATOM   949  O O   . PHE A 1 121 ? -4.678  8.550   0.884   1.00 30.32 ? 121 PHE X O   1 
ATOM   950  C CB  . PHE A 1 121 ? -5.331  7.257   -1.901  1.00 32.66 ? 121 PHE X CB  1 
ATOM   951  C CG  . PHE A 1 121 ? -4.377  6.090   -1.885  1.00 30.52 ? 121 PHE X CG  1 
ATOM   952  C CD1 . PHE A 1 121 ? -3.014  6.296   -1.740  1.00 33.59 ? 121 PHE X CD1 1 
ATOM   953  C CD2 . PHE A 1 121 ? -4.839  4.791   -2.033  1.00 32.46 ? 121 PHE X CD2 1 
ATOM   954  C CE1 . PHE A 1 121 ? -2.132  5.232   -1.731  1.00 26.72 ? 121 PHE X CE1 1 
ATOM   955  C CE2 . PHE A 1 121 ? -3.959  3.722   -2.024  1.00 27.80 ? 121 PHE X CE2 1 
ATOM   956  C CZ  . PHE A 1 121 ? -2.604  3.944   -1.873  1.00 25.73 ? 121 PHE X CZ  1 
ATOM   957  N N   . MET A 1 122 ? -5.105  6.390   1.325   1.00 28.24 ? 122 MET X N   1 
ATOM   958  C CA  . MET A 1 122 ? -4.261  6.378   2.517   1.00 27.29 ? 122 MET X CA  1 
ATOM   959  C C   . MET A 1 122 ? -3.361  5.152   2.599   1.00 27.39 ? 122 MET X C   1 
ATOM   960  O O   . MET A 1 122 ? -3.690  4.086   2.080   1.00 29.53 ? 122 MET X O   1 
ATOM   961  C CB  . MET A 1 122 ? -5.111  6.477   3.780   1.00 29.86 ? 122 MET X CB  1 
ATOM   962  C CG  . MET A 1 122 ? -6.142  7.581   3.757   1.00 27.18 ? 122 MET X CG  1 
ATOM   963  S SD  . MET A 1 122 ? -7.140  7.513   5.242   1.00 34.69 ? 122 MET X SD  1 
ATOM   964  C CE  . MET A 1 122 ? -8.725  7.807   4.567   1.00 35.54 ? 122 MET X CE  1 
ATOM   965  N N   . TRP A 1 123 ? -2.224  5.315   3.266   1.00 25.52 ? 123 TRP X N   1 
ATOM   966  C CA  . TRP A 1 123 ? -1.249  4.245   3.411   1.00 25.12 ? 123 TRP X CA  1 
ATOM   967  C C   . TRP A 1 123 ? -0.785  4.235   4.849   1.00 25.83 ? 123 TRP X C   1 
ATOM   968  O O   . TRP A 1 123 ? -0.602  5.292   5.447   1.00 26.99 ? 123 TRP X O   1 
ATOM   969  C CB  . TRP A 1 123 ? -0.048  4.490   2.500   1.00 21.76 ? 123 TRP X CB  1 
ATOM   970  C CG  . TRP A 1 123 ? 0.851   3.303   2.365   1.00 22.85 ? 123 TRP X CG  1 
ATOM   971  C CD1 . TRP A 1 123 ? 2.022   3.071   3.031   1.00 14.56 ? 123 TRP X CD1 1 
ATOM   972  C CD2 . TRP A 1 123 ? 0.649   2.179   1.509   1.00 14.05 ? 123 TRP X CD2 1 
ATOM   973  N NE1 . TRP A 1 123 ? 2.560   1.870   2.637   1.00 19.74 ? 123 TRP X NE1 1 
ATOM   974  C CE2 . TRP A 1 123 ? 1.735   1.301   1.701   1.00 22.51 ? 123 TRP X CE2 1 
ATOM   975  C CE3 . TRP A 1 123 ? -0.344  1.821   0.592   1.00 17.84 ? 123 TRP X CE3 1 
ATOM   976  C CZ2 . TRP A 1 123 ? 1.853   0.096   1.013   1.00 19.54 ? 123 TRP X CZ2 1 
ATOM   977  C CZ3 . TRP A 1 123 ? -0.225  0.627   -0.089  1.00 22.63 ? 123 TRP X CZ3 1 
ATOM   978  C CH2 . TRP A 1 123 ? 0.864   -0.222  0.125   1.00 17.05 ? 123 TRP X CH2 1 
ATOM   979  N N   . PRO A 1 124 ? -0.626  3.047   5.418   1.00 26.70 ? 124 PRO X N   1 
ATOM   980  C CA  . PRO A 1 124 ? -0.160  2.925   6.799   1.00 25.12 ? 124 PRO X CA  1 
ATOM   981  C C   . PRO A 1 124 ? 1.128   3.694   7.022   1.00 25.84 ? 124 PRO X C   1 
ATOM   982  O O   . PRO A 1 124 ? 1.220   4.437   7.998   1.00 25.81 ? 124 PRO X O   1 
ATOM   983  C CB  . PRO A 1 124 ? 0.094   1.427   6.943   1.00 24.93 ? 124 PRO X CB  1 
ATOM   984  C CG  . PRO A 1 124 ? -0.862  0.806   5.997   1.00 23.85 ? 124 PRO X CG  1 
ATOM   985  C CD  . PRO A 1 124 ? -0.925  1.736   4.815   1.00 27.70 ? 124 PRO X CD  1 
ATOM   986  O OXT . PRO A 1 124 ? 2.055   3.558   6.223   1.00 25.88 ? 124 PRO X OXT 1 
HETATM 987  O O   . HOH B 2 .   ? 1.375   -4.668  -9.500  1.00 13.10 ? 125 HOH X O   1 
HETATM 988  O O   . HOH B 2 .   ? 3.655   16.545  -5.115  1.00 14.92 ? 126 HOH X O   1 
HETATM 989  O O   . HOH B 2 .   ? 3.453   9.623   -7.460  1.00 16.93 ? 127 HOH X O   1 
HETATM 990  O O   . HOH B 2 .   ? 14.522  6.071   5.014   1.00 21.94 ? 128 HOH X O   1 
HETATM 991  O O   . HOH B 2 .   ? 1.574   9.936   -5.516  1.00 23.10 ? 129 HOH X O   1 
HETATM 992  O O   . HOH B 2 .   ? 8.051   7.949   -2.232  1.00 20.09 ? 130 HOH X O   1 
HETATM 993  O O   . HOH B 2 .   ? -17.734 -3.457  -11.485 1.00 33.87 ? 131 HOH X O   1 
HETATM 994  O O   . HOH B 2 .   ? 4.579   3.066   -10.109 1.00 21.51 ? 132 HOH X O   1 
HETATM 995  O O   . HOH B 2 .   ? 9.898   -11.047 2.391   1.00 22.45 ? 133 HOH X O   1 
HETATM 996  O O   . HOH B 2 .   ? 3.268   -5.461  -5.703  1.00 20.83 ? 134 HOH X O   1 
HETATM 997  O O   . HOH B 2 .   ? 15.549  -2.162  -5.272  1.00 29.91 ? 135 HOH X O   1 
HETATM 998  O O   . HOH B 2 .   ? -2.053  14.265  -0.765  1.00 35.51 ? 136 HOH X O   1 
HETATM 999  O O   . HOH B 2 .   ? 12.592  8.259   1.471   1.00 24.12 ? 137 HOH X O   1 
HETATM 1000 O O   . HOH B 2 .   ? 13.956  -9.207  -4.242  1.00 24.91 ? 138 HOH X O   1 
HETATM 1001 O O   . HOH B 2 .   ? 13.749  -3.627  -9.432  1.00 32.62 ? 139 HOH X O   1 
HETATM 1002 O O   . HOH B 2 .   ? 17.604  2.756   3.173   1.00 30.99 ? 140 HOH X O   1 
HETATM 1003 O O   . HOH B 2 .   ? -15.780 5.802   11.341  1.00 42.07 ? 141 HOH X O   1 
HETATM 1004 O O   . HOH B 2 .   ? 1.990   14.216  -4.439  1.00 21.67 ? 142 HOH X O   1 
HETATM 1005 O O   . HOH B 2 .   ? 15.488  -5.172  -0.421  1.00 33.37 ? 143 HOH X O   1 
HETATM 1006 O O   . HOH B 2 .   ? -13.198 -4.931  -10.951 1.00 27.31 ? 144 HOH X O   1 
HETATM 1007 O O   . HOH B 2 .   ? 12.336  4.211   11.599  1.00 33.89 ? 145 HOH X O   1 
HETATM 1008 O O   . HOH B 2 .   ? -11.263 -11.797 -6.949  1.00 25.61 ? 146 HOH X O   1 
HETATM 1009 O O   . HOH B 2 .   ? 15.936  -2.173  2.892   1.00 34.88 ? 147 HOH X O   1 
HETATM 1010 O O   . HOH B 2 .   ? 5.264   -15.555 -0.759  1.00 37.14 ? 148 HOH X O   1 
HETATM 1011 O O   . HOH B 2 .   ? 5.123   -7.897  7.001   1.00 24.90 ? 149 HOH X O   1 
HETATM 1012 O O   . HOH B 2 .   ? -9.576  4.870   -8.166  1.00 32.48 ? 150 HOH X O   1 
HETATM 1013 O O   . HOH B 2 .   ? 1.109   -12.337 -5.322  1.00 27.56 ? 151 HOH X O   1 
HETATM 1014 O O   . HOH B 2 .   ? -2.812  9.744   -3.673  1.00 31.96 ? 152 HOH X O   1 
HETATM 1015 O O   . HOH B 2 .   ? 11.946  7.313   5.083   1.00 26.34 ? 153 HOH X O   1 
HETATM 1016 O O   . HOH B 2 .   ? 2.757   -16.592 -4.479  1.00 39.41 ? 154 HOH X O   1 
HETATM 1017 O O   . HOH B 2 .   ? -16.953 3.149   -2.619  1.00 29.30 ? 155 HOH X O   1 
HETATM 1018 O O   . HOH B 2 .   ? 13.312  11.684  -0.350  1.00 45.31 ? 156 HOH X O   1 
HETATM 1019 O O   . HOH B 2 .   ? -1.280  -2.322  -14.471 1.00 20.92 ? 157 HOH X O   1 
HETATM 1020 O O   . HOH B 2 .   ? 9.018   7.307   -6.891  1.00 35.48 ? 158 HOH X O   1 
HETATM 1021 O O   . HOH B 2 .   ? -13.410 7.064   -2.779  1.00 42.30 ? 159 HOH X O   1 
HETATM 1022 O O   . HOH B 2 .   ? 1.972   1.353   -13.416 1.00 24.53 ? 160 HOH X O   1 
HETATM 1023 O O   . HOH B 2 .   ? -12.333 -6.445  8.242   1.00 46.93 ? 161 HOH X O   1 
HETATM 1024 O O   . HOH B 2 .   ? 5.426   15.203  5.515   1.00 33.63 ? 162 HOH X O   1 
HETATM 1025 O O   . HOH B 2 .   ? -13.442 13.365  2.208   1.00 26.68 ? 163 HOH X O   1 
HETATM 1026 O O   . HOH B 2 .   ? 11.665  -12.842 -8.468  1.00 33.30 ? 164 HOH X O   1 
HETATM 1027 O O   . HOH B 2 .   ? 0.157   12.534  7.301   1.00 33.07 ? 165 HOH X O   1 
HETATM 1028 O O   . HOH B 2 .   ? -10.672 -13.488 1.362   1.00 39.25 ? 166 HOH X O   1 
HETATM 1029 O O   . HOH B 2 .   ? -8.922  -10.569 -11.326 1.00 32.73 ? 167 HOH X O   1 
HETATM 1030 O O   . HOH B 2 .   ? 13.058  -10.887 -10.219 1.00 39.50 ? 168 HOH X O   1 
HETATM 1031 O O   . HOH B 2 .   ? -7.546  -2.420  6.800   1.00 42.94 ? 169 HOH X O   1 
HETATM 1032 O O   . HOH B 2 .   ? -16.606 -1.933  -5.057  1.00 35.86 ? 170 HOH X O   1 
HETATM 1033 O O   . HOH B 2 .   ? 0.078   -14.058 -2.415  1.00 40.76 ? 171 HOH X O   1 
HETATM 1034 O O   . HOH B 2 .   ? 10.806  7.446   11.564  1.00 30.27 ? 172 HOH X O   1 
HETATM 1035 O O   . HOH B 2 .   ? -3.077  -9.228  -13.963 1.00 37.72 ? 173 HOH X O   1 
HETATM 1036 O O   . HOH B 2 .   ? 18.126  3.952   -0.029  1.00 37.88 ? 174 HOH X O   1 
HETATM 1037 O O   . HOH B 2 .   ? 12.334  10.999  11.550  1.00 29.38 ? 175 HOH X O   1 
HETATM 1038 O O   . HOH B 2 .   ? -16.122 -3.118  4.346   1.00 47.93 ? 176 HOH X O   1 
HETATM 1039 O O   . HOH B 2 .   ? -5.183  10.849  -3.162  1.00 42.19 ? 177 HOH X O   1 
HETATM 1040 O O   . HOH B 2 .   ? 19.146  0.950   6.935   1.00 36.41 ? 178 HOH X O   1 
HETATM 1041 O O   . HOH B 2 .   ? -18.916 -2.252  -8.802  1.00 40.49 ? 179 HOH X O   1 
HETATM 1042 O O   . HOH B 2 .   ? -3.733  1.721   16.208  1.00 29.38 ? 180 HOH X O   1 
HETATM 1043 O O   . HOH B 2 .   ? 5.456   11.061  -8.621  1.00 31.68 ? 181 HOH X O   1 
HETATM 1044 O O   . HOH B 2 .   ? 0.671   -1.907  -16.108 1.00 29.96 ? 182 HOH X O   1 
HETATM 1045 O O   . HOH B 2 .   ? -4.755  10.681  -11.255 1.00 29.38 ? 183 HOH X O   1 
HETATM 1046 O O   . HOH B 2 .   ? 9.386   11.781  -6.738  1.00 30.14 ? 184 HOH X O   1 
HETATM 1047 O O   . HOH B 2 .   ? -14.326 5.544   -7.843  1.00 36.98 ? 185 HOH X O   1 
HETATM 1048 O O   . HOH B 2 .   ? -0.801  -9.355  -11.772 1.00 29.31 ? 186 HOH X O   1 
HETATM 1049 O O   . HOH B 2 .   ? -15.713 -4.544  -5.393  1.00 37.11 ? 187 HOH X O   1 
HETATM 1050 O O   . HOH B 2 .   ? 14.388  -3.444  -12.133 1.00 36.56 ? 188 HOH X O   1 
HETATM 1051 O O   . HOH B 2 .   ? -11.070 -2.587  -15.332 1.00 36.33 ? 189 HOH X O   1 
HETATM 1052 O O   . HOH B 2 .   ? -10.936 -8.079  -12.636 1.00 40.61 ? 190 HOH X O   1 
HETATM 1053 O O   . HOH B 2 .   ? 0.622   -13.328 -7.802  1.00 46.68 ? 191 HOH X O   1 
HETATM 1054 O O   . HOH B 2 .   ? 2.734   3.849   -12.212 1.00 34.18 ? 192 HOH X O   1 
HETATM 1055 O O   . HOH B 2 .   ? -10.831 13.227  0.101   1.00 41.56 ? 193 HOH X O   1 
HETATM 1056 O O   . HOH B 2 .   ? 1.398   10.078  9.455   1.00 31.57 ? 194 HOH X O   1 
HETATM 1057 O O   . HOH B 2 .   ? -6.413  3.750   0.802   1.00 33.56 ? 195 HOH X O   1 
HETATM 1058 O O   . HOH B 2 .   ? 11.310  -0.625  -14.949 1.00 40.69 ? 196 HOH X O   1 
HETATM 1059 O O   . HOH B 2 .   ? -7.966  -6.664  6.849   1.00 51.19 ? 197 HOH X O   1 
HETATM 1060 O O   . HOH B 2 .   ? -13.745 -5.657  -6.150  1.00 37.23 ? 198 HOH X O   1 
HETATM 1061 O O   . HOH B 2 .   ? -11.199 0.037   -14.469 1.00 36.34 ? 199 HOH X O   1 
HETATM 1062 O O   . HOH B 2 .   ? -2.411  -15.261 -0.502  1.00 35.71 ? 200 HOH X O   1 
HETATM 1063 O O   . HOH B 2 .   ? -6.710  4.120   17.088  1.00 37.87 ? 201 HOH X O   1 
HETATM 1064 O O   . HOH B 2 .   ? -14.530 4.620   -3.476  1.00 42.74 ? 202 HOH X O   1 
HETATM 1065 O O   . HOH B 2 .   ? -5.226  -8.253  5.958   1.00 37.81 ? 203 HOH X O   1 
HETATM 1066 O O   . HOH B 2 .   ? -9.504  4.946   -10.923 1.00 42.33 ? 204 HOH X O   1 
HETATM 1067 O O   . HOH B 2 .   ? 1.061   -12.645 1.005   1.00 39.96 ? 205 HOH X O   1 
HETATM 1068 O O   . HOH B 2 .   ? 15.990  8.583   -1.861  1.00 47.17 ? 206 HOH X O   1 
HETATM 1069 O O   . HOH B 2 .   ? -6.994  2.308   -1.284  1.00 44.87 ? 207 HOH X O   1 
HETATM 1070 O O   . HOH B 2 .   ? -5.317  -2.428  -16.021 1.00 51.16 ? 208 HOH X O   1 
HETATM 1071 O O   . HOH B 2 .   ? -7.719  -5.578  -15.424 1.00 42.76 ? 209 HOH X O   1 
HETATM 1072 O O   . HOH B 2 .   ? -15.314 -8.574  -2.959  1.00 44.59 ? 210 HOH X O   1 
HETATM 1073 O O   . HOH B 2 .   ? -17.825 -5.011  -7.063  1.00 41.84 ? 211 HOH X O   1 
HETATM 1074 O O   . HOH B 2 .   ? -4.033  1.335   -15.875 1.00 47.91 ? 212 HOH X O   1 
HETATM 1075 O O   . HOH B 2 .   ? -15.990 6.247   -5.510  1.00 41.87 ? 213 HOH X O   1 
HETATM 1076 O O   . HOH B 2 .   ? 3.947   -10.249 7.428   1.00 31.64 ? 214 HOH X O   1 
# 
